data_4GU2
# 
_entry.id   4GU2 
# 
_audit_conform.dict_name       mmcif_pdbx.dic 
_audit_conform.dict_version    5.379 
_audit_conform.dict_location   http://mmcif.pdb.org/dictionaries/ascii/mmcif_pdbx.dic 
# 
loop_
_database_2.database_id 
_database_2.database_code 
_database_2.pdbx_database_accession 
_database_2.pdbx_DOI 
PDB   4GU2         pdb_00004gu2 10.2210/pdb4gu2/pdb 
RCSB  RCSB074632   ?            ?                   
WWPDB D_1000074632 ?            ?                   
# 
loop_
_pdbx_database_related.db_name 
_pdbx_database_related.db_id 
_pdbx_database_related.details 
_pdbx_database_related.content_type 
PDB 4GSW 'alternative crystal form of EhUbiquitin' unspecified 
PDB 4GPR .                                         unspecified 
# 
_pdbx_database_status.status_code                     REL 
_pdbx_database_status.entry_id                        4GU2 
_pdbx_database_status.recvd_initial_deposition_date   2012-08-29 
_pdbx_database_status.deposit_site                    RCSB 
_pdbx_database_status.process_site                    RCSB 
_pdbx_database_status.status_code_sf                  REL 
_pdbx_database_status.status_code_mr                  ? 
_pdbx_database_status.SG_entry                        ? 
_pdbx_database_status.status_code_cs                  ? 
_pdbx_database_status.methods_development_category    ? 
_pdbx_database_status.pdb_format_compatible           Y 
_pdbx_database_status.status_code_nmr_data            ? 
# 
loop_
_audit_author.name 
_audit_author.pdbx_ordinal 
'Bosch, D.E.'      1 
'Siderovski, D.P.' 2 
# 
_citation.id                        primary 
_citation.title                     'Structural Determinants of Ubiquitin Conjugation in Entamoeba histolytica.' 
_citation.journal_abbrev            J.Biol.Chem. 
_citation.journal_volume            288 
_citation.page_first                2290 
_citation.page_last                 2302 
_citation.year                      2013 
_citation.journal_id_ASTM           JBCHA3 
_citation.country                   US 
_citation.journal_id_ISSN           0021-9258 
_citation.journal_id_CSD            0071 
_citation.book_publisher            ? 
_citation.pdbx_database_id_PubMed   23209297 
_citation.pdbx_database_id_DOI      10.1074/jbc.M112.417337 
# 
loop_
_citation_author.citation_id 
_citation_author.name 
_citation_author.ordinal 
_citation_author.identifier_ORCID 
primary 'Bosch, D.E.'      1 ? 
primary 'Siderovski, D.P.' 2 ? 
# 
_cell.entry_id           4GU2 
_cell.length_a           49.798 
_cell.length_b           49.798 
_cell.length_c           63.830 
_cell.angle_alpha        90.00 
_cell.angle_beta         90.00 
_cell.angle_gamma        120.00 
_cell.Z_PDB              6 
_cell.pdbx_unique_axis   ? 
_cell.length_a_esd       ? 
_cell.length_b_esd       ? 
_cell.length_c_esd       ? 
_cell.angle_alpha_esd    ? 
_cell.angle_beta_esd     ? 
_cell.angle_gamma_esd    ? 
# 
_symmetry.entry_id                         4GU2 
_symmetry.space_group_name_H-M             'P 32 2 1' 
_symmetry.pdbx_full_space_group_name_H-M   ? 
_symmetry.cell_setting                     ? 
_symmetry.Int_Tables_number                154 
_symmetry.space_group_name_Hall            ? 
# 
loop_
_entity.id 
_entity.type 
_entity.src_method 
_entity.pdbx_description 
_entity.formula_weight 
_entity.pdbx_number_of_molecules 
_entity.pdbx_ec 
_entity.pdbx_mutation 
_entity.pdbx_fragment 
_entity.details 
1 polymer man Ubiquitin 8982.275 1  ? ? ? ? 
2 water   nat water     18.015   66 ? ? ? ? 
# 
_entity_name_com.entity_id   1 
_entity_name_com.name        'Ubiquitin, putative' 
# 
_entity_poly.entity_id                      1 
_entity_poly.type                           'polypeptide(L)' 
_entity_poly.nstd_linkage                   no 
_entity_poly.nstd_monomer                   no 
_entity_poly.pdbx_seq_one_letter_code       SNAMQIFVKTLTGKTITLEVEPNDSIDAIKAKIQEKEGIPPDQQRLIFAGKQLEEGKTLSDYNIQKESTLHLVLRLRGGY 
_entity_poly.pdbx_seq_one_letter_code_can   SNAMQIFVKTLTGKTITLEVEPNDSIDAIKAKIQEKEGIPPDQQRLIFAGKQLEEGKTLSDYNIQKESTLHLVLRLRGGY 
_entity_poly.pdbx_strand_id                 A 
_entity_poly.pdbx_target_identifier         ? 
# 
loop_
_entity_poly_seq.entity_id 
_entity_poly_seq.num 
_entity_poly_seq.mon_id 
_entity_poly_seq.hetero 
1 1  SER n 
1 2  ASN n 
1 3  ALA n 
1 4  MET n 
1 5  GLN n 
1 6  ILE n 
1 7  PHE n 
1 8  VAL n 
1 9  LYS n 
1 10 THR n 
1 11 LEU n 
1 12 THR n 
1 13 GLY n 
1 14 LYS n 
1 15 THR n 
1 16 ILE n 
1 17 THR n 
1 18 LEU n 
1 19 GLU n 
1 20 VAL n 
1 21 GLU n 
1 22 PRO n 
1 23 ASN n 
1 24 ASP n 
1 25 SER n 
1 26 ILE n 
1 27 ASP n 
1 28 ALA n 
1 29 ILE n 
1 30 LYS n 
1 31 ALA n 
1 32 LYS n 
1 33 ILE n 
1 34 GLN n 
1 35 GLU n 
1 36 LYS n 
1 37 GLU n 
1 38 GLY n 
1 39 ILE n 
1 40 PRO n 
1 41 PRO n 
1 42 ASP n 
1 43 GLN n 
1 44 GLN n 
1 45 ARG n 
1 46 LEU n 
1 47 ILE n 
1 48 PHE n 
1 49 ALA n 
1 50 GLY n 
1 51 LYS n 
1 52 GLN n 
1 53 LEU n 
1 54 GLU n 
1 55 GLU n 
1 56 GLY n 
1 57 LYS n 
1 58 THR n 
1 59 LEU n 
1 60 SER n 
1 61 ASP n 
1 62 TYR n 
1 63 ASN n 
1 64 ILE n 
1 65 GLN n 
1 66 LYS n 
1 67 GLU n 
1 68 SER n 
1 69 THR n 
1 70 LEU n 
1 71 HIS n 
1 72 LEU n 
1 73 VAL n 
1 74 LEU n 
1 75 ARG n 
1 76 LEU n 
1 77 ARG n 
1 78 GLY n 
1 79 GLY n 
1 80 TYR n 
# 
_entity_src_gen.entity_id                          1 
_entity_src_gen.pdbx_src_id                        1 
_entity_src_gen.pdbx_alt_source_flag               sample 
_entity_src_gen.pdbx_seq_type                      ? 
_entity_src_gen.pdbx_beg_seq_num                   ? 
_entity_src_gen.pdbx_end_seq_num                   ? 
_entity_src_gen.gene_src_common_name               ? 
_entity_src_gen.gene_src_genus                     ? 
_entity_src_gen.pdbx_gene_src_gene                 'EhUBI1, EHI_083270, EHI_083410, EHI_156660, EHI_178340' 
_entity_src_gen.gene_src_species                   ? 
_entity_src_gen.gene_src_strain                    ? 
_entity_src_gen.gene_src_tissue                    ? 
_entity_src_gen.gene_src_tissue_fraction           ? 
_entity_src_gen.gene_src_details                   ? 
_entity_src_gen.pdbx_gene_src_fragment             ? 
_entity_src_gen.pdbx_gene_src_scientific_name      'Entamoeba histolytica' 
_entity_src_gen.pdbx_gene_src_ncbi_taxonomy_id     5759 
_entity_src_gen.pdbx_gene_src_variant              ? 
_entity_src_gen.pdbx_gene_src_cell_line            ? 
_entity_src_gen.pdbx_gene_src_atcc                 ? 
_entity_src_gen.pdbx_gene_src_organ                ? 
_entity_src_gen.pdbx_gene_src_organelle            ? 
_entity_src_gen.pdbx_gene_src_cell                 ? 
_entity_src_gen.pdbx_gene_src_cellular_location    ? 
_entity_src_gen.host_org_common_name               ? 
_entity_src_gen.pdbx_host_org_scientific_name      'Escherichia coli' 
_entity_src_gen.pdbx_host_org_ncbi_taxonomy_id     562 
_entity_src_gen.host_org_genus                     ? 
_entity_src_gen.pdbx_host_org_gene                 ? 
_entity_src_gen.pdbx_host_org_organ                ? 
_entity_src_gen.host_org_species                   ? 
_entity_src_gen.pdbx_host_org_tissue               ? 
_entity_src_gen.pdbx_host_org_tissue_fraction      ? 
_entity_src_gen.pdbx_host_org_strain               ? 
_entity_src_gen.pdbx_host_org_variant              ? 
_entity_src_gen.pdbx_host_org_cell_line            ? 
_entity_src_gen.pdbx_host_org_atcc                 ? 
_entity_src_gen.pdbx_host_org_culture_collection   ? 
_entity_src_gen.pdbx_host_org_cell                 ? 
_entity_src_gen.pdbx_host_org_organelle            ? 
_entity_src_gen.pdbx_host_org_cellular_location    ? 
_entity_src_gen.pdbx_host_org_vector_type          plasmid 
_entity_src_gen.pdbx_host_org_vector               ? 
_entity_src_gen.host_org_details                   ? 
_entity_src_gen.expression_system_id               ? 
_entity_src_gen.plasmid_name                       'pLIC His' 
_entity_src_gen.plasmid_details                    ? 
_entity_src_gen.pdbx_description                   ? 
# 
_struct_ref.id                         1 
_struct_ref.db_name                    UNP 
_struct_ref.db_code                    C4M760_ENTHI 
_struct_ref.pdbx_db_accession          C4M760 
_struct_ref.entity_id                  1 
_struct_ref.pdbx_seq_one_letter_code   MQIFVKTLTGKTITLEVEPNDSIDAIKAKIQEKEGIPPDQQRLIFAGKQLEEGKTLSDYNIQKESTLHLVLRLRGGY 
_struct_ref.pdbx_align_begin           1 
_struct_ref.pdbx_db_isoform            ? 
# 
_struct_ref_seq.align_id                      1 
_struct_ref_seq.ref_id                        1 
_struct_ref_seq.pdbx_PDB_id_code              4GU2 
_struct_ref_seq.pdbx_strand_id                A 
_struct_ref_seq.seq_align_beg                 4 
_struct_ref_seq.pdbx_seq_align_beg_ins_code   ? 
_struct_ref_seq.seq_align_end                 80 
_struct_ref_seq.pdbx_seq_align_end_ins_code   ? 
_struct_ref_seq.pdbx_db_accession             C4M760 
_struct_ref_seq.db_align_beg                  1 
_struct_ref_seq.pdbx_db_align_beg_ins_code    ? 
_struct_ref_seq.db_align_end                  77 
_struct_ref_seq.pdbx_db_align_end_ins_code    ? 
_struct_ref_seq.pdbx_auth_seq_align_beg       1 
_struct_ref_seq.pdbx_auth_seq_align_end       77 
# 
loop_
_struct_ref_seq_dif.align_id 
_struct_ref_seq_dif.pdbx_pdb_id_code 
_struct_ref_seq_dif.mon_id 
_struct_ref_seq_dif.pdbx_pdb_strand_id 
_struct_ref_seq_dif.seq_num 
_struct_ref_seq_dif.pdbx_pdb_ins_code 
_struct_ref_seq_dif.pdbx_seq_db_name 
_struct_ref_seq_dif.pdbx_seq_db_accession_code 
_struct_ref_seq_dif.db_mon_id 
_struct_ref_seq_dif.pdbx_seq_db_seq_num 
_struct_ref_seq_dif.details 
_struct_ref_seq_dif.pdbx_auth_seq_num 
_struct_ref_seq_dif.pdbx_ordinal 
1 4GU2 SER A 1 ? UNP C4M760 ? ? 'expression tag' -2 1 
1 4GU2 ASN A 2 ? UNP C4M760 ? ? 'expression tag' -1 2 
1 4GU2 ALA A 3 ? UNP C4M760 ? ? 'expression tag' 0  3 
# 
loop_
_chem_comp.id 
_chem_comp.type 
_chem_comp.mon_nstd_flag 
_chem_comp.name 
_chem_comp.pdbx_synonyms 
_chem_comp.formula 
_chem_comp.formula_weight 
ALA 'L-peptide linking' y ALANINE         ? 'C3 H7 N O2'     89.093  
ARG 'L-peptide linking' y ARGININE        ? 'C6 H15 N4 O2 1' 175.209 
ASN 'L-peptide linking' y ASPARAGINE      ? 'C4 H8 N2 O3'    132.118 
ASP 'L-peptide linking' y 'ASPARTIC ACID' ? 'C4 H7 N O4'     133.103 
GLN 'L-peptide linking' y GLUTAMINE       ? 'C5 H10 N2 O3'   146.144 
GLU 'L-peptide linking' y 'GLUTAMIC ACID' ? 'C5 H9 N O4'     147.129 
GLY 'peptide linking'   y GLYCINE         ? 'C2 H5 N O2'     75.067  
HIS 'L-peptide linking' y HISTIDINE       ? 'C6 H10 N3 O2 1' 156.162 
HOH non-polymer         . WATER           ? 'H2 O'           18.015  
ILE 'L-peptide linking' y ISOLEUCINE      ? 'C6 H13 N O2'    131.173 
LEU 'L-peptide linking' y LEUCINE         ? 'C6 H13 N O2'    131.173 
LYS 'L-peptide linking' y LYSINE          ? 'C6 H15 N2 O2 1' 147.195 
MET 'L-peptide linking' y METHIONINE      ? 'C5 H11 N O2 S'  149.211 
PHE 'L-peptide linking' y PHENYLALANINE   ? 'C9 H11 N O2'    165.189 
PRO 'L-peptide linking' y PROLINE         ? 'C5 H9 N O2'     115.130 
SER 'L-peptide linking' y SERINE          ? 'C3 H7 N O3'     105.093 
THR 'L-peptide linking' y THREONINE       ? 'C4 H9 N O3'     119.119 
TYR 'L-peptide linking' y TYROSINE        ? 'C9 H11 N O3'    181.189 
VAL 'L-peptide linking' y VALINE          ? 'C5 H11 N O2'    117.146 
# 
_exptl.entry_id          4GU2 
_exptl.method            'X-RAY DIFFRACTION' 
_exptl.crystals_number   1 
# 
_exptl_crystal.id                    1 
_exptl_crystal.density_meas          ? 
_exptl_crystal.density_Matthews      2.54 
_exptl_crystal.density_percent_sol   51.64 
_exptl_crystal.description           ? 
_exptl_crystal.F_000                 ? 
_exptl_crystal.preparation           ? 
# 
_exptl_crystal_grow.crystal_id      1 
_exptl_crystal_grow.method          'VAPOR DIFFUSION, SITTING DROP' 
_exptl_crystal_grow.temp            291 
_exptl_crystal_grow.temp_details    ? 
_exptl_crystal_grow.pH              3.5 
_exptl_crystal_grow.pdbx_details    
;EhUbiquitin at 17 mg/mL was mixed 1:1 with and equilibrated against crystallization solution containing 25% (w/v) PEG 3350 and 100 mM citric acid, pH 3.5, VAPOR DIFFUSION, SITTING DROP, temperature 291K
;
_exptl_crystal_grow.pdbx_pH_range   ? 
# 
_diffrn.id                     1 
_diffrn.ambient_temp           100 
_diffrn.ambient_temp_details   ? 
_diffrn.crystal_id             1 
# 
_diffrn_detector.diffrn_id              1 
_diffrn_detector.detector               'IMAGE PLATE' 
_diffrn_detector.type                   'MAR scanner 300 mm plate' 
_diffrn_detector.pdbx_collection_date   2012-04-08 
_diffrn_detector.details                ? 
# 
_diffrn_radiation.diffrn_id                        1 
_diffrn_radiation.wavelength_id                    1 
_diffrn_radiation.pdbx_monochromatic_or_laue_m_l   M 
_diffrn_radiation.monochromator                    'double crystal' 
_diffrn_radiation.pdbx_diffrn_protocol             'SINGLE WAVELENGTH' 
_diffrn_radiation.pdbx_scattering_type             x-ray 
# 
_diffrn_radiation_wavelength.id           1 
_diffrn_radiation_wavelength.wavelength   1.00000 
_diffrn_radiation_wavelength.wt           1.0 
# 
_diffrn_source.diffrn_id                   1 
_diffrn_source.source                      SYNCHROTRON 
_diffrn_source.type                        'APS BEAMLINE 23-ID-B' 
_diffrn_source.pdbx_synchrotron_site       APS 
_diffrn_source.pdbx_synchrotron_beamline   23-ID-B 
_diffrn_source.pdbx_wavelength             1.00000 
_diffrn_source.pdbx_wavelength_list        ? 
# 
_reflns.entry_id                     4GU2 
_reflns.observed_criterion_sigma_I   0 
_reflns.observed_criterion_sigma_F   0 
_reflns.d_resolution_low             25.654 
_reflns.d_resolution_high            1.35 
_reflns.number_obs                   20493 
_reflns.number_all                   20637 
_reflns.percent_possible_obs         99.3 
_reflns.pdbx_Rmerge_I_obs            0.043 
_reflns.pdbx_Rsym_value              ? 
_reflns.pdbx_netI_over_sigmaI        100 
_reflns.B_iso_Wilson_estimate        19.1 
_reflns.pdbx_redundancy              19.2 
_reflns.R_free_details               ? 
_reflns.limit_h_max                  ? 
_reflns.limit_h_min                  ? 
_reflns.limit_k_max                  ? 
_reflns.limit_k_min                  ? 
_reflns.limit_l_max                  ? 
_reflns.limit_l_min                  ? 
_reflns.observed_criterion_F_max     ? 
_reflns.observed_criterion_F_min     ? 
_reflns.pdbx_chi_squared             ? 
_reflns.pdbx_scaling_rejects         ? 
_reflns.pdbx_ordinal                 1 
_reflns.pdbx_diffrn_id               1 
# 
_reflns_shell.d_res_high             1.35 
_reflns_shell.d_res_low              1.36 
_reflns_shell.percent_possible_all   100 
_reflns_shell.Rmerge_I_obs           0.557 
_reflns_shell.pdbx_Rsym_value        ? 
_reflns_shell.meanI_over_sigI_obs    6.9 
_reflns_shell.pdbx_redundancy        17.9 
_reflns_shell.percent_possible_obs   ? 
_reflns_shell.number_unique_all      486 
_reflns_shell.number_measured_all    ? 
_reflns_shell.number_measured_obs    ? 
_reflns_shell.number_unique_obs      ? 
_reflns_shell.pdbx_chi_squared       ? 
_reflns_shell.pdbx_ordinal           1 
_reflns_shell.pdbx_diffrn_id         1 
# 
_refine.entry_id                                 4GU2 
_refine.ls_number_reflns_obs                     20454 
_refine.ls_number_reflns_all                     20654 
_refine.pdbx_ls_sigma_I                          ? 
_refine.pdbx_ls_sigma_F                          1.38 
_refine.pdbx_data_cutoff_high_absF               ? 
_refine.pdbx_data_cutoff_low_absF                ? 
_refine.pdbx_data_cutoff_high_rms_absF           ? 
_refine.ls_d_res_low                             25.65 
_refine.ls_d_res_high                            1.35 
_refine.ls_percent_reflns_obs                    99.03 
_refine.ls_R_factor_obs                          0.2150 
_refine.ls_R_factor_all                          ? 
_refine.ls_R_factor_R_work                       0.2120 
_refine.ls_R_factor_R_free                       0.2692 
_refine.ls_R_factor_R_free_error                 ? 
_refine.ls_R_factor_R_free_error_details         ? 
_refine.ls_percent_reflns_R_free                 5.03 
_refine.ls_number_reflns_R_free                  1028 
_refine.ls_number_parameters                     ? 
_refine.ls_number_restraints                     ? 
_refine.occupancy_min                            ? 
_refine.occupancy_max                            ? 
_refine.correlation_coeff_Fo_to_Fc               ? 
_refine.correlation_coeff_Fo_to_Fc_free          ? 
_refine.B_iso_mean                               ? 
_refine.aniso_B[1][1]                            ? 
_refine.aniso_B[2][2]                            ? 
_refine.aniso_B[3][3]                            ? 
_refine.aniso_B[1][2]                            ? 
_refine.aniso_B[1][3]                            ? 
_refine.aniso_B[2][3]                            ? 
_refine.solvent_model_details                    'FLAT BULK SOLVENT MODEL' 
_refine.solvent_model_param_ksol                 ? 
_refine.solvent_model_param_bsol                 ? 
_refine.pdbx_solvent_vdw_probe_radii             1.11 
_refine.pdbx_solvent_ion_probe_radii             ? 
_refine.pdbx_solvent_shrinkage_radii             0.90 
_refine.pdbx_ls_cross_valid_method               ? 
_refine.details                                  ? 
_refine.pdbx_starting_model                      'PDB entry 1UBQ' 
_refine.pdbx_method_to_determine_struct          'MOLECULAR REPLACEMENT' 
_refine.pdbx_isotropic_thermal_model             ? 
_refine.pdbx_stereochemistry_target_values       ML 
_refine.pdbx_stereochem_target_val_spec_case     ? 
_refine.pdbx_R_Free_selection_details            RANDOM 
_refine.pdbx_overall_ESU_R                       ? 
_refine.pdbx_overall_ESU_R_Free                  ? 
_refine.overall_SU_ML                            0.14 
_refine.pdbx_overall_phase_error                 30.66 
_refine.overall_SU_B                             ? 
_refine.overall_SU_R_Cruickshank_DPI             ? 
_refine.ls_redundancy_reflns_obs                 ? 
_refine.B_iso_min                                ? 
_refine.B_iso_max                                ? 
_refine.overall_SU_R_free                        ? 
_refine.ls_wR_factor_R_free                      ? 
_refine.ls_wR_factor_R_work                      ? 
_refine.overall_FOM_free_R_set                   ? 
_refine.overall_FOM_work_R_set                   ? 
_refine.pdbx_diffrn_id                           1 
_refine.pdbx_refine_id                           'X-RAY DIFFRACTION' 
_refine.pdbx_TLS_residual_ADP_flag               ? 
_refine.pdbx_overall_SU_R_free_Cruickshank_DPI   ? 
_refine.pdbx_overall_SU_R_Blow_DPI               ? 
_refine.pdbx_overall_SU_R_free_Blow_DPI          ? 
# 
_refine_hist.pdbx_refine_id                   'X-RAY DIFFRACTION' 
_refine_hist.cycle_id                         LAST 
_refine_hist.pdbx_number_atoms_protein        546 
_refine_hist.pdbx_number_atoms_nucleic_acid   0 
_refine_hist.pdbx_number_atoms_ligand         0 
_refine_hist.number_atoms_solvent             66 
_refine_hist.number_atoms_total               612 
_refine_hist.d_res_high                       1.35 
_refine_hist.d_res_low                        25.65 
# 
loop_
_refine_ls_restr.type 
_refine_ls_restr.dev_ideal 
_refine_ls_restr.dev_ideal_target 
_refine_ls_restr.weight 
_refine_ls_restr.number 
_refine_ls_restr.pdbx_restraint_function 
_refine_ls_restr.pdbx_refine_id 
f_bond_d           0.015  ? ? 574 ? 'X-RAY DIFFRACTION' 
f_angle_d          1.642  ? ? 770 ? 'X-RAY DIFFRACTION' 
f_dihedral_angle_d 14.600 ? ? 230 ? 'X-RAY DIFFRACTION' 
f_chiral_restr     0.079  ? ? 89  ? 'X-RAY DIFFRACTION' 
f_plane_restr      0.009  ? ? 100 ? 'X-RAY DIFFRACTION' 
# 
loop_
_refine_ls_shell.pdbx_total_number_of_bins_used 
_refine_ls_shell.d_res_high 
_refine_ls_shell.d_res_low 
_refine_ls_shell.number_reflns_R_work 
_refine_ls_shell.R_factor_R_work 
_refine_ls_shell.percent_reflns_obs 
_refine_ls_shell.R_factor_R_free 
_refine_ls_shell.R_factor_R_free_error 
_refine_ls_shell.percent_reflns_R_free 
_refine_ls_shell.number_reflns_R_free 
_refine_ls_shell.number_reflns_all 
_refine_ls_shell.R_factor_all 
_refine_ls_shell.number_reflns_obs 
_refine_ls_shell.redundancy_reflns_obs 
_refine_ls_shell.pdbx_refine_id 
. 1.35   1.4205  2718 0.2282 98.00  0.3125 . . 143 . . 2718 . 'X-RAY DIFFRACTION' 
. 1.4205 1.5095  2752 0.2123 100.00 0.3026 . . 147 . . .    . 'X-RAY DIFFRACTION' 
. 1.5095 1.6261  2757 0.2060 100.00 0.2783 . . 145 . . .    . 'X-RAY DIFFRACTION' 
. 1.6261 1.7897  2773 0.2163 100.00 0.2710 . . 145 . . .    . 'X-RAY DIFFRACTION' 
. 1.7897 2.0486  2787 0.2044 100.00 0.2692 . . 145 . . .    . 'X-RAY DIFFRACTION' 
. 2.0486 2.5806  2826 0.2243 100.00 0.2375 . . 149 . . .    . 'X-RAY DIFFRACTION' 
. 2.5806 25.6588 2813 0.2078 96.00  0.2771 . . 154 . . .    . 'X-RAY DIFFRACTION' 
# 
_struct.entry_id                  4GU2 
_struct.title                     'Crystal structure of ubiquitin from Entamoeba histolytica to 1.35 Angstrom' 
_struct.pdbx_model_details        ? 
_struct.pdbx_CASP_flag            ? 
_struct.pdbx_model_type_details   ? 
# 
_struct_keywords.entry_id        4GU2 
_struct_keywords.pdbx_keywords   'PROTEIN BINDING' 
_struct_keywords.text            
;ubiquitin, ubiquitin-like modifier, ubiquitin fold, post-translational ubiquitination, isopeptide bond, EhUbc5, EhUba1, PROTEIN BINDING
;
# 
loop_
_struct_asym.id 
_struct_asym.pdbx_blank_PDB_chainid_flag 
_struct_asym.pdbx_modified 
_struct_asym.entity_id 
_struct_asym.details 
A N N 1 ? 
B N N 2 ? 
# 
_struct_biol.id        1 
_struct_biol.details   ? 
# 
loop_
_struct_conf.conf_type_id 
_struct_conf.id 
_struct_conf.pdbx_PDB_helix_id 
_struct_conf.beg_label_comp_id 
_struct_conf.beg_label_asym_id 
_struct_conf.beg_label_seq_id 
_struct_conf.pdbx_beg_PDB_ins_code 
_struct_conf.end_label_comp_id 
_struct_conf.end_label_asym_id 
_struct_conf.end_label_seq_id 
_struct_conf.pdbx_end_PDB_ins_code 
_struct_conf.beg_auth_comp_id 
_struct_conf.beg_auth_asym_id 
_struct_conf.beg_auth_seq_id 
_struct_conf.end_auth_comp_id 
_struct_conf.end_auth_asym_id 
_struct_conf.end_auth_seq_id 
_struct_conf.pdbx_PDB_helix_class 
_struct_conf.details 
_struct_conf.pdbx_PDB_helix_length 
HELX_P HELX_P1 1 SER A 25 ? GLY A 38 ? SER A 22 GLY A 35 1 ? 14 
HELX_P HELX_P2 2 PRO A 40 ? ASP A 42 ? PRO A 37 ASP A 39 5 ? 3  
HELX_P HELX_P3 3 THR A 58 ? ASN A 63 ? THR A 55 ASN A 60 5 ? 6  
# 
_struct_conf_type.id          HELX_P 
_struct_conf_type.criteria    ? 
_struct_conf_type.reference   ? 
# 
_struct_sheet.id               A 
_struct_sheet.type             ? 
_struct_sheet.number_strands   5 
_struct_sheet.details          ? 
# 
loop_
_struct_sheet_order.sheet_id 
_struct_sheet_order.range_id_1 
_struct_sheet_order.range_id_2 
_struct_sheet_order.offset 
_struct_sheet_order.sense 
A 1 2 ? anti-parallel 
A 2 3 ? parallel      
A 3 4 ? anti-parallel 
A 4 5 ? anti-parallel 
# 
loop_
_struct_sheet_range.sheet_id 
_struct_sheet_range.id 
_struct_sheet_range.beg_label_comp_id 
_struct_sheet_range.beg_label_asym_id 
_struct_sheet_range.beg_label_seq_id 
_struct_sheet_range.pdbx_beg_PDB_ins_code 
_struct_sheet_range.end_label_comp_id 
_struct_sheet_range.end_label_asym_id 
_struct_sheet_range.end_label_seq_id 
_struct_sheet_range.pdbx_end_PDB_ins_code 
_struct_sheet_range.beg_auth_comp_id 
_struct_sheet_range.beg_auth_asym_id 
_struct_sheet_range.beg_auth_seq_id 
_struct_sheet_range.end_auth_comp_id 
_struct_sheet_range.end_auth_asym_id 
_struct_sheet_range.end_auth_seq_id 
A 1 ILE A 16 ? GLU A 19 ? ILE A 13 GLU A 16 
A 2 GLN A 5  ? LYS A 9  ? GLN A 2  LYS A 6  
A 3 THR A 69 ? LEU A 74 ? THR A 66 LEU A 71 
A 4 GLN A 44 ? PHE A 48 ? GLN A 41 PHE A 45 
A 5 LYS A 51 ? GLN A 52 ? LYS A 48 GLN A 49 
# 
loop_
_pdbx_struct_sheet_hbond.sheet_id 
_pdbx_struct_sheet_hbond.range_id_1 
_pdbx_struct_sheet_hbond.range_id_2 
_pdbx_struct_sheet_hbond.range_1_label_atom_id 
_pdbx_struct_sheet_hbond.range_1_label_comp_id 
_pdbx_struct_sheet_hbond.range_1_label_asym_id 
_pdbx_struct_sheet_hbond.range_1_label_seq_id 
_pdbx_struct_sheet_hbond.range_1_PDB_ins_code 
_pdbx_struct_sheet_hbond.range_1_auth_atom_id 
_pdbx_struct_sheet_hbond.range_1_auth_comp_id 
_pdbx_struct_sheet_hbond.range_1_auth_asym_id 
_pdbx_struct_sheet_hbond.range_1_auth_seq_id 
_pdbx_struct_sheet_hbond.range_2_label_atom_id 
_pdbx_struct_sheet_hbond.range_2_label_comp_id 
_pdbx_struct_sheet_hbond.range_2_label_asym_id 
_pdbx_struct_sheet_hbond.range_2_label_seq_id 
_pdbx_struct_sheet_hbond.range_2_PDB_ins_code 
_pdbx_struct_sheet_hbond.range_2_auth_atom_id 
_pdbx_struct_sheet_hbond.range_2_auth_comp_id 
_pdbx_struct_sheet_hbond.range_2_auth_asym_id 
_pdbx_struct_sheet_hbond.range_2_auth_seq_id 
A 1 2 O LEU A 18 ? O LEU A 15 N ILE A 6  ? N ILE A 3  
A 2 3 N LYS A 9  ? N LYS A 6  O LEU A 70 ? O LEU A 67 
A 3 4 O VAL A 73 ? O VAL A 70 N ARG A 45 ? N ARG A 42 
A 4 5 N PHE A 48 ? N PHE A 45 O LYS A 51 ? O LYS A 48 
# 
_atom_sites.entry_id                    4GU2 
_atom_sites.fract_transf_matrix[1][1]   0.01487428 
_atom_sites.fract_transf_matrix[1][2]   0.01157573 
_atom_sites.fract_transf_matrix[1][3]   0.01350650 
_atom_sites.fract_transf_matrix[2][1]   0.01235165 
_atom_sites.fract_transf_matrix[2][2]   -0.01133700 
_atom_sites.fract_transf_matrix[2][3]   0.01601851 
_atom_sites.fract_transf_matrix[3][1]   0.01139092 
_atom_sites.fract_transf_matrix[3][2]   -0.00240357 
_atom_sites.fract_transf_matrix[3][3]   -0.01048449 
_atom_sites.fract_transf_vector[1]      -0.460083 
_atom_sites.fract_transf_vector[2]      0.146875 
_atom_sites.fract_transf_vector[3]      -0.210389 
# 
loop_
_atom_type.symbol 
C 
H 
N 
O 
S 
# 
loop_
_atom_site.group_PDB 
_atom_site.id 
_atom_site.type_symbol 
_atom_site.label_atom_id 
_atom_site.label_alt_id 
_atom_site.label_comp_id 
_atom_site.label_asym_id 
_atom_site.label_entity_id 
_atom_site.label_seq_id 
_atom_site.pdbx_PDB_ins_code 
_atom_site.Cartn_x 
_atom_site.Cartn_y 
_atom_site.Cartn_z 
_atom_site.occupancy 
_atom_site.B_iso_or_equiv 
_atom_site.pdbx_formal_charge 
_atom_site.auth_seq_id 
_atom_site.auth_comp_id 
_atom_site.auth_asym_id 
_atom_site.auth_atom_id 
_atom_site.pdbx_PDB_model_num 
ATOM   1    N N    . MET A 1 4  ? -6.595  -9.839  -6.223  1.00 63.61  ? 1   MET A N    1 
ATOM   2    C CA   . MET A 1 4  ? -5.310  -10.497 -5.834  1.00 69.76  ? 1   MET A CA   1 
ATOM   3    C C    . MET A 1 4  ? -4.953  -10.134 -4.391  1.00 59.05  ? 1   MET A C    1 
ATOM   4    O O    . MET A 1 4  ? -5.475  -9.167  -3.838  1.00 59.43  ? 1   MET A O    1 
ATOM   5    C CB   . MET A 1 4  ? -4.184  -10.071 -6.787  1.00 73.22  ? 1   MET A CB   1 
ATOM   6    C CG   . MET A 1 4  ? -3.775  -8.617  -6.625  1.00 63.31  ? 1   MET A CG   1 
ATOM   7    S SD   . MET A 1 4  ? -2.420  -8.095  -7.677  1.00 67.11  ? 1   MET A SD   1 
ATOM   8    C CE   . MET A 1 4  ? -2.007  -6.553  -6.889  1.00 56.75  ? 1   MET A CE   1 
ATOM   9    H H    . MET A 1 4  ? -6.716  -9.910  -7.172  1.00 76.33  ? 1   MET A H    1 
ATOM   10   H HA   . MET A 1 4  ? -5.414  -11.470 -5.903  1.00 83.72  ? 1   MET A HA   1 
ATOM   11   H HB2  . MET A 1 4  ? -3.402  -10.620 -6.614  1.00 87.87  ? 1   MET A HB2  1 
ATOM   12   H HB3  . MET A 1 4  ? -4.481  -10.198 -7.701  1.00 87.87  ? 1   MET A HB3  1 
ATOM   13   H HG2  . MET A 1 4  ? -4.540  -8.056  -6.834  1.00 75.98  ? 1   MET A HG2  1 
ATOM   14   H HG3  . MET A 1 4  ? -3.506  -8.471  -5.705  1.00 75.98  ? 1   MET A HG3  1 
ATOM   15   H HE1  . MET A 1 4  ? -1.273  -6.149  -7.358  1.00 68.10  ? 1   MET A HE1  1 
ATOM   16   H HE2  . MET A 1 4  ? -2.772  -5.974  -6.915  1.00 68.10  ? 1   MET A HE2  1 
ATOM   17   H HE3  . MET A 1 4  ? -1.757  -6.725  -5.977  1.00 68.10  ? 1   MET A HE3  1 
ATOM   18   N N    . GLN A 1 5  ? -4.048  -10.902 -3.801  1.00 67.18  ? 2   GLN A N    1 
ATOM   19   C CA   . GLN A 1 5  ? -3.662  -10.721 -2.414  1.00 53.55  ? 2   GLN A CA   1 
ATOM   20   C C    . GLN A 1 5  ? -2.259  -10.107 -2.325  1.00 53.66  ? 2   GLN A C    1 
ATOM   21   O O    . GLN A 1 5  ? -1.322  -10.569 -2.973  1.00 67.12  ? 2   GLN A O    1 
ATOM   22   C CB   . GLN A 1 5  ? -3.696  -12.084 -1.738  1.00 61.62  ? 2   GLN A CB   1 
ATOM   23   C CG   . GLN A 1 5  ? -3.148  -12.138 -0.335  1.00 67.78  ? 2   GLN A CG   1 
ATOM   24   C CD   . GLN A 1 5  ? -3.245  -13.537 0.248   1.00 78.00  ? 2   GLN A CD   1 
ATOM   25   O OE1  . GLN A 1 5  ? -3.181  -13.725 1.460   1.00 88.88  ? 2   GLN A OE1  1 
ATOM   26   N NE2  . GLN A 1 5  ? -3.404  -14.529 -0.622  1.00 77.42  ? 2   GLN A NE2  1 
ATOM   27   H H    . GLN A 1 5  ? -3.636  -11.546 -4.193  1.00 80.61  ? 2   GLN A H    1 
ATOM   28   H HA   . GLN A 1 5  ? -4.299  -10.126 -1.965  1.00 64.27  ? 2   GLN A HA   1 
ATOM   29   H HB2  . GLN A 1 5  ? -4.618  -12.383 -1.700  1.00 73.94  ? 2   GLN A HB2  1 
ATOM   30   H HB3  . GLN A 1 5  ? -3.178  -12.704 -2.275  1.00 73.94  ? 2   GLN A HB3  1 
ATOM   31   H HG2  . GLN A 1 5  ? -2.213  -11.878 -0.346  1.00 81.34  ? 2   GLN A HG2  1 
ATOM   32   H HG3  . GLN A 1 5  ? -3.658  -11.537 0.231   1.00 81.34  ? 2   GLN A HG3  1 
ATOM   33   H HE21 . GLN A 1 5  ? -3.447  -14.361 -1.464  1.00 92.90  ? 2   GLN A HE21 1 
ATOM   34   H HE22 . GLN A 1 5  ? -3.464  -15.341 -0.342  1.00 92.90  ? 2   GLN A HE22 1 
ATOM   35   N N    . ILE A 1 6  ? -2.126  -9.047  -1.533  1.00 52.60  ? 3   ILE A N    1 
ATOM   36   C CA   . ILE A 1 6  ? -0.808  -8.529  -1.230  1.00 54.33  ? 3   ILE A CA   1 
ATOM   37   C C    . ILE A 1 6  ? -0.709  -8.436  0.246   1.00 42.51  ? 3   ILE A C    1 
ATOM   38   O O    . ILE A 1 6  ? -1.700  -8.643  0.962   1.00 43.20  ? 3   ILE A O    1 
ATOM   39   C CB   . ILE A 1 6  ? -0.508  -7.117  -1.822  1.00 48.43  ? 3   ILE A CB   1 
ATOM   40   C CG1  . ILE A 1 6  ? -1.384  -6.015  -1.185  1.00 48.27  ? 3   ILE A CG1  1 
ATOM   41   C CG2  . ILE A 1 6  ? -0.661  -7.123  -3.339  1.00 50.49  ? 3   ILE A CG2  1 
ATOM   42   C CD1  . ILE A 1 6  ? -0.967  -4.603  -1.600  1.00 48.78  ? 3   ILE A CD1  1 
ATOM   43   H H    . ILE A 1 6  ? -2.776  -8.620  -1.165  1.00 63.12  ? 3   ILE A H    1 
ATOM   44   H HA   . ILE A 1 6  ? -0.126  -9.154  -1.551  1.00 65.19  ? 3   ILE A HA   1 
ATOM   45   H HB   . ILE A 1 6  ? 0.418   -6.908  -1.621  1.00 58.11  ? 3   ILE A HB   1 
ATOM   46   H HG12 . ILE A 1 6  ? -2.305  -6.148  -1.459  1.00 57.93  ? 3   ILE A HG12 1 
ATOM   47   H HG13 . ILE A 1 6  ? -1.314  -6.076  -0.220  1.00 57.93  ? 3   ILE A HG13 1 
ATOM   48   H HG21 . ILE A 1 6  ? -0.470  -6.243  -3.674  1.00 60.59  ? 3   ILE A HG21 1 
ATOM   49   H HG22 . ILE A 1 6  ? -0.043  -7.756  -3.712  1.00 60.59  ? 3   ILE A HG22 1 
ATOM   50   H HG23 . ILE A 1 6  ? -1.560  -7.370  -3.562  1.00 60.59  ? 3   ILE A HG23 1 
ATOM   51   H HD11 . ILE A 1 6  ? -1.548  -3.968  -1.174  1.00 58.54  ? 3   ILE A HD11 1 
ATOM   52   H HD12 . ILE A 1 6  ? -0.060  -4.452  -1.327  1.00 58.54  ? 3   ILE A HD12 1 
ATOM   53   H HD13 . ILE A 1 6  ? -1.040  -4.523  -2.554  1.00 58.54  ? 3   ILE A HD13 1 
ATOM   54   N N    . PHE A 1 7  ? 0.485   -8.118  0.718   1.00 51.35  ? 4   PHE A N    1 
ATOM   55   C CA   . PHE A 1 7  ? 0.782   -8.116  2.149   1.00 49.46  ? 4   PHE A CA   1 
ATOM   56   C C    . PHE A 1 7  ? 1.439   -6.807  2.490   1.00 41.25  ? 4   PHE A C    1 
ATOM   57   O O    . PHE A 1 7  ? 1.995   -6.109  1.647   1.00 49.56  ? 4   PHE A O    1 
ATOM   58   C CB   . PHE A 1 7  ? 1.737   -9.267  2.530   1.00 48.17  ? 4   PHE A CB   1 
ATOM   59   C CG   . PHE A 1 7  ? 1.232   -10.627 2.135   1.00 51.60  ? 4   PHE A CG   1 
ATOM   60   C CD1  . PHE A 1 7  ? 1.697   -11.257 0.991   1.00 54.02  ? 4   PHE A CD1  1 
ATOM   61   C CD2  . PHE A 1 7  ? 0.307   -11.282 2.931   1.00 53.85  ? 4   PHE A CD2  1 
ATOM   62   C CE1  . PHE A 1 7  ? 1.204   -12.472 0.626   1.00 55.56  ? 4   PHE A CE1  1 
ATOM   63   C CE2  . PHE A 1 7  ? -0.166  -12.518 2.579   1.00 63.61  ? 4   PHE A CE2  1 
ATOM   64   C CZ   . PHE A 1 7  ? 0.284   -13.117 1.434   1.00 62.14  ? 4   PHE A CZ   1 
ATOM   65   H H    . PHE A 1 7  ? 1.154   -7.894  0.224   1.00 61.62  ? 4   PHE A H    1 
ATOM   66   H HA   . PHE A 1 7  ? -0.046  -8.204  2.664   1.00 59.35  ? 4   PHE A HA   1 
ATOM   67   H HB2  . PHE A 1 7  ? 2.589   -9.127  2.088   1.00 57.80  ? 4   PHE A HB2  1 
ATOM   68   H HB3  . PHE A 1 7  ? 1.862   -9.265  3.492   1.00 57.80  ? 4   PHE A HB3  1 
ATOM   69   H HD1  . PHE A 1 7  ? 2.309   -10.823 0.440   1.00 64.82  ? 4   PHE A HD1  1 
ATOM   70   H HD2  . PHE A 1 7  ? -0.006  -10.873 3.706   1.00 64.62  ? 4   PHE A HD2  1 
ATOM   71   H HE1  . PHE A 1 7  ? 1.520   -12.888 -0.143  1.00 66.68  ? 4   PHE A HE1  1 
ATOM   72   H HE2  . PHE A 1 7  ? -0.793  -12.948 3.115   1.00 76.33  ? 4   PHE A HE2  1 
ATOM   73   H HZ   . PHE A 1 7  ? -0.037  -13.957 1.194   1.00 74.56  ? 4   PHE A HZ   1 
ATOM   74   N N    . VAL A 1 8  ? 1.257   -6.397  3.726   1.00 45.80  ? 5   VAL A N    1 
ATOM   75   C CA   . VAL A 1 8  ? 1.850   -5.168  4.193   1.00 31.50  ? 5   VAL A CA   1 
ATOM   76   C C    . VAL A 1 8  ? 2.488   -5.508  5.497   1.00 39.01  ? 5   VAL A C    1 
ATOM   77   O O    . VAL A 1 8  ? 1.828   -6.004  6.440   1.00 48.12  ? 5   VAL A O    1 
ATOM   78   C CB   . VAL A 1 8  ? 0.784   -4.020  4.396   1.00 39.67  ? 5   VAL A CB   1 
ATOM   79   C CG1  . VAL A 1 8  ? 1.460   -2.745  4.881   1.00 33.43  ? 5   VAL A CG1  1 
ATOM   80   C CG2  . VAL A 1 8  ? 0.023   -3.695  3.135   1.00 40.86  ? 5   VAL A CG2  1 
ATOM   81   H H    . VAL A 1 8  ? 0.792   -6.814  4.318   1.00 54.96  ? 5   VAL A H    1 
ATOM   82   H HA   . VAL A 1 8  ? 2.538   -4.863  3.566   1.00 37.80  ? 5   VAL A HA   1 
ATOM   83   H HB   . VAL A 1 8  ? 0.137   -4.300  5.077   1.00 47.60  ? 5   VAL A HB   1 
ATOM   84   H HG11 . VAL A 1 8  ? 0.794   -2.063  4.999   1.00 40.12  ? 5   VAL A HG11 1 
ATOM   85   H HG12 . VAL A 1 8  ? 1.897   -2.922  5.718   1.00 40.12  ? 5   VAL A HG12 1 
ATOM   86   H HG13 . VAL A 1 8  ? 2.105   -2.465  4.228   1.00 40.12  ? 5   VAL A HG13 1 
ATOM   87   H HG21 . VAL A 1 8  ? -0.606  -2.994  3.322   1.00 49.03  ? 5   VAL A HG21 1 
ATOM   88   H HG22 . VAL A 1 8  ? 0.645   -3.407  2.462   1.00 49.03  ? 5   VAL A HG22 1 
ATOM   89   H HG23 . VAL A 1 8  ? -0.440  -4.481  2.839   1.00 49.03  ? 5   VAL A HG23 1 
ATOM   90   N N    . LYS A 1 9  ? 3.781   -5.271  5.561   1.00 48.32  ? 6   LYS A N    1 
ATOM   91   C CA   . LYS A 1 9  ? 4.539   -5.662  6.735   1.00 49.22  ? 6   LYS A CA   1 
ATOM   92   C C    . LYS A 1 9  ? 4.726   -4.459  7.611   1.00 51.83  ? 6   LYS A C    1 
ATOM   93   O O    . LYS A 1 9  ? 5.058   -3.414  7.090   1.00 45.39  ? 6   LYS A O    1 
ATOM   94   C CB   . LYS A 1 9  ? 5.906   -6.218  6.321   1.00 59.28  ? 6   LYS A CB   1 
ATOM   95   C CG   . LYS A 1 9  ? 6.879   -6.302  7.420   1.00 64.45  ? 6   LYS A CG   1 
ATOM   96   C CD   . LYS A 1 9  ? 8.095   -7.011  6.954   1.00 66.76  ? 6   LYS A CD   1 
ATOM   97   C CE   . LYS A 1 9  ? 8.696   -7.787  8.104   1.00 84.38  ? 6   LYS A CE   1 
ATOM   98   N NZ   . LYS A 1 9  ? 9.983   -8.352  7.745   1.00 85.20  ? 6   LYS A NZ   1 
ATOM   99   H H    . LYS A 1 9  ? 4.243   -4.889  4.945   1.00 57.98  ? 6   LYS A H    1 
ATOM   100  H HA   . LYS A 1 9  ? 4.053   -6.350  7.236   1.00 59.06  ? 6   LYS A HA   1 
ATOM   101  H HB2  . LYS A 1 9  ? 5.785   -7.111  5.966   1.00 71.14  ? 6   LYS A HB2  1 
ATOM   102  H HB3  . LYS A 1 9  ? 6.282   -5.641  5.638   1.00 71.14  ? 6   LYS A HB3  1 
ATOM   103  H HG2  . LYS A 1 9  ? 7.131   -5.408  7.701   1.00 77.34  ? 6   LYS A HG2  1 
ATOM   104  H HG3  . LYS A 1 9  ? 6.494   -6.797  8.159   1.00 77.34  ? 6   LYS A HG3  1 
ATOM   105  H HD2  . LYS A 1 9  ? 7.860   -7.634  6.249   1.00 80.11  ? 6   LYS A HD2  1 
ATOM   106  H HD3  . LYS A 1 9  ? 8.749   -6.367  6.639   1.00 80.11  ? 6   LYS A HD3  1 
ATOM   107  H HE2  . LYS A 1 9  ? 8.825   -7.192  8.860   1.00 101.26 ? 6   LYS A HE2  1 
ATOM   108  H HE3  . LYS A 1 9  ? 8.102   -8.514  8.347   1.00 101.26 ? 6   LYS A HE3  1 
ATOM   109  H HZ1  . LYS A 1 9  ? 10.320  -8.803  8.433   1.00 102.24 ? 6   LYS A HZ1  1 
ATOM   110  H HZ2  . LYS A 1 9  ? 9.890   -8.905  7.054   1.00 102.24 ? 6   LYS A HZ2  1 
ATOM   111  H HZ3  . LYS A 1 9  ? 10.548  -7.702  7.521   1.00 102.24 ? 6   LYS A HZ3  1 
ATOM   112  N N    . LYS A 1 14 ? 4.391   -7.786  12.207  1.00 75.74  ? 11  LYS A N    1 
ATOM   113  C CA   . LYS A 1 14 ? 3.033   -8.338  12.184  1.00 68.78  ? 11  LYS A CA   1 
ATOM   114  C C    . LYS A 1 14 ? 2.378   -8.089  10.819  1.00 79.09  ? 11  LYS A C    1 
ATOM   115  O O    . LYS A 1 14 ? 1.785   -7.049  10.586  1.00 68.30  ? 11  LYS A O    1 
ATOM   116  C CB   . LYS A 1 14 ? 2.210   -7.705  13.295  1.00 68.05  ? 11  LYS A CB   1 
ATOM   117  C CG   . LYS A 1 14 ? 0.898   -8.415  13.634  1.00 79.78  ? 11  LYS A CG   1 
ATOM   118  C CD   . LYS A 1 14 ? 0.214   -7.711  14.813  1.00 89.95  ? 11  LYS A CD   1 
ATOM   119  C CE   . LYS A 1 14 ? -1.131  -8.329  15.184  1.00 85.31  ? 11  LYS A CE   1 
ATOM   120  N NZ   . LYS A 1 14 ? -2.189  -8.023  14.184  1.00 97.62  ? 11  LYS A NZ   1 
ATOM   121  H HA   . LYS A 1 14 ? 3.071   -9.305  12.338  1.00 82.54  ? 11  LYS A HA   1 
ATOM   122  H HB2  . LYS A 1 14 ? 2.748   -7.687  14.102  1.00 81.66  ? 11  LYS A HB2  1 
ATOM   123  H HB3  . LYS A 1 14 ? 1.990   -6.797  13.034  1.00 81.66  ? 11  LYS A HB3  1 
ATOM   124  H HG2  . LYS A 1 14 ? 0.304   -8.383  12.868  1.00 95.74  ? 11  LYS A HG2  1 
ATOM   125  H HG3  . LYS A 1 14 ? 1.081   -9.333  13.887  1.00 95.74  ? 11  LYS A HG3  1 
ATOM   126  H HD2  . LYS A 1 14 ? 0.792   -7.764  15.590  1.00 107.94 ? 11  LYS A HD2  1 
ATOM   127  H HD3  . LYS A 1 14 ? 0.062   -6.781  14.579  1.00 107.94 ? 11  LYS A HD3  1 
ATOM   128  H HE2  . LYS A 1 14 ? -1.034  -9.294  15.232  1.00 102.38 ? 11  LYS A HE2  1 
ATOM   129  H HE3  . LYS A 1 14 ? -1.416  -7.979  16.041  1.00 102.38 ? 11  LYS A HE3  1 
ATOM   130  H HZ1  . LYS A 1 14 ? -2.958  -8.397  14.431  1.00 117.15 ? 11  LYS A HZ1  1 
ATOM   131  H HZ2  . LYS A 1 14 ? -2.303  -7.142  14.123  1.00 117.15 ? 11  LYS A HZ2  1 
ATOM   132  H HZ3  . LYS A 1 14 ? -1.955  -8.339  13.386  1.00 117.15 ? 11  LYS A HZ3  1 
ATOM   133  N N    . THR A 1 15 ? 2.471   -9.050  9.910   1.00 52.35  ? 12  THR A N    1 
ATOM   134  C CA   . THR A 1 15 ? 2.038   -8.808  8.524   1.00 60.56  ? 12  THR A CA   1 
ATOM   135  C C    . THR A 1 15 ? 0.508   -8.906  8.329   1.00 63.97  ? 12  THR A C    1 
ATOM   136  O O    . THR A 1 15 ? -0.125  -9.803  8.904   1.00 56.19  ? 12  THR A O    1 
ATOM   137  C CB   . THR A 1 15 ? 2.696   -9.833  7.633   1.00 49.17  ? 12  THR A CB   1 
ATOM   138  O OG1  . THR A 1 15 ? 4.089   -9.891  7.958   1.00 54.59  ? 12  THR A OG1  1 
ATOM   139  C CG2  . THR A 1 15 ? 2.493   -9.494  6.181   1.00 46.16  ? 12  THR A CG2  1 
ATOM   140  H H    . THR A 1 15 ? 2.773   -9.841  10.058  1.00 62.82  ? 12  THR A H    1 
ATOM   141  H HA   . THR A 1 15 ? 2.331   -7.917  8.241   1.00 72.67  ? 12  THR A HA   1 
ATOM   142  H HB   . THR A 1 15 ? 2.296   -10.701 7.799   1.00 59.01  ? 12  THR A HB   1 
ATOM   143  H HG1  . THR A 1 15 ? 4.466   -10.444 7.484   1.00 65.51  ? 12  THR A HG1  1 
ATOM   144  H HG21 . THR A 1 15 ? 2.918   -10.155 5.628   1.00 55.39  ? 12  THR A HG21 1 
ATOM   145  H HG22 . THR A 1 15 ? 1.556   -9.472  5.978   1.00 55.39  ? 12  THR A HG22 1 
ATOM   146  H HG23 . THR A 1 15 ? 2.875   -8.635  5.988   1.00 55.39  ? 12  THR A HG23 1 
ATOM   147  N N    . ILE A 1 16 ? -0.081  -8.010  7.529   1.00 46.01  ? 13  ILE A N    1 
ATOM   148  C CA   . ILE A 1 16 ? -1.552  -8.027  7.270   1.00 42.28  ? 13  ILE A CA   1 
ATOM   149  C C    . ILE A 1 16 ? -1.836  -8.371  5.821   1.00 38.27  ? 13  ILE A C    1 
ATOM   150  O O    . ILE A 1 16 ? -0.982  -8.187  4.940   1.00 50.52  ? 13  ILE A O    1 
ATOM   151  C CB   . ILE A 1 16 ? -2.290  -6.742  7.647   1.00 47.17  ? 13  ILE A CB   1 
ATOM   152  C CG1  . ILE A 1 16 ? -1.837  -5.552  6.802   1.00 40.79  ? 13  ILE A CG1  1 
ATOM   153  C CG2  . ILE A 1 16 ? -2.062  -6.452  9.094   1.00 56.93  ? 13  ILE A CG2  1 
ATOM   154  C CD1  . ILE A 1 16 ? -2.605  -4.262  7.113   1.00 46.03  ? 13  ILE A CD1  1 
ATOM   155  H H    . ILE A 1 16 ? 0.337   -7.380  7.118   1.00 55.21  ? 13  ILE A H    1 
ATOM   156  H HA   . ILE A 1 16 ? -1.941  -8.744  7.813   1.00 50.73  ? 13  ILE A HA   1 
ATOM   157  H HB   . ILE A 1 16 ? -3.240  -6.879  7.505   1.00 56.61  ? 13  ILE A HB   1 
ATOM   158  H HG12 . ILE A 1 16 ? -0.897  -5.388  6.971   1.00 48.94  ? 13  ILE A HG12 1 
ATOM   159  H HG13 . ILE A 1 16 ? -1.974  -5.762  5.865   1.00 48.94  ? 13  ILE A HG13 1 
ATOM   160  H HG21 . ILE A 1 16 ? -2.527  -5.646  9.326   1.00 68.32  ? 13  ILE A HG21 1 
ATOM   161  H HG22 . ILE A 1 16 ? -2.396  -7.186  9.615   1.00 68.32  ? 13  ILE A HG22 1 
ATOM   162  H HG23 . ILE A 1 16 ? -1.120  -6.344  9.245   1.00 68.32  ? 13  ILE A HG23 1 
ATOM   163  H HD11 . ILE A 1 16 ? -2.272  -3.558  6.551   1.00 55.24  ? 13  ILE A HD11 1 
ATOM   164  H HD12 . ILE A 1 16 ? -3.538  -4.404  6.942   1.00 55.24  ? 13  ILE A HD12 1 
ATOM   165  H HD13 . ILE A 1 16 ? -2.472  -4.034  8.036   1.00 55.24  ? 13  ILE A HD13 1 
ATOM   166  N N    . THR A 1 17 ? -2.988  -8.940  5.556   1.00 49.52  ? 14  THR A N    1 
ATOM   167  C CA   . THR A 1 17 ? -3.296  -9.329  4.205   1.00 47.77  ? 14  THR A CA   1 
ATOM   168  C C    . THR A 1 17 ? -4.316  -8.345  3.715   1.00 58.70  ? 14  THR A C    1 
ATOM   169  O O    . THR A 1 17 ? -5.288  -8.048  4.412   1.00 61.24  ? 14  THR A O    1 
ATOM   170  C CB   . THR A 1 17 ? -3.840  -10.750 4.174   1.00 64.30  ? 14  THR A CB   1 
ATOM   171  O OG1  . THR A 1 17 ? -2.840  -11.624 4.702   1.00 65.33  ? 14  THR A OG1  1 
ATOM   172  C CG2  . THR A 1 17 ? -4.176  -11.179 2.760   1.00 65.30  ? 14  THR A CG2  1 
ATOM   173  H H    . THR A 1 17 ? -3.602  -9.112  6.133   1.00 59.42  ? 14  THR A H    1 
ATOM   174  H HA   . THR A 1 17 ? -2.495  -9.274  3.643   1.00 57.32  ? 14  THR A HA   1 
ATOM   175  H HB   . THR A 1 17 ? -4.643  -10.806 4.716   1.00 77.16  ? 14  THR A HB   1 
ATOM   176  H HG1  . THR A 1 17 ? -2.159  -11.577 4.248   1.00 78.40  ? 14  THR A HG1  1 
ATOM   177  H HG21 . THR A 1 17 ? -4.517  -12.077 2.762   1.00 78.37  ? 14  THR A HG21 1 
ATOM   178  H HG22 . THR A 1 17 ? -4.840  -10.595 2.389   1.00 78.37  ? 14  THR A HG22 1 
ATOM   179  H HG23 . THR A 1 17 ? -3.388  -11.147 2.211   1.00 78.37  ? 14  THR A HG23 1 
ATOM   180  N N    . LEU A 1 18 ? -4.074  -7.787  2.543   1.00 58.75  ? 15  LEU A N    1 
ATOM   181  C CA   . LEU A 1 18 ? -5.089  -6.980  1.894   1.00 55.18  ? 15  LEU A CA   1 
ATOM   182  C C    . LEU A 1 18 ? -5.465  -7.702  0.609   1.00 56.69  ? 15  LEU A C    1 
ATOM   183  O O    . LEU A 1 18 ? -4.611  -8.349  -0.016  1.00 67.03  ? 15  LEU A O    1 
ATOM   184  C CB   . LEU A 1 18 ? -4.526  -5.622  1.518   1.00 56.00  ? 15  LEU A CB   1 
ATOM   185  C CG   . LEU A 1 18 ? -3.834  -4.783  2.583   1.00 48.30  ? 15  LEU A CG   1 
ATOM   186  C CD1  . LEU A 1 18 ? -3.401  -3.445  1.939   1.00 51.98  ? 15  LEU A CD1  1 
ATOM   187  C CD2  . LEU A 1 18 ? -4.756  -4.561  3.775   1.00 65.20  ? 15  LEU A CD2  1 
ATOM   188  H H    . LEU A 1 18 ? -3.337  -7.859  2.105   1.00 70.50  ? 15  LEU A H    1 
ATOM   189  H HA   . LEU A 1 18 ? -5.878  -6.873  2.466   1.00 66.21  ? 15  LEU A HA   1 
ATOM   190  H HB2  . LEU A 1 18 ? -3.878  -5.758  0.808   1.00 67.20  ? 15  LEU A HB2  1 
ATOM   191  H HB3  . LEU A 1 18 ? -5.258  -5.086  1.174   1.00 67.20  ? 15  LEU A HB3  1 
ATOM   192  H HG   . LEU A 1 18 ? -3.040  -5.245  2.891   1.00 57.96  ? 15  LEU A HG   1 
ATOM   193  H HD11 . LEU A 1 18 ? -2.963  -2.907  2.603   1.00 62.37  ? 15  LEU A HD11 1 
ATOM   194  H HD12 . LEU A 1 18 ? -2.798  -3.628  1.215   1.00 62.37  ? 15  LEU A HD12 1 
ATOM   195  H HD13 . LEU A 1 18 ? -4.180  -2.990  1.611   1.00 62.37  ? 15  LEU A HD13 1 
ATOM   196  H HD21 . LEU A 1 18 ? -4.295  -4.032  4.430   1.00 78.24  ? 15  LEU A HD21 1 
ATOM   197  H HD22 . LEU A 1 18 ? -5.546  -4.105  3.479   1.00 78.24  ? 15  LEU A HD22 1 
ATOM   198  H HD23 . LEU A 1 18 ? -4.991  -5.414  4.149   1.00 78.24  ? 15  LEU A HD23 1 
ATOM   199  N N    . GLU A 1 19 ? -6.728  -7.604  0.213   1.00 55.18  ? 16  GLU A N    1 
ATOM   200  C CA   . GLU A 1 19 ? -7.136  -8.090  -1.105  1.00 69.22  ? 16  GLU A CA   1 
ATOM   201  C C    . GLU A 1 19 ? -7.516  -6.910  -1.983  1.00 63.63  ? 16  GLU A C    1 
ATOM   202  O O    . GLU A 1 19 ? -8.423  -6.156  -1.672  1.00 52.17  ? 16  GLU A O    1 
ATOM   203  C CB   . GLU A 1 19 ? -8.297  -9.072  -0.975  1.00 69.04  ? 16  GLU A CB   1 
ATOM   204  C CG   . GLU A 1 19 ? -8.507  -9.972  -2.176  1.00 80.93  ? 16  GLU A CG   1 
ATOM   205  C CD   . GLU A 1 19 ? -9.709  -10.881 -2.001  1.00 87.65  ? 16  GLU A CD   1 
ATOM   206  O OE1  . GLU A 1 19 ? -10.346 -10.835 -0.921  1.00 97.57  ? 16  GLU A OE1  1 
ATOM   207  O OE2  . GLU A 1 19 ? -10.018 -11.643 -2.944  1.00 86.77  ? 16  GLU A OE2  1 
ATOM   208  H H    . GLU A 1 19 ? -7.364  -7.263  0.681   1.00 66.22  ? 16  GLU A H    1 
ATOM   209  H HA   . GLU A 1 19 ? -6.384  -8.557  -1.524  1.00 83.07  ? 16  GLU A HA   1 
ATOM   210  H HB2  . GLU A 1 19 ? -8.137  -9.641  -0.208  1.00 82.85  ? 16  GLU A HB2  1 
ATOM   211  H HB3  . GLU A 1 19 ? -9.115  -8.567  -0.841  1.00 82.85  ? 16  GLU A HB3  1 
ATOM   212  H HG2  . GLU A 1 19 ? -8.654  -9.424  -2.963  1.00 97.12  ? 16  GLU A HG2  1 
ATOM   213  H HG3  . GLU A 1 19 ? -7.722  -10.528 -2.298  1.00 97.12  ? 16  GLU A HG3  1 
ATOM   214  N N    . VAL A 1 20 ? -6.814  -6.773  -3.098  1.00 55.29  ? 17  VAL A N    1 
ATOM   215  C CA   . VAL A 1 20 ? -6.809  -5.526  -3.832  1.00 44.55  ? 17  VAL A CA   1 
ATOM   216  C C    . VAL A 1 20 ? -7.020  -5.812  -5.287  1.00 63.20  ? 17  VAL A C    1 
ATOM   217  O O    . VAL A 1 20 ? -6.744  -6.914  -5.750  1.00 71.81  ? 17  VAL A O    1 
ATOM   218  C CB   . VAL A 1 20 ? -5.451  -4.814  -3.635  1.00 53.07  ? 17  VAL A CB   1 
ATOM   219  C CG1  . VAL A 1 20 ? -5.220  -4.530  -2.164  1.00 51.93  ? 17  VAL A CG1  1 
ATOM   220  C CG2  . VAL A 1 20 ? -4.326  -5.653  -4.202  1.00 47.84  ? 17  VAL A CG2  1 
ATOM   221  H H    . VAL A 1 20 ? -6.330  -7.392  -3.448  1.00 66.35  ? 17  VAL A H    1 
ATOM   222  H HA   . VAL A 1 20 ? -7.527  -4.942  -3.510  1.00 53.46  ? 17  VAL A HA   1 
ATOM   223  H HB   . VAL A 1 20 ? -5.465  -3.959  -4.113  1.00 63.68  ? 17  VAL A HB   1 
ATOM   224  H HG11 . VAL A 1 20 ? -4.373  -4.088  -2.060  1.00 62.32  ? 17  VAL A HG11 1 
ATOM   225  H HG12 . VAL A 1 20 ? -5.925  -3.965  -1.840  1.00 62.32  ? 17  VAL A HG12 1 
ATOM   226  H HG13 . VAL A 1 20 ? -5.217  -5.361  -1.682  1.00 62.32  ? 17  VAL A HG13 1 
ATOM   227  H HG21 . VAL A 1 20 ? -3.494  -5.191  -4.069  1.00 57.41  ? 17  VAL A HG21 1 
ATOM   228  H HG22 . VAL A 1 20 ? -4.308  -6.498  -3.749  1.00 57.41  ? 17  VAL A HG22 1 
ATOM   229  H HG23 . VAL A 1 20 ? -4.479  -5.788  -5.140  1.00 57.41  ? 17  VAL A HG23 1 
ATOM   230  N N    . GLU A 1 21 ? -7.508  -4.828  -6.017  1.00 48.17  ? 18  GLU A N    1 
ATOM   231  C CA   . GLU A 1 21 ? -7.463  -4.901  -7.457  1.00 62.67  ? 18  GLU A CA   1 
ATOM   232  C C    . GLU A 1 21 ? -6.109  -4.356  -7.878  1.00 53.82  ? 18  GLU A C    1 
ATOM   233  O O    . GLU A 1 21 ? -5.584  -3.415  -7.259  1.00 55.70  ? 18  GLU A O    1 
ATOM   234  C CB   . GLU A 1 21 ? -8.585  -4.080  -8.086  1.00 61.54  ? 18  GLU A CB   1 
ATOM   235  C CG   . GLU A 1 21 ? -9.978  -4.440  -7.599  1.00 69.03  ? 18  GLU A CG   1 
ATOM   236  C CD   . GLU A 1 21 ? -10.267 -5.917  -7.717  1.00 69.94  ? 18  GLU A CD   1 
ATOM   237  O OE1  . GLU A 1 21 ? -10.612 -6.374  -8.827  1.00 73.91  ? 18  GLU A OE1  1 
ATOM   238  O OE2  . GLU A 1 21 ? -10.148 -6.624  -6.694  1.00 79.72  ? 18  GLU A OE2  1 
ATOM   239  H H    . GLU A 1 21 ? -7.867  -4.113  -5.704  1.00 57.81  ? 18  GLU A H    1 
ATOM   240  H HA   . GLU A 1 21 ? -7.542  -5.831  -7.752  1.00 75.21  ? 18  GLU A HA   1 
ATOM   241  H HB2  . GLU A 1 21 ? -8.436  -3.144  -7.883  1.00 73.85  ? 18  GLU A HB2  1 
ATOM   242  H HB3  . GLU A 1 21 ? -8.566  -4.213  -9.047  1.00 73.85  ? 18  GLU A HB3  1 
ATOM   243  H HG2  . GLU A 1 21 ? -10.062 -4.190  -6.666  1.00 82.84  ? 18  GLU A HG2  1 
ATOM   244  H HG3  . GLU A 1 21 ? -10.634 -3.962  -8.132  1.00 82.84  ? 18  GLU A HG3  1 
ATOM   245  N N    . PRO A 1 22 ? -5.539  -4.943  -8.930  1.00 56.23  ? 19  PRO A N    1 
ATOM   246  C CA   . PRO A 1 22 ? -4.267  -4.550  -9.525  1.00 59.62  ? 19  PRO A CA   1 
ATOM   247  C C    . PRO A 1 22 ? -4.235  -3.065  -9.800  1.00 53.74  ? 19  PRO A C    1 
ATOM   248  O O    . PRO A 1 22 ? -3.168  -2.462  -9.789  1.00 64.89  ? 19  PRO A O    1 
ATOM   249  C CB   . PRO A 1 22 ? -4.235  -5.340  -10.836 1.00 63.49  ? 19  PRO A CB   1 
ATOM   250  C CG   . PRO A 1 22 ? -5.061  -6.518  -10.572 1.00 67.12  ? 19  PRO A CG   1 
ATOM   251  C CD   . PRO A 1 22 ? -6.142  -6.080  -9.632  1.00 61.81  ? 19  PRO A CD   1 
ATOM   252  H HA   . PRO A 1 22 ? -3.513  -4.807  -8.955  1.00 71.55  ? 19  PRO A HA   1 
ATOM   253  H HB2  . PRO A 1 22 ? -4.614  -4.806  -11.551 1.00 76.19  ? 19  PRO A HB2  1 
ATOM   254  H HB3  . PRO A 1 22 ? -3.322  -5.597  -11.042 1.00 76.19  ? 19  PRO A HB3  1 
ATOM   255  H HG2  . PRO A 1 22 ? -5.445  -6.837  -11.404 1.00 80.54  ? 19  PRO A HG2  1 
ATOM   256  H HG3  . PRO A 1 22 ? -4.517  -7.210  -10.162 1.00 80.54  ? 19  PRO A HG3  1 
ATOM   257  H HD2  . PRO A 1 22 ? -6.927  -5.795  -10.127 1.00 74.17  ? 19  PRO A HD2  1 
ATOM   258  H HD3  . PRO A 1 22 ? -6.355  -6.789  -9.006  1.00 74.17  ? 19  PRO A HD3  1 
ATOM   259  N N    . ASN A 1 23 ? -5.402  -2.464  -10.020 1.00 50.96  ? 20  ASN A N    1 
ATOM   260  C CA   . ASN A 1 23 ? -5.444  -1.050  -10.341 1.00 49.53  ? 20  ASN A CA   1 
ATOM   261  C C    . ASN A 1 23 ? -5.904  -0.168  -9.185  1.00 47.11  ? 20  ASN A C    1 
ATOM   262  O O    . ASN A 1 23 ? -6.153  1.004   -9.400  1.00 48.03  ? 20  ASN A O    1 
ATOM   263  C CB   . ASN A 1 23 ? -6.335  -0.788  -11.546 1.00 58.80  ? 20  ASN A CB   1 
ATOM   264  C CG   . ASN A 1 23 ? -7.762  -1.211  -11.309 1.00 71.70  ? 20  ASN A CG   1 
ATOM   265  O OD1  . ASN A 1 23 ? -8.029  -2.122  -10.521 1.00 83.54  ? 20  ASN A OD1  1 
ATOM   266  N ND2  . ASN A 1 23 ? -8.697  -0.548  -11.988 1.00 84.38  ? 20  ASN A ND2  1 
ATOM   267  H H    . ASN A 1 23 ? -6.171  -2.849  -9.990  1.00 61.15  ? 20  ASN A H    1 
ATOM   268  H HA   . ASN A 1 23 ? -4.537  -0.764  -10.580 1.00 59.44  ? 20  ASN A HA   1 
ATOM   269  H HB2  . ASN A 1 23 ? -6.331  0.161   -11.743 1.00 70.56  ? 20  ASN A HB2  1 
ATOM   270  H HB3  . ASN A 1 23 ? -5.995  -1.287  -12.306 1.00 70.56  ? 20  ASN A HB3  1 
ATOM   271  H HD21 . ASN A 1 23 ? -8.472  0.083   -12.527 1.00 101.26 ? 20  ASN A HD21 1 
ATOM   272  H HD22 . ASN A 1 23 ? -9.527  -0.752  -11.887 1.00 101.26 ? 20  ASN A HD22 1 
ATOM   273  N N    . ASP A 1 24 ? -6.044  -0.714  -7.980  1.00 41.27  ? 21  ASP A N    1 
ATOM   274  C CA   . ASP A 1 24 ? -6.345  0.136   -6.834  1.00 43.12  ? 21  ASP A CA   1 
ATOM   275  C C    . ASP A 1 24 ? -5.271  1.195   -6.642  1.00 34.77  ? 21  ASP A C    1 
ATOM   276  O O    . ASP A 1 24 ? -4.070  0.928   -6.803  1.00 36.21  ? 21  ASP A O    1 
ATOM   277  C CB   . ASP A 1 24 ? -6.477  -0.674  -5.541  1.00 43.62  ? 21  ASP A CB   1 
ATOM   278  C CG   . ASP A 1 24 ? -7.786  -1.451  -5.438  1.00 52.39  ? 21  ASP A CG   1 
ATOM   279  O OD1  . ASP A 1 24 ? -8.823  -1.051  -6.014  1.00 64.72  ? 21  ASP A OD1  1 
ATOM   280  O OD2  . ASP A 1 24 ? -7.798  -2.455  -4.717  1.00 60.53  ? 21  ASP A OD2  1 
ATOM   281  H H    . ASP A 1 24 ? -5.972  -1.552  -7.802  1.00 49.53  ? 21  ASP A H    1 
ATOM   282  H HA   . ASP A 1 24 ? -7.197  0.594   -6.992  1.00 51.75  ? 21  ASP A HA   1 
ATOM   283  H HB2  . ASP A 1 24 ? -5.748  -1.313  -5.497  1.00 52.34  ? 21  ASP A HB2  1 
ATOM   284  H HB3  . ASP A 1 24 ? -6.431  -0.069  -4.785  1.00 52.34  ? 21  ASP A HB3  1 
ATOM   285  N N    . SER A 1 25 ? -5.703  2.377   -6.220  1.00 31.50  ? 22  SER A N    1 
ATOM   286  C CA   . SER A 1 25 ? -4.777  3.473   -5.966  1.00 29.28  ? 22  SER A CA   1 
ATOM   287  C C    . SER A 1 25 ? -4.042  3.301   -4.659  1.00 28.49  ? 22  SER A C    1 
ATOM   288  O O    . SER A 1 25 ? -4.471  2.603   -3.749  1.00 28.52  ? 22  SER A O    1 
ATOM   289  C CB   . SER A 1 25 ? -5.539  4.783   -5.920  1.00 28.54  ? 22  SER A CB   1 
ATOM   290  O OG   . SER A 1 25 ? -6.312  4.872   -4.771  1.00 31.00  ? 22  SER A OG   1 
ATOM   291  H H    . SER A 1 25 ? -6.528  2.572   -6.073  1.00 37.80  ? 22  SER A H    1 
ATOM   292  H HA   . SER A 1 25 ? -4.119  3.520   -6.691  1.00 35.14  ? 22  SER A HA   1 
ATOM   293  H HB2  . SER A 1 25 ? -4.904  5.517   -5.929  1.00 34.25  ? 22  SER A HB2  1 
ATOM   294  H HB3  . SER A 1 25 ? -6.119  4.838   -6.694  1.00 34.25  ? 22  SER A HB3  1 
ATOM   295  H HG   . SER A 1 25 ? -6.717  5.585   -4.759  1.00 37.20  ? 22  SER A HG   1 
ATOM   296  N N    . ILE A 1 26 ? -2.892  3.948   -4.566  1.00 27.62  ? 23  ILE A N    1 
ATOM   297  C CA   . ILE A 1 26 ? -2.166  3.932   -3.303  1.00 27.00  ? 23  ILE A CA   1 
ATOM   298  C C    . ILE A 1 26 ? -3.056  4.560   -2.204  1.00 27.60  ? 23  ILE A C    1 
ATOM   299  O O    . ILE A 1 26 ? -2.999  4.111   -1.070  1.00 29.42  ? 23  ILE A O    1 
ATOM   300  C CB   . ILE A 1 26 ? -0.845  4.683   -3.434  1.00 29.39  ? 23  ILE A CB   1 
ATOM   301  C CG1  . ILE A 1 26 ? 0.081   3.997   -4.446  1.00 31.16  ? 23  ILE A CG1  1 
ATOM   302  C CG2  . ILE A 1 26 ? -0.192  4.794   -2.070  1.00 30.49  ? 23  ILE A CG2  1 
ATOM   303  C CD1  . ILE A 1 26 ? 0.234   2.519   -4.293  1.00 34.10  ? 23  ILE A CD1  1 
ATOM   304  H H    . ILE A 1 26 ? -2.515  4.391   -5.200  1.00 33.14  ? 23  ILE A H    1 
ATOM   305  H HA   . ILE A 1 26 ? -1.972  3.005   -3.051  1.00 32.40  ? 23  ILE A HA   1 
ATOM   306  H HB   . ILE A 1 26 ? -1.035  5.579   -3.754  1.00 35.27  ? 23  ILE A HB   1 
ATOM   307  H HG12 . ILE A 1 26 ? -0.266  4.161   -5.337  1.00 37.39  ? 23  ILE A HG12 1 
ATOM   308  H HG13 . ILE A 1 26 ? 0.964   4.389   -4.367  1.00 37.39  ? 23  ILE A HG13 1 
ATOM   309  H HG21 . ILE A 1 26 ? 0.638   5.266   -2.159  1.00 36.59  ? 23  ILE A HG21 1 
ATOM   310  H HG22 . ILE A 1 26 ? -0.780  5.272   -1.481  1.00 36.59  ? 23  ILE A HG22 1 
ATOM   311  H HG23 . ILE A 1 26 ? -0.032  3.911   -1.728  1.00 36.59  ? 23  ILE A HG23 1 
ATOM   312  H HD11 . ILE A 1 26 ? 0.830   2.195   -4.973  1.00 40.92  ? 23  ILE A HD11 1 
ATOM   313  H HD12 . ILE A 1 26 ? 0.596   2.332   -3.423  1.00 40.92  ? 23  ILE A HD12 1 
ATOM   314  H HD13 . ILE A 1 26 ? -0.626  2.105   -4.387  1.00 40.92  ? 23  ILE A HD13 1 
ATOM   315  N N    . ASP A 1 27 ? -3.900  5.543   -2.513  1.00 27.66  ? 24  ASP A N    1 
ATOM   316  C CA   . ASP A 1 27 ? -4.867  6.060   -1.515  1.00 27.03  ? 24  ASP A CA   1 
ATOM   317  C C    . ASP A 1 27 ? -5.753  4.931   -0.934  1.00 27.63  ? 24  ASP A C    1 
ATOM   318  O O    . ASP A 1 27 ? -5.990  4.868   0.278   1.00 28.23  ? 24  ASP A O    1 
ATOM   319  C CB   . ASP A 1 27 ? -5.804  7.118   -2.135  1.00 28.86  ? 24  ASP A CB   1 
ATOM   320  C CG   . ASP A 1 27 ? -5.145  8.502   -2.452  1.00 42.39  ? 24  ASP A CG   1 
ATOM   321  O OD1  . ASP A 1 27 ? -4.222  8.987   -1.761  1.00 43.89  ? 24  ASP A OD1  1 
ATOM   322  O OD2  . ASP A 1 27 ? -5.611  9.169   -3.398  1.00 53.70  ? 24  ASP A OD2  1 
ATOM   323  H H    . ASP A 1 27 ? -3.941  5.930   -3.280  1.00 33.19  ? 24  ASP A H    1 
ATOM   324  H HA   . ASP A 1 27 ? -4.377  6.478   -0.776  1.00 32.44  ? 24  ASP A HA   1 
ATOM   325  H HB2  . ASP A 1 27 ? -6.155  6.766   -2.969  1.00 34.63  ? 24  ASP A HB2  1 
ATOM   326  H HB3  . ASP A 1 27 ? -6.536  7.278   -1.519  1.00 34.63  ? 24  ASP A HB3  1 
ATOM   327  N N    . ALA A 1 28 ? -6.223  4.038   -1.811  1.00 27.33  ? 25  ALA A N    1 
ATOM   328  C CA   . ALA A 1 28 ? -7.059  2.924   -1.336  1.00 28.94  ? 25  ALA A CA   1 
ATOM   329  C C    . ALA A 1 28 ? -6.261  1.980   -0.465  1.00 28.70  ? 25  ALA A C    1 
ATOM   330  O O    . ALA A 1 28 ? -6.790  1.472   0.518   1.00 30.85  ? 25  ALA A O    1 
ATOM   331  C CB   . ALA A 1 28 ? -7.645  2.163   -2.478  1.00 29.90  ? 25  ALA A CB   1 
ATOM   332  H H    . ALA A 1 28 ? -6.080  4.050   -2.658  1.00 32.80  ? 25  ALA A H    1 
ATOM   333  H HA   . ALA A 1 28 ? -7.796  3.283   -0.799  1.00 34.73  ? 25  ALA A HA   1 
ATOM   334  H HB1  . ALA A 1 28 ? -8.182  1.447   -2.132  1.00 35.88  ? 25  ALA A HB1  1 
ATOM   335  H HB2  . ALA A 1 28 ? -8.188  2.756   -3.002  1.00 35.88  ? 25  ALA A HB2  1 
ATOM   336  H HB3  . ALA A 1 28 ? -6.934  1.810   -3.015  1.00 35.88  ? 25  ALA A HB3  1 
ATOM   337  N N    . ILE A 1 29 ? -5.006  1.714   -0.796  1.00 29.10  ? 26  ILE A N    1 
ATOM   338  C CA   . ILE A 1 29 ? -4.209  0.788   0.047   1.00 31.33  ? 26  ILE A CA   1 
ATOM   339  C C    . ILE A 1 29 ? -3.961  1.422   1.407   1.00 29.15  ? 26  ILE A C    1 
ATOM   340  O O    . ILE A 1 29 ? -4.092  0.790   2.426   1.00 30.33  ? 26  ILE A O    1 
ATOM   341  C CB   . ILE A 1 29 ? -2.921  0.362   -0.639  1.00 36.34  ? 26  ILE A CB   1 
ATOM   342  C CG1  . ILE A 1 29 ? -3.218  -0.710  -1.709  1.00 42.40  ? 26  ILE A CG1  1 
ATOM   343  C CG2  . ILE A 1 29 ? -1.933  -0.250  0.312   1.00 34.37  ? 26  ILE A CG2  1 
ATOM   344  C CD1  . ILE A 1 29 ? -4.276  -0.436  -2.694  1.00 49.07  ? 26  ILE A CD1  1 
ATOM   345  H H    . ILE A 1 29 ? -4.591  2.036   -1.475  1.00 34.92  ? 26  ILE A H    1 
ATOM   346  H HA   . ILE A 1 29 ? -4.739  -0.023  0.197   1.00 37.60  ? 26  ILE A HA   1 
ATOM   347  H HB   . ILE A 1 29 ? -2.517  1.134   -1.065  1.00 43.61  ? 26  ILE A HB   1 
ATOM   348  H HG12 . ILE A 1 29 ? -2.401  -0.865  -2.210  1.00 50.87  ? 26  ILE A HG12 1 
ATOM   349  H HG13 . ILE A 1 29 ? -3.466  -1.528  -1.250  1.00 50.87  ? 26  ILE A HG13 1 
ATOM   350  H HG21 . ILE A 1 29 ? -1.144  -0.499  -0.175  1.00 41.25  ? 26  ILE A HG21 1 
ATOM   351  H HG22 . ILE A 1 29 ? -1.712  0.394   0.989   1.00 41.25  ? 26  ILE A HG22 1 
ATOM   352  H HG23 . ILE A 1 29 ? -2.328  -1.027  0.715   1.00 41.25  ? 26  ILE A HG23 1 
ATOM   353  H HD11 . ILE A 1 29 ? -4.348  -1.184  -3.291  1.00 58.88  ? 26  ILE A HD11 1 
ATOM   354  H HD12 . ILE A 1 29 ? -5.107  -0.305  -2.231  1.00 58.88  ? 26  ILE A HD12 1 
ATOM   355  H HD13 . ILE A 1 29 ? -4.047  0.356   -3.186  1.00 58.88  ? 26  ILE A HD13 1 
ATOM   356  N N    . LYS A 1 30 ? -3.692  2.723   1.436   1.00 27.68  ? 27  LYS A N    1 
ATOM   357  C CA   . LYS A 1 30 ? -3.526  3.395   2.734   1.00 29.02  ? 27  LYS A CA   1 
ATOM   358  C C    . LYS A 1 30 ? -4.792  3.403   3.573   1.00 27.17  ? 27  LYS A C    1 
ATOM   359  O O    . LYS A 1 30 ? -4.753  3.260   4.769   1.00 29.44  ? 27  LYS A O    1 
ATOM   360  C CB   . LYS A 1 30 ? -3.099  4.820   2.473   1.00 28.84  ? 27  LYS A CB   1 
ATOM   361  C CG   . LYS A 1 30 ? -1.691  4.913   1.967   1.00 32.09  ? 27  LYS A CG   1 
ATOM   362  C CD   . LYS A 1 30 ? -1.250  6.359   2.057   1.00 35.60  ? 27  LYS A CD   1 
ATOM   363  C CE   . LYS A 1 30 ? 0.145   6.566   1.677   1.00 42.11  ? 27  LYS A CE   1 
ATOM   364  N NZ   . LYS A 1 30 ? 0.605   7.937   2.062   1.00 44.48  ? 27  LYS A NZ   1 
ATOM   365  H H    . LYS A 1 30 ? -3.602  3.231   0.747   1.00 33.21  ? 27  LYS A H    1 
ATOM   366  H HA   . LYS A 1 30 ? -2.819  2.948   3.245   1.00 34.83  ? 27  LYS A HA   1 
ATOM   367  H HB2  . LYS A 1 30 ? -3.684  5.208   1.805   1.00 34.60  ? 27  LYS A HB2  1 
ATOM   368  H HB3  . LYS A 1 30 ? -3.156  5.324   3.299   1.00 34.60  ? 27  LYS A HB3  1 
ATOM   369  H HG2  . LYS A 1 30 ? -1.106  4.371   2.519   1.00 38.51  ? 27  LYS A HG2  1 
ATOM   370  H HG3  . LYS A 1 30 ? -1.653  4.630   1.040   1.00 38.51  ? 27  LYS A HG3  1 
ATOM   371  H HD2  . LYS A 1 30 ? -1.803  6.893   1.466   1.00 42.72  ? 27  LYS A HD2  1 
ATOM   372  H HD3  . LYS A 1 30 ? -1.357  6.664   2.972   1.00 42.72  ? 27  LYS A HD3  1 
ATOM   373  H HE2  . LYS A 1 30 ? 0.703   5.917   2.133   1.00 50.53  ? 27  LYS A HE2  1 
ATOM   374  H HE3  . LYS A 1 30 ? 0.235   6.472   0.716   1.00 50.53  ? 27  LYS A HE3  1 
ATOM   375  H HZ1  . LYS A 1 30 ? 1.455   8.051   1.825   1.00 53.38  ? 27  LYS A HZ1  1 
ATOM   376  H HZ2  . LYS A 1 30 ? 0.106   8.551   1.653   1.00 53.38  ? 27  LYS A HZ2  1 
ATOM   377  H HZ3  . LYS A 1 30 ? 0.533   8.046   2.943   1.00 53.38  ? 27  LYS A HZ3  1 
ATOM   378  N N    . ALA A 1 31 ? -5.931  3.543   2.937   1.00 27.49  ? 28  ALA A N    1 
ATOM   379  C CA   . ALA A 1 31 ? -7.186  3.457   3.670   1.00 27.05  ? 28  ALA A CA   1 
ATOM   380  C C    . ALA A 1 31 ? -7.399  2.074   4.288   1.00 26.86  ? 28  ALA A C    1 
ATOM   381  O O    . ALA A 1 31 ? -7.858  1.987   5.429   1.00 28.46  ? 28  ALA A O    1 
ATOM   382  C CB   . ALA A 1 31 ? -8.366  3.868   2.793   1.00 29.32  ? 28  ALA A CB   1 
ATOM   383  H H    . ALA A 1 31 ? -6.014  3.689   2.093   1.00 32.99  ? 28  ALA A H    1 
ATOM   384  H HA   . ALA A 1 31 ? -7.145  4.096   4.412   1.00 32.46  ? 28  ALA A HA   1 
ATOM   385  H HB1  . ALA A 1 31 ? -9.174  3.799   3.305   1.00 35.18  ? 28  ALA A HB1  1 
ATOM   386  H HB2  . ALA A 1 31 ? -8.237  4.774   2.503   1.00 35.18  ? 28  ALA A HB2  1 
ATOM   387  H HB3  . ALA A 1 31 ? -8.408  3.283   2.033   1.00 35.18  ? 28  ALA A HB3  1 
ATOM   388  N N    . LYS A 1 32 ? -7.021  1.008   3.588   1.00 29.36  ? 29  LYS A N    1 
ATOM   389  C CA   . LYS A 1 32 ? -7.161  -0.338  4.120   1.00 30.61  ? 29  LYS A CA   1 
ATOM   390  C C    . LYS A 1 32 ? -6.203  -0.556  5.272   1.00 31.82  ? 29  LYS A C    1 
ATOM   391  O O    . LYS A 1 32 ? -6.525  -1.197  6.271   1.00 35.53  ? 29  LYS A O    1 
ATOM   392  C CB   . LYS A 1 32 ? -6.936  -1.389  3.050   1.00 32.88  ? 29  LYS A CB   1 
ATOM   393  C CG   . LYS A 1 32 ? -8.011  -1.412  2.046   1.00 39.93  ? 29  LYS A CG   1 
ATOM   394  C CD   . LYS A 1 32 ? -7.693  -2.401  0.987   1.00 47.36  ? 29  LYS A CD   1 
ATOM   395  C CE   . LYS A 1 32 ? -8.819  -2.504  0.019   1.00 58.55  ? 29  LYS A CE   1 
ATOM   396  N NZ   . LYS A 1 32 ? -10.032 -2.929  0.731   1.00 67.51  ? 29  LYS A NZ   1 
ATOM   397  H H    . LYS A 1 32 ? -6.680  1.040   2.799   1.00 35.24  ? 29  LYS A H    1 
ATOM   398  H HA   . LYS A 1 32 ? -8.072  -0.449  4.463   1.00 36.74  ? 29  LYS A HA   1 
ATOM   399  H HB2  . LYS A 1 32 ? -6.101  -1.203  2.594   1.00 39.46  ? 29  LYS A HB2  1 
ATOM   400  H HB3  . LYS A 1 32 ? -6.898  -2.264  3.469   1.00 39.46  ? 29  LYS A HB3  1 
ATOM   401  H HG2  . LYS A 1 32 ? -8.846  -1.669  2.468   1.00 47.91  ? 29  LYS A HG2  1 
ATOM   402  H HG3  . LYS A 1 32 ? -8.091  -0.537  1.636   1.00 47.91  ? 29  LYS A HG3  1 
ATOM   403  H HD2  . LYS A 1 32 ? -6.899  -2.117  0.506   1.00 56.83  ? 29  LYS A HD2  1 
ATOM   404  H HD3  . LYS A 1 32 ? -7.552  -3.272  1.389   1.00 56.83  ? 29  LYS A HD3  1 
ATOM   405  H HE2  . LYS A 1 32 ? -8.982  -1.639  -0.386  1.00 70.26  ? 29  LYS A HE2  1 
ATOM   406  H HE3  . LYS A 1 32 ? -8.608  -3.166  -0.658  1.00 70.26  ? 29  LYS A HE3  1 
ATOM   407  H HZ1  . LYS A 1 32 ? -10.712 -2.994  0.160   1.00 81.01  ? 29  LYS A HZ1  1 
ATOM   408  H HZ2  . LYS A 1 32 ? -9.899  -3.721  1.114   1.00 81.01  ? 29  LYS A HZ2  1 
ATOM   409  H HZ3  . LYS A 1 32 ? -10.239 -2.335  1.360   1.00 81.01  ? 29  LYS A HZ3  1 
ATOM   410  N N    . ILE A 1 33 ? -5.007  -0.010  5.166   1.00 31.86  ? 30  ILE A N    1 
ATOM   411  C CA   . ILE A 1 33 ? -4.103  -0.035  6.301   1.00 38.37  ? 30  ILE A CA   1 
ATOM   412  C C    . ILE A 1 33 ? -4.652  0.758   7.489   1.00 32.84  ? 30  ILE A C    1 
ATOM   413  O O    . ILE A 1 33 ? -4.497  0.326   8.644   1.00 38.74  ? 30  ILE A O    1 
ATOM   414  C CB   . ILE A 1 33 ? -2.713  0.487   5.867   1.00 33.61  ? 30  ILE A CB   1 
ATOM   415  C CG1  . ILE A 1 33 ? -2.118  -0.464  4.817   1.00 35.93  ? 30  ILE A CG1  1 
ATOM   416  C CG2  . ILE A 1 33 ? -1.832  0.687   7.046   1.00 38.64  ? 30  ILE A CG2  1 
ATOM   417  C CD1  . ILE A 1 33 ? -0.974  0.081   4.047   1.00 34.58  ? 30  ILE A CD1  1 
ATOM   418  H H    . ILE A 1 33 ? -4.697  0.373   4.462   1.00 38.23  ? 30  ILE A H    1 
ATOM   419  H HA   . ILE A 1 33 ? -3.992  -0.965  6.593   1.00 46.04  ? 30  ILE A HA   1 
ATOM   420  H HB   . ILE A 1 33 ? -2.840  1.350   5.444   1.00 40.33  ? 30  ILE A HB   1 
ATOM   421  H HG12 . ILE A 1 33 ? -1.810  -1.266  5.268   1.00 43.12  ? 30  ILE A HG12 1 
ATOM   422  H HG13 . ILE A 1 33 ? -2.814  -0.696  4.182   1.00 43.12  ? 30  ILE A HG13 1 
ATOM   423  H HG21 . ILE A 1 33 ? -0.978  1.011   6.747   1.00 46.36  ? 30  ILE A HG21 1 
ATOM   424  H HG22 . ILE A 1 33 ? -2.238  1.329   7.634   1.00 46.36  ? 30  ILE A HG22 1 
ATOM   425  H HG23 . ILE A 1 33 ? -1.723  -0.151  7.501   1.00 46.36  ? 30  ILE A HG23 1 
ATOM   426  H HD11 . ILE A 1 33 ? -0.675  -0.583  3.421   1.00 41.49  ? 30  ILE A HD11 1 
ATOM   427  H HD12 . ILE A 1 33 ? -1.261  0.868   3.578   1.00 41.49  ? 30  ILE A HD12 1 
ATOM   428  H HD13 . ILE A 1 33 ? -0.265  0.302   4.655   1.00 41.49  ? 30  ILE A HD13 1 
ATOM   429  N N    . GLN A 1 34 ? -5.285  1.901   7.229   1.00 30.09  ? 31  GLN A N    1 
ATOM   430  C CA   . GLN A 1 34 ? -5.875  2.712   8.285   1.00 32.00  ? 31  GLN A CA   1 
ATOM   431  C C    . GLN A 1 34 ? -6.946  1.939   8.985   1.00 36.65  ? 31  GLN A C    1 
ATOM   432  O O    . GLN A 1 34 ? -7.038  2.023   10.188  1.00 33.41  ? 31  GLN A O    1 
ATOM   433  C CB   . GLN A 1 34 ? -6.424  4.037   7.756   1.00 31.26  ? 31  GLN A CB   1 
ATOM   434  C CG   . GLN A 1 34 ? -7.109  4.911   8.770   1.00 30.81  ? 31  GLN A CG   1 
ATOM   435  C CD   . GLN A 1 34 ? -8.559  4.518   8.978   1.00 32.77  ? 31  GLN A CD   1 
ATOM   436  O OE1  . GLN A 1 34 ? -9.207  3.997   8.056   1.00 32.56  ? 31  GLN A OE1  1 
ATOM   437  N NE2  . GLN A 1 34 ? -9.097  4.803   10.149  1.00 37.46  ? 31  GLN A NE2  1 
ATOM   438  H H    . GLN A 1 34 ? -5.386  2.229   6.440   1.00 36.11  ? 31  GLN A H    1 
ATOM   439  H HA   . GLN A 1 34 ? -5.180  2.921   8.945   1.00 38.41  ? 31  GLN A HA   1 
ATOM   440  H HB2  . GLN A 1 34 ? -5.687  4.548   7.385   1.00 37.51  ? 31  GLN A HB2  1 
ATOM   441  H HB3  . GLN A 1 34 ? -7.067  3.844   7.057   1.00 37.51  ? 31  GLN A HB3  1 
ATOM   442  H HG2  . GLN A 1 34 ? -6.650  4.831   9.621   1.00 36.97  ? 31  GLN A HG2  1 
ATOM   443  H HG3  . GLN A 1 34 ? -7.087  5.831   8.464   1.00 36.97  ? 31  GLN A HG3  1 
ATOM   444  H HE21 . GLN A 1 34 ? -8.627  5.195   10.753  1.00 44.96  ? 31  GLN A HE21 1 
ATOM   445  H HE22 . GLN A 1 34 ? -9.916  4.597   10.306  1.00 44.96  ? 31  GLN A HE22 1 
ATOM   446  N N    . GLU A 1 35 ? -7.731  1.165   8.242   1.00 31.18  ? 32  GLU A N    1 
ATOM   447  C CA   . GLU A 1 35 ? -8.812  0.395   8.877   1.00 33.81  ? 32  GLU A CA   1 
ATOM   448  C C    . GLU A 1 35 ? -8.278  -0.663  9.832   1.00 36.95  ? 32  GLU A C    1 
ATOM   449  O O    . GLU A 1 35 ? -8.870  -0.935  10.888  1.00 42.51  ? 32  GLU A O    1 
ATOM   450  C CB   . GLU A 1 35 ? -9.707  -0.223  7.811   1.00 36.16  ? 32  GLU A CB   1 
ATOM   451  C CG   . GLU A 1 35 ? -10.527 0.817   7.070   1.00 36.15  ? 32  GLU A CG   1 
ATOM   452  C CD   . GLU A 1 35 ? -11.304 0.256   5.900   1.00 35.19  ? 32  GLU A CD   1 
ATOM   453  O OE1  . GLU A 1 35 ? -10.761 -0.631  5.209   1.00 37.32  ? 32  GLU A OE1  1 
ATOM   454  O OE2  . GLU A 1 35 ? -12.443 0.689   5.680   1.00 34.66  ? 32  GLU A OE2  1 
ATOM   455  H H    . GLU A 1 35 ? -7.667  1.066   7.390   1.00 37.42  ? 32  GLU A H    1 
ATOM   456  H HA   . GLU A 1 35 ? -9.363  1.012   9.403   1.00 40.57  ? 32  GLU A HA   1 
ATOM   457  H HB2  . GLU A 1 35 ? -9.154  -0.688  7.164   1.00 43.39  ? 32  GLU A HB2  1 
ATOM   458  H HB3  . GLU A 1 35 ? -10.319 -0.845  8.233   1.00 43.39  ? 32  GLU A HB3  1 
ATOM   459  H HG2  . GLU A 1 35 ? -11.163 1.213   7.687   1.00 43.38  ? 32  GLU A HG2  1 
ATOM   460  H HG3  . GLU A 1 35 ? -9.930  1.502   6.729   1.00 43.38  ? 32  GLU A HG3  1 
ATOM   461  N N    . LYS A 1 36 ? -7.124  -1.237  9.489   1.00 36.90  ? 33  LYS A N    1 
ATOM   462  C CA   . LYS A 1 36 ? -6.562  -2.321  10.261  1.00 42.82  ? 33  LYS A CA   1 
ATOM   463  C C    . LYS A 1 36 ? -5.636  -1.823  11.371  1.00 42.34  ? 33  LYS A C    1 
ATOM   464  O O    . LYS A 1 36 ? -5.655  -2.364  12.464  1.00 45.23  ? 33  LYS A O    1 
ATOM   465  C CB   . LYS A 1 36 ? -5.863  -3.332  9.338   1.00 47.21  ? 33  LYS A CB   1 
ATOM   466  C CG   . LYS A 1 36 ? -6.854  -4.100  8.478   1.00 56.09  ? 33  LYS A CG   1 
ATOM   467  C CD   . LYS A 1 36 ? -6.299  -5.389  7.923   1.00 52.36  ? 33  LYS A CD   1 
ATOM   468  C CE   . LYS A 1 36 ? -7.329  -6.088  7.054   1.00 55.90  ? 33  LYS A CE   1 
ATOM   469  N NZ   . LYS A 1 36 ? -6.803  -7.351  6.455   1.00 67.95  ? 33  LYS A NZ   1 
ATOM   470  H H    . LYS A 1 36 ? -6.653  -1.009  8.807   1.00 44.28  ? 33  LYS A H    1 
ATOM   471  H HA   . LYS A 1 36 ? -7.300  -2.795  10.697  1.00 51.39  ? 33  LYS A HA   1 
ATOM   472  H HB2  . LYS A 1 36 ? -5.255  -2.858  8.750   1.00 56.65  ? 33  LYS A HB2  1 
ATOM   473  H HB3  . LYS A 1 36 ? -5.375  -3.972  9.880   1.00 56.65  ? 33  LYS A HB3  1 
ATOM   474  H HG2  . LYS A 1 36 ? -7.632  -4.317  9.014   1.00 67.31  ? 33  LYS A HG2  1 
ATOM   475  H HG3  . LYS A 1 36 ? -7.116  -3.541  7.728   1.00 67.31  ? 33  LYS A HG3  1 
ATOM   476  H HD2  . LYS A 1 36 ? -5.519  -5.196  7.380   1.00 62.83  ? 33  LYS A HD2  1 
ATOM   477  H HD3  . LYS A 1 36 ? -6.065  -5.980  8.655   1.00 62.83  ? 33  LYS A HD3  1 
ATOM   478  H HE2  . LYS A 1 36 ? -8.103  -6.310  7.594   1.00 67.09  ? 33  LYS A HE2  1 
ATOM   479  H HE3  . LYS A 1 36 ? -7.587  -5.496  6.329   1.00 67.09  ? 33  LYS A HE3  1 
ATOM   480  H HZ1  . LYS A 1 36 ? -7.429  -7.735  5.953   1.00 81.54  ? 33  LYS A HZ1  1 
ATOM   481  H HZ2  . LYS A 1 36 ? -6.094  -7.175  5.948   1.00 81.54  ? 33  LYS A HZ2  1 
ATOM   482  H HZ3  . LYS A 1 36 ? -6.563  -7.915  7.100   1.00 81.54  ? 33  LYS A HZ3  1 
ATOM   483  N N    . GLU A 1 37 ? -4.900  -0.747  11.111  1.00 45.61  ? 34  GLU A N    1 
ATOM   484  C CA   . GLU A 1 37 ? -3.817  -0.323  11.975  1.00 45.34  ? 34  GLU A CA   1 
ATOM   485  C C    . GLU A 1 37 ? -4.098  0.979   12.716  1.00 41.60  ? 34  GLU A C    1 
ATOM   486  O O    . GLU A 1 37 ? -3.374  1.342   13.612  1.00 49.64  ? 34  GLU A O    1 
ATOM   487  C CB   . GLU A 1 37 ? -2.555  -0.113  11.121  1.00 46.44  ? 34  GLU A CB   1 
ATOM   488  C CG   . GLU A 1 37 ? -1.973  -1.323  10.503  1.00 55.27  ? 34  GLU A CG   1 
ATOM   489  C CD   . GLU A 1 37 ? -0.791  -1.748  11.300  1.00 71.30  ? 34  GLU A CD   1 
ATOM   490  O OE1  . GLU A 1 37 ? -0.888  -2.783  11.991  1.00 76.61  ? 34  GLU A OE1  1 
ATOM   491  O OE2  . GLU A 1 37 ? 0.203   -0.995  11.283  1.00 80.37  ? 34  GLU A OE2  1 
ATOM   492  H H    . GLU A 1 37 ? -5.015  -0.241  10.426  1.00 54.74  ? 34  GLU A H    1 
ATOM   493  H HA   . GLU A 1 37 ? -3.633  -1.023  12.636  1.00 54.40  ? 34  GLU A HA   1 
ATOM   494  H HB2  . GLU A 1 37 ? -2.772  0.501   10.403  1.00 55.73  ? 34  GLU A HB2  1 
ATOM   495  H HB3  . GLU A 1 37 ? -1.869  0.280   11.683  1.00 55.73  ? 34  GLU A HB3  1 
ATOM   496  H HG2  . GLU A 1 37 ? -2.627  -2.040  10.505  1.00 66.32  ? 34  GLU A HG2  1 
ATOM   497  H HG3  . GLU A 1 37 ? -1.685  -1.122  9.599   1.00 66.32  ? 34  GLU A HG3  1 
ATOM   498  N N    . GLY A 1 38 ? -5.071  1.730   12.202  1.00 38.74  ? 35  GLY A N    1 
ATOM   499  C CA   . GLY A 1 38 ? -5.474  3.003   12.791  1.00 44.72  ? 35  GLY A CA   1 
ATOM   500  C C    . GLY A 1 38 ? -4.608  4.196   12.401  1.00 39.87  ? 35  GLY A C    1 
ATOM   501  O O    . GLY A 1 38 ? -4.882  5.324   12.839  1.00 40.71  ? 35  GLY A O    1 
ATOM   502  H H    . GLY A 1 38 ? -5.521  1.518   11.499  1.00 46.48  ? 35  GLY A H    1 
ATOM   503  H HA2  . GLY A 1 38 ? -6.387  3.198   12.525  1.00 53.67  ? 35  GLY A HA2  1 
ATOM   504  H HA3  . GLY A 1 38 ? -5.455  2.922   13.757  1.00 53.67  ? 35  GLY A HA3  1 
ATOM   505  N N    . ILE A 1 39 ? -3.619  3.974   11.528  1.00 38.45  ? 36  ILE A N    1 
ATOM   506  C CA   . ILE A 1 39 ? -2.719  5.036   11.069  1.00 36.41  ? 36  ILE A CA   1 
ATOM   507  C C    . ILE A 1 39 ? -3.369  5.869   9.968   1.00 41.37  ? 36  ILE A C    1 
ATOM   508  O O    . ILE A 1 39 ? -3.760  5.336   8.957   1.00 34.90  ? 36  ILE A O    1 
ATOM   509  C CB   . ILE A 1 39 ? -1.389  4.453   10.550  1.00 35.80  ? 36  ILE A CB   1 
ATOM   510  C CG1  . ILE A 1 39 ? -0.809  3.488   11.572  1.00 39.08  ? 36  ILE A CG1  1 
ATOM   511  C CG2  . ILE A 1 39 ? -0.438  5.555   10.234  1.00 41.91  ? 36  ILE A CG2  1 
ATOM   512  C CD1  . ILE A 1 39 ? 0.228   2.640   10.895  1.00 45.20  ? 36  ILE A CD1  1 
ATOM   513  H H    . ILE A 1 39 ? -3.448  3.205   11.181  1.00 46.13  ? 36  ILE A H    1 
ATOM   514  H HA   . ILE A 1 39 ? -2.517  5.630   11.822  1.00 43.69  ? 36  ILE A HA   1 
ATOM   515  H HB   . ILE A 1 39 ? -1.569  3.961   9.734   1.00 42.96  ? 36  ILE A HB   1 
ATOM   516  H HG12 . ILE A 1 39 ? -0.388  3.985   12.291  1.00 46.90  ? 36  ILE A HG12 1 
ATOM   517  H HG13 . ILE A 1 39 ? -1.509  2.912   11.914  1.00 46.90  ? 36  ILE A HG13 1 
ATOM   518  H HG21 . ILE A 1 39 ? 0.383   5.176   9.913   1.00 50.30  ? 36  ILE A HG21 1 
ATOM   519  H HG22 . ILE A 1 39 ? -0.824  6.118   9.560   1.00 50.30  ? 36  ILE A HG22 1 
ATOM   520  H HG23 . ILE A 1 39 ? -0.273  6.065   11.031  1.00 50.30  ? 36  ILE A HG23 1 
ATOM   521  H HD11 . ILE A 1 39 ? 0.598   2.029   11.536  1.00 54.24  ? 36  ILE A HD11 1 
ATOM   522  H HD12 . ILE A 1 39 ? -0.185  2.153   10.178  1.00 54.24  ? 36  ILE A HD12 1 
ATOM   523  H HD13 . ILE A 1 39 ? 0.919   3.210   10.548  1.00 54.24  ? 36  ILE A HD13 1 
ATOM   524  N N    . PRO A 1 40 ? -3.446  7.201   10.154  1.00 36.47  ? 37  PRO A N    1 
ATOM   525  C CA   . PRO A 1 40 ? -4.059  8.012   9.095   1.00 38.86  ? 37  PRO A CA   1 
ATOM   526  C C    . PRO A 1 40 ? -3.243  7.944   7.845   1.00 34.19  ? 37  PRO A C    1 
ATOM   527  O O    . PRO A 1 40 ? -2.025  7.917   7.908   1.00 39.85  ? 37  PRO A O    1 
ATOM   528  C CB   . PRO A 1 40 ? -4.007  9.429   9.643   1.00 38.15  ? 37  PRO A CB   1 
ATOM   529  C CG   . PRO A 1 40 ? -3.903  9.269   11.142  1.00 43.10  ? 37  PRO A CG   1 
ATOM   530  C CD   . PRO A 1 40 ? -3.151  7.977   11.377  1.00 45.52  ? 37  PRO A CD   1 
ATOM   531  H HA   . PRO A 1 40 ? -4.986  7.741   8.922   1.00 46.63  ? 37  PRO A HA   1 
ATOM   532  H HB2  . PRO A 1 40 ? -3.228  9.886   9.291   1.00 45.78  ? 37  PRO A HB2  1 
ATOM   533  H HB3  . PRO A 1 40 ? -4.820  9.900   9.405   1.00 45.78  ? 37  PRO A HB3  1 
ATOM   534  H HG2  . PRO A 1 40 ? -3.413  10.020  11.514  1.00 51.71  ? 37  PRO A HG2  1 
ATOM   535  H HG3  . PRO A 1 40 ? -4.792  9.219   11.526  1.00 51.71  ? 37  PRO A HG3  1 
ATOM   536  H HD2  . PRO A 1 40 ? -2.198  8.146   11.450  1.00 54.63  ? 37  PRO A HD2  1 
ATOM   537  H HD3  . PRO A 1 40 ? -3.495  7.521   12.160  1.00 54.63  ? 37  PRO A HD3  1 
ATOM   538  N N    . PRO A 1 41 ? -3.913  7.944   6.706   1.00 30.46  ? 38  PRO A N    1 
ATOM   539  C CA   . PRO A 1 41 ? -3.139  7.771   5.462   1.00 33.69  ? 38  PRO A CA   1 
ATOM   540  C C    . PRO A 1 41 ? -1.977  8.759   5.316   1.00 42.33  ? 38  PRO A C    1 
ATOM   541  O O    . PRO A 1 41 ? -0.886  8.399   4.825   1.00 37.06  ? 38  PRO A O    1 
ATOM   542  C CB   . PRO A 1 41 ? -4.153  8.048   4.408   1.00 28.79  ? 38  PRO A CB   1 
ATOM   543  C CG   . PRO A 1 41 ? -5.400  7.564   4.962   1.00 28.44  ? 38  PRO A CG   1 
ATOM   544  C CD   . PRO A 1 41 ? -5.346  7.859   6.448   1.00 29.89  ? 38  PRO A CD   1 
ATOM   545  H HA   . PRO A 1 41 ? -2.811  6.851   5.377   1.00 40.43  ? 38  PRO A HA   1 
ATOM   546  H HB2  . PRO A 1 41 ? -4.199  9.001   4.240   1.00 34.55  ? 38  PRO A HB2  1 
ATOM   547  H HB3  . PRO A 1 41 ? -3.926  7.564   3.599   1.00 34.55  ? 38  PRO A HB3  1 
ATOM   548  H HG2  . PRO A 1 41 ? -6.141  8.034   4.550   1.00 34.13  ? 38  PRO A HG2  1 
ATOM   549  H HG3  . PRO A 1 41 ? -5.475  6.609   4.808   1.00 34.13  ? 38  PRO A HG3  1 
ATOM   550  H HD2  . PRO A 1 41 ? -5.777  8.705   6.642   1.00 35.87  ? 38  PRO A HD2  1 
ATOM   551  H HD3  . PRO A 1 41 ? -5.740  7.131   6.954   1.00 35.87  ? 38  PRO A HD3  1 
ATOM   552  N N    . ASP A 1 42 ? -2.198  9.991   5.753   1.00 37.00  ? 39  ASP A N    1 
ATOM   553  C CA   . ASP A 1 42 ? -1.154  11.002  5.682   1.00 45.57  ? 39  ASP A CA   1 
ATOM   554  C C    . ASP A 1 42 ? 0.051   10.717  6.550   1.00 42.24  ? 39  ASP A C    1 
ATOM   555  O O    . ASP A 1 42 ? 1.088   11.334  6.365   1.00 48.40  ? 39  ASP A O    1 
ATOM   556  C CB   . ASP A 1 42 ? -1.726  12.376  5.974   1.00 40.91  ? 39  ASP A CB   1 
ATOM   557  C CG   . ASP A 1 42 ? -2.546  12.923  4.808   1.00 51.75  ? 39  ASP A CG   1 
ATOM   558  O OD1  . ASP A 1 42 ? -2.600  12.295  3.719   1.00 46.34  ? 39  ASP A OD1  1 
ATOM   559  O OD2  . ASP A 1 42 ? -3.118  14.017  4.962   1.00 50.02  ? 39  ASP A OD2  1 
ATOM   560  H H    . ASP A 1 42 ? -2.939  10.266  6.092   1.00 44.40  ? 39  ASP A H    1 
ATOM   561  H HA   . ASP A 1 42 ? -0.830  11.025  4.758   1.00 54.69  ? 39  ASP A HA   1 
ATOM   562  H HB2  . ASP A 1 42 ? -2.305  12.322  6.750   1.00 49.09  ? 39  ASP A HB2  1 
ATOM   563  H HB3  . ASP A 1 42 ? -0.997  12.993  6.144   1.00 49.09  ? 39  ASP A HB3  1 
ATOM   564  N N    . GLN A 1 43 ? -0.080  9.770   7.474   1.00 39.98  ? 40  GLN A N    1 
ATOM   565  C CA   . GLN A 1 43 ? 1.045   9.374   8.301   1.00 43.55  ? 40  GLN A CA   1 
ATOM   566  C C    . GLN A 1 43 ? 1.675   8.070   7.856   1.00 46.59  ? 40  GLN A C    1 
ATOM   567  O O    . GLN A 1 43 ? 2.500   7.511   8.598   1.00 48.31  ? 40  GLN A O    1 
ATOM   568  C CB   . GLN A 1 43 ? 0.619   9.166   9.764   1.00 42.47  ? 40  GLN A CB   1 
ATOM   569  C CG   . GLN A 1 43 ? 0.123   10.383  10.524  1.00 40.15  ? 40  GLN A CG   1 
ATOM   570  C CD   . GLN A 1 43 ? 0.982   11.622  10.333  1.00 63.74  ? 40  GLN A CD   1 
ATOM   571  O OE1  . GLN A 1 43 ? 2.213   11.559  10.399  1.00 63.45  ? 40  GLN A OE1  1 
ATOM   572  N NE2  . GLN A 1 43 ? 0.330   12.760  10.078  1.00 60.99  ? 40  GLN A NE2  1 
ATOM   573  H H    . GLN A 1 43 ? -0.810  9.346   7.641   1.00 47.97  ? 40  GLN A H    1 
ATOM   574  H HA   . GLN A 1 43 ? 1.731   10.075  8.275   1.00 52.27  ? 40  GLN A HA   1 
ATOM   575  H HB2  . GLN A 1 43 ? -0.095  8.510   9.778   1.00 50.96  ? 40  GLN A HB2  1 
ATOM   576  H HB3  . GLN A 1 43 ? 1.381   8.817   10.252  1.00 50.96  ? 40  GLN A HB3  1 
ATOM   577  H HG2  . GLN A 1 43 ? -0.774  10.596  10.221  1.00 48.18  ? 40  GLN A HG2  1 
ATOM   578  H HG3  . GLN A 1 43 ? 0.108   10.176  11.471  1.00 48.18  ? 40  GLN A HG3  1 
ATOM   579  H HE21 . GLN A 1 43 ? -0.529  12.763  10.030  1.00 73.19  ? 40  GLN A HE21 1 
ATOM   580  H HE22 . GLN A 1 43 ? 0.768   13.490  9.961   1.00 73.19  ? 40  GLN A HE22 1 
ATOM   581  N N    . GLN A 1 44 ? 1.298   7.569   6.679   1.00 42.21  ? 41  GLN A N    1 
ATOM   582  C CA   . GLN A 1 44 ? 1.879   6.342   6.183   1.00 44.05  ? 41  GLN A CA   1 
ATOM   583  C C    . GLN A 1 44 ? 2.798   6.644   5.029   1.00 39.29  ? 41  GLN A C    1 
ATOM   584  O O    . GLN A 1 44 ? 2.430   7.374   4.109   1.00 48.76  ? 41  GLN A O    1 
ATOM   585  C CB   . GLN A 1 44 ? 0.820   5.403   5.637   1.00 35.17  ? 41  GLN A CB   1 
ATOM   586  C CG   . GLN A 1 44 ? -0.240  5.022   6.639   1.00 41.13  ? 41  GLN A CG   1 
ATOM   587  C CD   . GLN A 1 44 ? -1.318  4.199   5.984   1.00 35.28  ? 41  GLN A CD   1 
ATOM   588  O OE1  . GLN A 1 44 ? -1.067  3.549   4.982   1.00 31.60  ? 41  GLN A OE1  1 
ATOM   589  N NE2  . GLN A 1 44 ? -2.544  4.289   6.479   1.00 34.51  ? 41  GLN A NE2  1 
ATOM   590  H H    . GLN A 1 44 ? 0.711   7.922   6.160   1.00 50.65  ? 41  GLN A H    1 
ATOM   591  H HA   . GLN A 1 44 ? 2.383   5.888   6.891   1.00 52.87  ? 41  GLN A HA   1 
ATOM   592  H HB2  . GLN A 1 44 ? 0.378   5.835   4.889   1.00 42.20  ? 41  GLN A HB2  1 
ATOM   593  H HB3  . GLN A 1 44 ? 1.251   4.588   5.337   1.00 42.20  ? 41  GLN A HB3  1 
ATOM   594  H HG2  . GLN A 1 44 ? 0.160   4.494   7.348   1.00 49.36  ? 41  GLN A HG2  1 
ATOM   595  H HG3  . GLN A 1 44 ? -0.645  5.825   7.003   1.00 49.36  ? 41  GLN A HG3  1 
ATOM   596  H HE21 . GLN A 1 44 ? -2.701  4.804   7.150   1.00 41.41  ? 41  GLN A HE21 1 
ATOM   597  H HE22 . GLN A 1 44 ? -3.183  3.832   6.129   1.00 41.41  ? 41  GLN A HE22 1 
ATOM   598  N N    . ARG A 1 45 ? 3.974   6.053   5.102   1.00 49.55  ? 42  ARG A N    1 
ATOM   599  C CA   . ARG A 1 45 ? 4.950   6.058   4.021   1.00 50.97  ? 42  ARG A CA   1 
ATOM   600  C C    . ARG A 1 45 ? 5.030   4.609   3.590   1.00 52.52  ? 42  ARG A C    1 
ATOM   601  O O    . ARG A 1 45 ? 5.319   3.744   4.408   1.00 56.13  ? 42  ARG A O    1 
ATOM   602  C CB   . ARG A 1 45 ? 6.280   6.575   4.570   1.00 51.82  ? 42  ARG A CB   1 
ATOM   603  C CG   . ARG A 1 45 ? 7.439   6.626   3.590   1.00 65.50  ? 42  ARG A CG   1 
ATOM   604  C CD   . ARG A 1 45 ? 8.693   7.216   4.265   1.00 68.88  ? 42  ARG A CD   1 
ATOM   605  N NE   . ARG A 1 45 ? 9.925   6.596   3.797   1.00 86.09  ? 42  ARG A NE   1 
ATOM   606  C CZ   . ARG A 1 45 ? 11.101  6.717   4.406   1.00 82.17  ? 42  ARG A CZ   1 
ATOM   607  N NH1  . ARG A 1 45 ? 11.206  7.430   5.522   1.00 86.62  ? 42  ARG A NH1  1 
ATOM   608  N NH2  . ARG A 1 45 ? 12.175  6.118   3.904   1.00 72.76  ? 42  ARG A NH2  1 
ATOM   609  H H    . ARG A 1 45 ? 4.245   5.623   5.796   1.00 59.46  ? 42  ARG A H    1 
ATOM   610  H HA   . ARG A 1 45 ? 4.650   6.618   3.275   1.00 61.17  ? 42  ARG A HA   1 
ATOM   611  H HB2  . ARG A 1 45 ? 6.142   7.476   4.901   1.00 62.19  ? 42  ARG A HB2  1 
ATOM   612  H HB3  . ARG A 1 45 ? 6.549   6.001   5.305   1.00 62.19  ? 42  ARG A HB3  1 
ATOM   613  H HG2  . ARG A 1 45 ? 7.647   5.728   3.288   1.00 78.60  ? 42  ARG A HG2  1 
ATOM   614  H HG3  . ARG A 1 45 ? 7.201   7.190   2.838   1.00 78.60  ? 42  ARG A HG3  1 
ATOM   615  H HD2  . ARG A 1 45 ? 8.742   8.165   4.068   1.00 82.65  ? 42  ARG A HD2  1 
ATOM   616  H HD3  . ARG A 1 45 ? 8.633   7.077   5.222   1.00 82.65  ? 42  ARG A HD3  1 
ATOM   617  H HE   . ARG A 1 45 ? 9.890   6.121   3.081   1.00 103.31 ? 42  ARG A HE   1 
ATOM   618  H HH11 . ARG A 1 45 ? 10.513  7.821   5.849   1.00 103.94 ? 42  ARG A HH11 1 
ATOM   619  H HH12 . ARG A 1 45 ? 11.968  7.505   5.914   1.00 103.94 ? 42  ARG A HH12 1 
ATOM   620  H HH21 . ARG A 1 45 ? 12.111  5.653   3.185   1.00 87.31  ? 42  ARG A HH21 1 
ATOM   621  H HH22 . ARG A 1 45 ? 12.935  6.194   4.301   1.00 87.31  ? 42  ARG A HH22 1 
ATOM   622  N N    . LEU A 1 46 ? 4.703   4.338   2.331   1.00 47.71  ? 43  LEU A N    1 
ATOM   623  C CA   . LEU A 1 46 ? 4.672   2.971   1.799   1.00 47.48  ? 43  LEU A CA   1 
ATOM   624  C C    . LEU A 1 46 ? 5.789   2.811   0.830   1.00 52.48  ? 43  LEU A C    1 
ATOM   625  O O    . LEU A 1 46 ? 5.985   3.694   -0.003  1.00 51.24  ? 43  LEU A O    1 
ATOM   626  C CB   . LEU A 1 46 ? 3.371   2.701   1.059   1.00 44.63  ? 43  LEU A CB   1 
ATOM   627  C CG   . LEU A 1 46 ? 2.204   2.447   1.971   1.00 42.32  ? 43  LEU A CG   1 
ATOM   628  C CD1  . LEU A 1 46 ? 0.927   2.306   1.144   1.00 42.82  ? 43  LEU A CD1  1 
ATOM   629  C CD2  . LEU A 1 46 ? 2.445   1.206   2.862   1.00 49.91  ? 43  LEU A CD2  1 
ATOM   630  H H    . LEU A 1 46 ? 4.489   4.937   1.751   1.00 57.25  ? 43  LEU A H    1 
ATOM   631  H HA   . LEU A 1 46 ? 4.775   2.321   2.524   1.00 56.98  ? 43  LEU A HA   1 
ATOM   632  H HB2  . LEU A 1 46 ? 3.156   3.472   0.510   1.00 53.56  ? 43  LEU A HB2  1 
ATOM   633  H HB3  . LEU A 1 46 ? 3.485   1.919   0.497   1.00 53.56  ? 43  LEU A HB3  1 
ATOM   634  H HG   . LEU A 1 46 ? 2.093   3.213   2.556   1.00 50.78  ? 43  LEU A HG   1 
ATOM   635  H HD11 . LEU A 1 46 ? 0.189   2.144   1.736   1.00 51.38  ? 43  LEU A HD11 1 
ATOM   636  H HD12 . LEU A 1 46 ? 0.782   3.118   0.654   1.00 51.38  ? 43  LEU A HD12 1 
ATOM   637  H HD13 . LEU A 1 46 ? 1.029   1.569   0.537   1.00 51.38  ? 43  LEU A HD13 1 
ATOM   638  H HD21 . LEU A 1 46 ? 1.682   1.075   3.429   1.00 59.89  ? 43  LEU A HD21 1 
ATOM   639  H HD22 . LEU A 1 46 ? 2.571   0.438   2.300   1.00 59.89  ? 43  LEU A HD22 1 
ATOM   640  H HD23 . LEU A 1 46 ? 3.230   1.353   3.396   1.00 59.89  ? 43  LEU A HD23 1 
ATOM   641  N N    . ILE A 1 47 ? 6.507   1.698   0.942   1.00 44.20  ? 44  ILE A N    1 
ATOM   642  C CA   . ILE A 1 47 ? 7.656   1.440   0.081   1.00 53.21  ? 44  ILE A CA   1 
ATOM   643  C C    . ILE A 1 47 ? 7.553   0.088   -0.580  1.00 39.81  ? 44  ILE A C    1 
ATOM   644  O O    . ILE A 1 47 ? 7.193   -0.901  0.053   1.00 48.12  ? 44  ILE A O    1 
ATOM   645  C CB   . ILE A 1 47 ? 8.966   1.382   0.879   1.00 52.65  ? 44  ILE A CB   1 
ATOM   646  C CG1  . ILE A 1 47 ? 9.131   2.601   1.775   1.00 60.44  ? 44  ILE A CG1  1 
ATOM   647  C CG2  . ILE A 1 47 ? 10.147  1.279   -0.065  1.00 58.53  ? 44  ILE A CG2  1 
ATOM   648  C CD1  . ILE A 1 47 ? 9.097   3.913   1.031   1.00 67.84  ? 44  ILE A CD1  1 
ATOM   649  H H    . ILE A 1 47 ? 6.350   1.074   1.512   1.00 53.04  ? 44  ILE A H    1 
ATOM   650  H HA   . ILE A 1 47 ? 7.727   2.132   -0.609  1.00 63.86  ? 44  ILE A HA   1 
ATOM   651  H HB   . ILE A 1 47 ? 8.950   0.589   1.438   1.00 63.18  ? 44  ILE A HB   1 
ATOM   652  H HG12 . ILE A 1 47 ? 8.410   2.610   2.425   1.00 72.53  ? 44  ILE A HG12 1 
ATOM   653  H HG13 . ILE A 1 47 ? 9.984   2.541   2.232   1.00 72.53  ? 44  ILE A HG13 1 
ATOM   654  H HG21 . ILE A 1 47 ? 10.956  1.244   0.450   1.00 70.24  ? 44  ILE A HG21 1 
ATOM   655  H HG22 . ILE A 1 47 ? 10.058  0.481   -0.591  1.00 70.24  ? 44  ILE A HG22 1 
ATOM   656  H HG23 . ILE A 1 47 ? 10.157  2.050   -0.637  1.00 70.24  ? 44  ILE A HG23 1 
ATOM   657  H HD11 . ILE A 1 47 ? 9.205   4.631   1.660   1.00 81.41  ? 44  ILE A HD11 1 
ATOM   658  H HD12 . ILE A 1 47 ? 9.811   3.927   0.390   1.00 81.41  ? 44  ILE A HD12 1 
ATOM   659  H HD13 . ILE A 1 47 ? 8.252   3.996   0.583   1.00 81.41  ? 44  ILE A HD13 1 
ATOM   660  N N    . PHE A 1 48 ? 7.926   0.023   -1.854  1.00 45.37  ? 45  PHE A N    1 
ATOM   661  C CA   . PHE A 1 48 ? 8.015   -1.267  -2.472  1.00 40.36  ? 45  PHE A CA   1 
ATOM   662  C C    . PHE A 1 48 ? 9.325   -1.264  -3.238  1.00 44.69  ? 45  PHE A C    1 
ATOM   663  O O    . PHE A 1 48 ? 9.567   -0.390  -4.053  1.00 38.43  ? 45  PHE A O    1 
ATOM   664  C CB   . PHE A 1 48 ? 6.876   -1.510  -3.443  1.00 43.20  ? 45  PHE A CB   1 
ATOM   665  C CG   . PHE A 1 48 ? 7.039   -2.781  -4.217  1.00 42.31  ? 45  PHE A CG   1 
ATOM   666  C CD1  . PHE A 1 48 ? 6.947   -3.982  -3.559  1.00 42.32  ? 45  PHE A CD1  1 
ATOM   667  C CD2  . PHE A 1 48 ? 7.252   -2.773  -5.581  1.00 36.37  ? 45  PHE A CD2  1 
ATOM   668  C CE1  . PHE A 1 48 ? 7.103   -5.174  -4.235  1.00 46.23  ? 45  PHE A CE1  1 
ATOM   669  C CE2  . PHE A 1 48 ? 7.375   -3.941  -6.254  1.00 45.36  ? 45  PHE A CE2  1 
ATOM   670  C CZ   . PHE A 1 48 ? 7.307   -5.155  -5.580  1.00 47.42  ? 45  PHE A CZ   1 
ATOM   671  H H    . PHE A 1 48 ? 8.123   0.692   -2.358  1.00 54.45  ? 45  PHE A H    1 
ATOM   672  H HA   . PHE A 1 48 ? 8.030   -1.974  -1.794  1.00 48.43  ? 45  PHE A HA   1 
ATOM   673  H HB2  . PHE A 1 48 ? 6.044   -1.565  -2.947  1.00 51.84  ? 45  PHE A HB2  1 
ATOM   674  H HB3  . PHE A 1 48 ? 6.838   -0.775  -4.076  1.00 51.84  ? 45  PHE A HB3  1 
ATOM   675  H HD1  . PHE A 1 48 ? 6.811   -3.991  -2.640  1.00 50.78  ? 45  PHE A HD1  1 
ATOM   676  H HD2  . PHE A 1 48 ? 7.301   -1.965  -6.039  1.00 43.65  ? 45  PHE A HD2  1 
ATOM   677  H HE1  . PHE A 1 48 ? 7.043   -5.984  -3.780  1.00 55.48  ? 45  PHE A HE1  1 
ATOM   678  H HE2  . PHE A 1 48 ? 7.528   -3.931  -7.171  1.00 54.43  ? 45  PHE A HE2  1 
ATOM   679  H HZ   . PHE A 1 48 ? 7.403   -5.953  -6.048  1.00 56.90  ? 45  PHE A HZ   1 
ATOM   680  N N    . ALA A 1 49 ? 10.190  -2.218  -2.939  1.00 49.24  ? 46  ALA A N    1 
ATOM   681  C CA   . ALA A 1 49 ? 11.421  -2.366  -3.708  1.00 53.20  ? 46  ALA A CA   1 
ATOM   682  C C    . ALA A 1 49 ? 12.204  -1.058  -3.728  1.00 48.29  ? 46  ALA A C    1 
ATOM   683  O O    . ALA A 1 49 ? 12.837  -0.700  -4.746  1.00 54.52  ? 46  ALA A O    1 
ATOM   684  C CB   . ALA A 1 49 ? 11.040  -2.778  -5.084  1.00 46.81  ? 46  ALA A CB   1 
ATOM   685  H H    . ALA A 1 49 ? 10.093  -2.790  -2.304  1.00 59.08  ? 46  ALA A H    1 
ATOM   686  H HA   . ALA A 1 49 ? 11.980  -3.066  -3.310  1.00 63.84  ? 46  ALA A HA   1 
ATOM   687  H HB1  . ALA A 1 49 ? 11.837  -2.882  -5.610  1.00 56.18  ? 46  ALA A HB1  1 
ATOM   688  H HB2  . ALA A 1 49 ? 10.565  -3.612  -5.040  1.00 56.18  ? 46  ALA A HB2  1 
ATOM   689  H HB3  . ALA A 1 49 ? 10.479  -2.101  -5.469  1.00 56.18  ? 46  ALA A HB3  1 
ATOM   690  N N    . GLY A 1 50 ? 12.216  -0.354  -2.600  1.00 55.23  ? 47  GLY A N    1 
ATOM   691  C CA   . GLY A 1 50 ? 13.044  0.831   -2.413  1.00 53.72  ? 47  GLY A CA   1 
ATOM   692  C C    . GLY A 1 50 ? 12.447  2.124   -2.945  1.00 53.94  ? 47  GLY A C    1 
ATOM   693  O O    . GLY A 1 50 ? 13.049  3.207   -2.853  1.00 58.42  ? 47  GLY A O    1 
ATOM   694  H H    . GLY A 1 50 ? 11.738  -0.549  -1.912  1.00 66.28  ? 47  GLY A H    1 
ATOM   695  H HA2  . GLY A 1 50 ? 13.216  0.948   -1.467  1.00 64.46  ? 47  GLY A HA2  1 
ATOM   696  H HA3  . GLY A 1 50 ? 13.895  0.691   -2.857  1.00 64.46  ? 47  GLY A HA3  1 
ATOM   697  N N    . LYS A 1 51 ? 11.267  2.002   -3.531  1.00 47.20  ? 48  LYS A N    1 
ATOM   698  C CA   . LYS A 1 51 ? 10.593  3.113   -4.150  1.00 45.26  ? 48  LYS A CA   1 
ATOM   699  C C    . LYS A 1 51 ? 9.386   3.460   -3.282  1.00 48.12  ? 48  LYS A C    1 
ATOM   700  O O    . LYS A 1 51 ? 8.553   2.600   -2.878  1.00 46.45  ? 48  LYS A O    1 
ATOM   701  C CB   . LYS A 1 51 ? 10.101  2.690   -5.524  1.00 47.52  ? 48  LYS A CB   1 
ATOM   702  C CG   . LYS A 1 51 ? 11.127  2.803   -6.622  1.00 59.85  ? 48  LYS A CG   1 
ATOM   703  C CD   . LYS A 1 51 ? 10.625  2.158   -7.893  1.00 79.11  ? 48  LYS A CD   1 
ATOM   704  C CE   . LYS A 1 51 ? 10.707  0.623   -7.811  1.00 81.70  ? 48  LYS A CE   1 
ATOM   705  N NZ   . LYS A 1 51 ? 12.118  0.094   -7.843  1.00 69.24  ? 48  LYS A NZ   1 
ATOM   706  H H    . LYS A 1 51 ? 10.831  1.262   -3.581  1.00 56.64  ? 48  LYS A H    1 
ATOM   707  H HA   . LYS A 1 51 ? 11.186  3.889   -4.227  1.00 54.31  ? 48  LYS A HA   1 
ATOM   708  H HB2  . LYS A 1 51 ? 9.819   1.764   -5.480  1.00 57.03  ? 48  LYS A HB2  1 
ATOM   709  H HB3  . LYS A 1 51 ? 9.347   3.250   -5.769  1.00 57.03  ? 48  LYS A HB3  1 
ATOM   710  H HG2  . LYS A 1 51 ? 11.303  3.740   -6.803  1.00 71.82  ? 48  LYS A HG2  1 
ATOM   711  H HG3  . LYS A 1 51 ? 11.941  2.352   -6.349  1.00 71.82  ? 48  LYS A HG3  1 
ATOM   712  H HD2  . LYS A 1 51 ? 9.698   2.406   -8.034  1.00 94.94  ? 48  LYS A HD2  1 
ATOM   713  H HD3  . LYS A 1 51 ? 11.170  2.452   -8.639  1.00 94.94  ? 48  LYS A HD3  1 
ATOM   714  H HE2  . LYS A 1 51 ? 10.299  0.330   -6.982  1.00 98.03  ? 48  LYS A HE2  1 
ATOM   715  H HE3  . LYS A 1 51 ? 10.230  0.242   -8.565  1.00 98.03  ? 48  LYS A HE3  1 
ATOM   716  H HZ1  . LYS A 1 51 ? 12.111  -0.794  -7.794  1.00 83.09  ? 48  LYS A HZ1  1 
ATOM   717  H HZ2  . LYS A 1 51 ? 12.517  0.338   -8.601  1.00 83.09  ? 48  LYS A HZ2  1 
ATOM   718  H HZ3  . LYS A 1 51 ? 12.580  0.418   -7.156  1.00 83.09  ? 48  LYS A HZ3  1 
ATOM   719  N N    . GLN A 1 52 ? 9.252   4.742   -2.995  1.00 50.06  ? 49  GLN A N    1 
ATOM   720  C CA   . GLN A 1 52 ? 8.114   5.206   -2.234  1.00 50.38  ? 49  GLN A CA   1 
ATOM   721  C C    . GLN A 1 52 ? 6.902   5.327   -3.163  1.00 46.40  ? 49  GLN A C    1 
ATOM   722  O O    . GLN A 1 52 ? 6.997   5.850   -4.296  1.00 48.91  ? 49  GLN A O    1 
ATOM   723  C CB   . GLN A 1 52 ? 8.448   6.527   -1.550  1.00 55.63  ? 49  GLN A CB   1 
ATOM   724  C CG   . GLN A 1 52 ? 7.339   7.066   -0.656  1.00 68.24  ? 49  GLN A CG   1 
ATOM   725  C CD   . GLN A 1 52 ? 7.845   8.114   0.319   1.00 69.89  ? 49  GLN A CD   1 
ATOM   726  O OE1  . GLN A 1 52 ? 8.992   8.052   0.777   1.00 75.65  ? 49  GLN A OE1  1 
ATOM   727  N NE2  . GLN A 1 52 ? 6.992   9.086   0.644   1.00 73.44  ? 49  GLN A NE2  1 
ATOM   728  H H    . GLN A 1 52 ? 9.803   5.359   -3.228  1.00 60.07  ? 49  GLN A H    1 
ATOM   729  H HA   . GLN A 1 52 ? 7.902   4.547   -1.539  1.00 60.46  ? 49  GLN A HA   1 
ATOM   730  H HB2  . GLN A 1 52 ? 9.237   6.402   -0.999  1.00 66.76  ? 49  GLN A HB2  1 
ATOM   731  H HB3  . GLN A 1 52 ? 8.627   7.194   -2.231  1.00 66.76  ? 49  GLN A HB3  1 
ATOM   732  H HG2  . GLN A 1 52 ? 6.656   7.474   -1.209  1.00 81.88  ? 49  GLN A HG2  1 
ATOM   733  H HG3  . GLN A 1 52 ? 6.961   6.335   -0.143  1.00 81.88  ? 49  GLN A HG3  1 
ATOM   734  H HE21 . GLN A 1 52 ? 6.202   9.096   0.303   1.00 88.13  ? 49  GLN A HE21 1 
ATOM   735  H HE22 . GLN A 1 52 ? 7.232   9.703   1.192   1.00 88.13  ? 49  GLN A HE22 1 
ATOM   736  N N    . LEU A 1 53 ? 5.774   4.824   -2.674  1.00 44.88  ? 50  LEU A N    1 
ATOM   737  C CA   . LEU A 1 53 ? 4.549   4.695   -3.458  1.00 40.86  ? 50  LEU A CA   1 
ATOM   738  C C    . LEU A 1 53 ? 3.692   5.931   -3.222  1.00 44.54  ? 50  LEU A C    1 
ATOM   739  O O    . LEU A 1 53 ? 3.368   6.259   -2.079  1.00 46.16  ? 50  LEU A O    1 
ATOM   740  C CB   . LEU A 1 53 ? 3.753   3.483   -2.972  1.00 39.98  ? 50  LEU A CB   1 
ATOM   741  C CG   . LEU A 1 53 ? 4.442   2.134   -2.999  1.00 40.65  ? 50  LEU A CG   1 
ATOM   742  C CD1  . LEU A 1 53 ? 3.472   1.031   -2.702  1.00 46.70  ? 50  LEU A CD1  1 
ATOM   743  C CD2  . LEU A 1 53 ? 5.117   1.924   -4.351  1.00 39.91  ? 50  LEU A CD2  1 
ATOM   744  H H    . LEU A 1 53 ? 5.691   4.542   -1.866  1.00 53.85  ? 50  LEU A H    1 
ATOM   745  H HA   . LEU A 1 53 ? 4.749   4.602   -4.412  1.00 49.04  ? 50  LEU A HA   1 
ATOM   746  H HB2  . LEU A 1 53 ? 3.488   3.648   -2.053  1.00 47.98  ? 50  LEU A HB2  1 
ATOM   747  H HB3  . LEU A 1 53 ? 2.958   3.407   -3.522  1.00 47.98  ? 50  LEU A HB3  1 
ATOM   748  H HG   . LEU A 1 53 ? 5.131   2.118   -2.315  1.00 48.77  ? 50  LEU A HG   1 
ATOM   749  H HD11 . LEU A 1 53 ? 3.937   0.192   -2.727  1.00 56.05  ? 50  LEU A HD11 1 
ATOM   750  H HD12 . LEU A 1 53 ? 3.095   1.172   -1.831  1.00 56.05  ? 50  LEU A HD12 1 
ATOM   751  H HD13 . LEU A 1 53 ? 2.777   1.041   -3.365  1.00 56.05  ? 50  LEU A HD13 1 
ATOM   752  H HD21 . LEU A 1 53 ? 5.548   1.067   -4.355  1.00 47.89  ? 50  LEU A HD21 1 
ATOM   753  H HD22 . LEU A 1 53 ? 4.450   1.959   -5.042  1.00 47.89  ? 50  LEU A HD22 1 
ATOM   754  H HD23 . LEU A 1 53 ? 5.765   2.619   -4.488  1.00 47.89  ? 50  LEU A HD23 1 
ATOM   755  N N    A GLU A 1 54 ? 3.375   6.605   -4.337  0.44 40.50  ? 51  GLU A N    1 
ATOM   756  N N    B GLU A 1 54 ? 3.232   6.595   -4.256  0.56 46.65  ? 51  GLU A N    1 
ATOM   757  C CA   A GLU A 1 54 ? 2.600   7.859   -4.359  0.44 51.38  ? 51  GLU A CA   1 
ATOM   758  C CA   B GLU A 1 54 ? 2.597   7.893   -4.037  0.56 47.00  ? 51  GLU A CA   1 
ATOM   759  C C    A GLU A 1 54 ? 1.077   7.685   -4.523  0.44 34.48  ? 51  GLU A C    1 
ATOM   760  C C    B GLU A 1 54 ? 1.077   7.880   -4.104  0.56 39.63  ? 51  GLU A C    1 
ATOM   761  O O    A GLU A 1 54 ? 0.593   6.677   -5.048  0.44 34.79  ? 51  GLU A O    1 
ATOM   762  O O    B GLU A 1 54 ? 0.473   7.346   -5.049  0.56 35.98  ? 51  GLU A O    1 
ATOM   763  C CB   A GLU A 1 54 ? 3.114   8.778   -5.475  0.44 51.92  ? 51  GLU A CB   1 
ATOM   764  C CB   B GLU A 1 54 ? 3.132   8.932   -5.012  0.56 52.95  ? 51  GLU A CB   1 
ATOM   765  C CG   A GLU A 1 54 ? 4.575   9.206   -5.287  0.44 63.11  ? 51  GLU A CG   1 
ATOM   766  C CG   B GLU A 1 54 ? 4.571   9.314   -4.730  0.56 67.23  ? 51  GLU A CG   1 
ATOM   767  C CD   A GLU A 1 54 ? 5.267   9.637   -6.584  0.44 55.99  ? 51  GLU A CD   1 
ATOM   768  C CD   B GLU A 1 54 ? 5.146   10.232  -5.778  0.56 54.98  ? 51  GLU A CD   1 
ATOM   769  O OE1  A GLU A 1 54 ? 4.588   9.773   -7.630  0.44 50.09  ? 51  GLU A OE1  1 
ATOM   770  O OE1  B GLU A 1 54 ? 4.512   10.394  -6.849  0.56 58.86  ? 51  GLU A OE1  1 
ATOM   771  O OE2  A GLU A 1 54 ? 6.494   9.856   -6.548  0.44 57.47  ? 51  GLU A OE2  1 
ATOM   772  O OE2  B GLU A 1 54 ? 6.248   10.779  -5.543  0.56 65.46  ? 51  GLU A OE2  1 
ATOM   773  H H    A GLU A 1 54 ? 3.607   6.344   -5.123  0.44 48.60  ? 51  GLU A H    1 
ATOM   774  H H    B GLU A 1 54 ? 3.269   6.337   -5.077  0.56 55.98  ? 51  GLU A H    1 
ATOM   775  H HA   A GLU A 1 54 ? 2.748   8.322   -3.509  0.44 61.66  ? 51  GLU A HA   1 
ATOM   776  H HA   B GLU A 1 54 ? 2.839   8.195   -3.136  0.56 56.40  ? 51  GLU A HA   1 
ATOM   777  H HB2  A GLU A 1 54 ? 3.048   8.311   -6.322  0.44 62.30  ? 51  GLU A HB2  1 
ATOM   778  H HB2  B GLU A 1 54 ? 3.088   8.573   -5.913  0.56 63.54  ? 51  GLU A HB2  1 
ATOM   779  H HB3  A GLU A 1 54 ? 2.569   9.580   -5.496  0.44 62.30  ? 51  GLU A HB3  1 
ATOM   780  H HB3  B GLU A 1 54 ? 2.590   9.734   -4.947  0.56 63.54  ? 51  GLU A HB3  1 
ATOM   781  N N    A GLU A 1 55 ? 0.350   8.734   -4.143  0.44 30.86  ? 52  GLU A N    1 
ATOM   782  N N    B GLU A 1 55 ? 0.467   8.481   -3.081  0.56 36.44  ? 52  GLU A N    1 
ATOM   783  C CA   A GLU A 1 55 ? -1.066  8.601   -3.781  0.44 36.02  ? 52  GLU A CA   1 
ATOM   784  C CA   B GLU A 1 55 ? -0.916  8.904   -3.183  0.56 33.83  ? 52  GLU A CA   1 
ATOM   785  C C    A GLU A 1 55 ? -2.038  8.351   -4.927  0.44 26.86  ? 52  GLU A C    1 
ATOM   786  C C    B GLU A 1 55 ? -1.056  9.505   -4.576  0.56 38.42  ? 52  GLU A C    1 
ATOM   787  O O    A GLU A 1 55 ? -2.875  7.448   -4.848  0.44 29.93  ? 52  GLU A O    1 
ATOM   788  O O    B GLU A 1 55 ? -0.310  10.417  -4.919  0.56 42.31  ? 52  GLU A O    1 
ATOM   789  C CB   A GLU A 1 55 ? -1.538  9.824   -2.972  0.44 34.60  ? 52  GLU A CB   1 
ATOM   790  C CB   B GLU A 1 55 ? -1.273  9.932   -2.085  0.56 35.58  ? 52  GLU A CB   1 
ATOM   791  C CG   A GLU A 1 55 ? -1.080  9.821   -1.516  0.44 44.59  ? 52  GLU A CG   1 
ATOM   792  C CG   B GLU A 1 55 ? -1.232  9.359   -0.636  0.56 32.88  ? 52  GLU A CG   1 
ATOM   793  C CD   A GLU A 1 55 ? -1.589  11.034  -0.751  0.44 45.55  ? 52  GLU A CD   1 
ATOM   794  C CD   B GLU A 1 55 ? -1.415  10.391  0.472   0.56 42.90  ? 52  GLU A CD   1 
ATOM   795  O OE1  A GLU A 1 55 ? -1.629  12.133  -1.351  0.44 62.60  ? 52  GLU A OE1  1 
ATOM   796  O OE1  B GLU A 1 55 ? -1.720  11.572  0.163   0.56 53.55  ? 52  GLU A OE1  1 
ATOM   797  O OE2  A GLU A 1 55 ? -1.965  10.884  0.433   0.44 63.00  ? 52  GLU A OE2  1 
ATOM   798  O OE2  B GLU A 1 55 ? -1.276  10.019  1.672   0.56 35.28  ? 52  GLU A OE2  1 
ATOM   799  H H    A GLU A 1 55 ? 0.651   9.537   -4.086  0.44 37.03  ? 52  GLU A H    1 
ATOM   800  H H    B GLU A 1 55 ? 0.835   8.651   -2.322  0.56 43.73  ? 52  GLU A H    1 
ATOM   801  H HA   A GLU A 1 55 ? -1.141  7.828   -3.183  0.44 43.22  ? 52  GLU A HA   1 
ATOM   802  H HA   B GLU A 1 55 ? -1.513  8.130   -3.105  0.56 40.60  ? 52  GLU A HA   1 
ATOM   803  H HB2  A GLU A 1 55 ? -1.190  10.627  -3.390  0.44 41.52  ? 52  GLU A HB2  1 
ATOM   804  H HB2  B GLU A 1 55 ? -0.641  10.666  -2.130  0.56 42.69  ? 52  GLU A HB2  1 
ATOM   805  H HB3  A GLU A 1 55 ? -2.507  9.845   -2.977  0.44 41.52  ? 52  GLU A HB3  1 
ATOM   806  H HB3  B GLU A 1 55 ? -2.171  10.260  -2.247  0.56 42.69  ? 52  GLU A HB3  1 
ATOM   807  H HG2  A GLU A 1 55 ? -1.416  9.025   -1.077  0.44 53.51  ? 52  GLU A HG2  1 
ATOM   808  H HG2  B GLU A 1 55 ? -1.939  8.702   -0.544  0.56 39.45  ? 52  GLU A HG2  1 
ATOM   809  H HG3  A GLU A 1 55 ? -0.111  9.833   -1.488  0.44 53.51  ? 52  GLU A HG3  1 
ATOM   810  H HG3  B GLU A 1 55 ? -0.373  8.932   -0.498  0.56 39.45  ? 52  GLU A HG3  1 
ATOM   811  N N    A GLY A 1 56 ? -1.977  9.195   -5.940  0.44 39.86  ? 53  GLY A N    1 
ATOM   812  N N    B GLY A 1 56 ? -1.940  8.962   -5.415  0.56 38.77  ? 53  GLY A N    1 
ATOM   813  C CA   A GLY A 1 56 ? -2.899  9.093   -7.042  0.44 30.01  ? 53  GLY A CA   1 
ATOM   814  C CA   B GLY A 1 56 ? -2.065  9.474   -6.781  0.56 36.37  ? 53  GLY A CA   1 
ATOM   815  C C    A GLY A 1 56 ? -2.525  7.892   -7.873  0.44 31.21  ? 53  GLY A C    1 
ATOM   816  C C    B GLY A 1 56 ? -2.077  8.438   -7.910  0.56 45.29  ? 53  GLY A C    1 
ATOM   817  O O    A GLY A 1 56 ? -3.322  7.441   -8.702  0.44 32.46  ? 53  GLY A O    1 
ATOM   818  O O    B GLY A 1 56 ? -2.760  8.609   -8.918  0.56 44.70  ? 53  GLY A O    1 
ATOM   819  H H    A GLY A 1 56 ? -1.407  9.836   -6.010  0.44 47.83  ? 53  GLY A H    1 
ATOM   820  H H    B GLY A 1 56 ? -2.470  8.313   -5.223  0.56 46.52  ? 53  GLY A H    1 
ATOM   821  H HA2  A GLY A 1 56 ? -3.805  8.985   -6.714  0.44 36.01  ? 53  GLY A HA2  1 
ATOM   822  H HA2  B GLY A 1 56 ? -2.887  9.984   -6.845  0.56 43.65  ? 53  GLY A HA2  1 
ATOM   823  H HA3  A GLY A 1 56 ? -2.853  9.890   -7.594  0.44 36.01  ? 53  GLY A HA3  1 
ATOM   824  H HA3  B GLY A 1 56 ? -1.328  10.081  -6.950  0.56 43.65  ? 53  GLY A HA3  1 
ATOM   825  N N    . LYS A 1 57 ? -1.314  7.368   -7.695  1.00 39.06  ? 54  LYS A N    1 
ATOM   826  C CA   . LYS A 1 57 ? -0.959  6.276   -8.620  1.00 43.33  ? 54  LYS A CA   1 
ATOM   827  C C    . LYS A 1 57 ? -1.549  4.942   -8.131  1.00 37.63  ? 54  LYS A C    1 
ATOM   828  O O    . LYS A 1 57 ? -2.061  4.870   -7.005  1.00 39.80  ? 54  LYS A O    1 
ATOM   829  C CB   . LYS A 1 57 ? 0.567   6.159   -8.774  1.00 48.54  ? 54  LYS A CB   1 
ATOM   830  C CG   . LYS A 1 57 ? 1.215   7.150   -9.778  1.00 54.60  ? 54  LYS A CG   1 
ATOM   831  C CD   . LYS A 1 57 ? 2.675   6.702   -10.117 1.00 58.00  ? 54  LYS A CD   1 
ATOM   832  C CE   . LYS A 1 57 ? 3.737   7.641   -9.598  1.00 68.49  ? 54  LYS A CE   1 
ATOM   833  N NZ   . LYS A 1 57 ? 5.107   7.076   -9.863  1.00 69.20  ? 54  LYS A NZ   1 
ATOM   834  H H    A LYS A 1 57 ? -0.727  7.594   -7.109  0.44 46.87  ? 54  LYS A H    1 
ATOM   835  H H    B LYS A 1 57 ? -0.948  7.239   -6.927  0.56 46.87  ? 54  LYS A H    1 
ATOM   836  H HA   . LYS A 1 57 ? -1.338  6.470   -9.502  1.00 52.00  ? 54  LYS A HA   1 
ATOM   837  H HB2  . LYS A 1 57 ? 0.976   6.313   -7.907  1.00 58.25  ? 54  LYS A HB2  1 
ATOM   838  H HB3  . LYS A 1 57 ? 0.777   5.260   -9.075  1.00 58.25  ? 54  LYS A HB3  1 
ATOM   839  H HG2  . LYS A 1 57 ? 0.699   7.163   -10.598 1.00 65.52  ? 54  LYS A HG2  1 
ATOM   840  H HG3  . LYS A 1 57 ? 1.249   8.035   -9.383  1.00 65.52  ? 54  LYS A HG3  1 
ATOM   841  H HD2  . LYS A 1 57 ? 2.833   5.830   -9.724  1.00 69.60  ? 54  LYS A HD2  1 
ATOM   842  H HD3  . LYS A 1 57 ? 2.770   6.651   -11.081 1.00 69.60  ? 54  LYS A HD3  1 
ATOM   843  H HE2  . LYS A 1 57 ? 3.663   8.495   -10.052 1.00 82.18  ? 54  LYS A HE2  1 
ATOM   844  H HE3  . LYS A 1 57 ? 3.630   7.754   -8.640  1.00 82.18  ? 54  LYS A HE3  1 
ATOM   845  H HZ1  . LYS A 1 57 ? 5.730   7.633   -9.556  1.00 83.04  ? 54  LYS A HZ1  1 
ATOM   846  H HZ2  . LYS A 1 57 ? 5.195   6.289   -9.456  1.00 83.04  ? 54  LYS A HZ2  1 
ATOM   847  H HZ3  . LYS A 1 57 ? 5.225   6.963   -10.738 1.00 83.04  ? 54  LYS A HZ3  1 
ATOM   848  N N    . THR A 1 58 ? -1.459  3.885   -8.944  1.00 36.92  ? 55  THR A N    1 
ATOM   849  C CA   . THR A 1 58 ? -2.047  2.605   -8.601  1.00 40.19  ? 55  THR A CA   1 
ATOM   850  C C    . THR A 1 58 ? -0.975  1.540   -8.401  1.00 37.04  ? 55  THR A C    1 
ATOM   851  O O    . THR A 1 58 ? 0.196   1.709   -8.807  1.00 43.21  ? 55  THR A O    1 
ATOM   852  C CB   . THR A 1 58 ? -3.040  2.144   -9.709  1.00 39.91  ? 55  THR A CB   1 
ATOM   853  O OG1  . THR A 1 58 ? -2.335  1.702   -10.867 1.00 41.05  ? 55  THR A OG1  1 
ATOM   854  C CG2  . THR A 1 58 ? -4.008  3.278   -10.109 1.00 45.78  ? 55  THR A CG2  1 
ATOM   855  H H    . THR A 1 58 ? -1.057  3.892   -9.705  1.00 44.30  ? 55  THR A H    1 
ATOM   856  H HA   . THR A 1 58 ? -2.547  2.697   -7.763  1.00 48.23  ? 55  THR A HA   1 
ATOM   857  H HB   . THR A 1 58 ? -3.571  1.408   -9.366  1.00 47.89  ? 55  THR A HB   1 
ATOM   858  H HG1  . THR A 1 58 ? -1.876  2.313   -11.167 1.00 49.26  ? 55  THR A HG1  1 
ATOM   859  H HG21 . THR A 1 58 ? -4.609  2.970   -10.791 1.00 54.94  ? 55  THR A HG21 1 
ATOM   860  H HG22 . THR A 1 58 ? -4.520  3.557   -9.346  1.00 54.94  ? 55  THR A HG22 1 
ATOM   861  H HG23 . THR A 1 58 ? -3.513  4.028   -10.445 1.00 54.94  ? 55  THR A HG23 1 
ATOM   862  N N    . LEU A 1 59 ? -1.382  0.414   -7.842  1.00 36.63  ? 56  LEU A N    1 
ATOM   863  C CA   . LEU A 1 59 ? -0.470  -0.717  -7.689  1.00 33.55  ? 56  LEU A CA   1 
ATOM   864  C C    . LEU A 1 59 ? 0.079   -1.120  -9.069  1.00 42.80  ? 56  LEU A C    1 
ATOM   865  O O    . LEU A 1 59 ? 1.274   -1.436  -9.214  1.00 43.94  ? 56  LEU A O    1 
ATOM   866  C CB   . LEU A 1 59 ? -1.166  -1.918  -7.059  1.00 41.62  ? 56  LEU A CB   1 
ATOM   867  C CG   . LEU A 1 59 ? -1.612  -1.646  -5.641  1.00 35.55  ? 56  LEU A CG   1 
ATOM   868  C CD1  . LEU A 1 59 ? -2.399  -2.846  -5.133  1.00 44.27  ? 56  LEU A CD1  1 
ATOM   869  C CD2  . LEU A 1 59 ? -0.392  -1.313  -4.698  1.00 36.11  ? 56  LEU A CD2  1 
ATOM   870  H H    . LEU A 1 59 ? -2.176  0.275   -7.541  1.00 43.95  ? 56  LEU A H    1 
ATOM   871  H HA   . LEU A 1 59 ? 0.283   -0.457  -7.117  1.00 40.26  ? 56  LEU A HA   1 
ATOM   872  H HB2  . LEU A 1 59 ? -1.951  -2.141  -7.585  1.00 49.94  ? 56  LEU A HB2  1 
ATOM   873  H HB3  . LEU A 1 59 ? -0.552  -2.668  -7.044  1.00 49.94  ? 56  LEU A HB3  1 
ATOM   874  H HG   . LEU A 1 59 ? -2.206  -0.878  -5.641  1.00 42.67  ? 56  LEU A HG   1 
ATOM   875  H HD11 . LEU A 1 59 ? -2.682  -2.675  -4.232  1.00 53.13  ? 56  LEU A HD11 1 
ATOM   876  H HD12 . LEU A 1 59 ? -3.163  -2.980  -5.698  1.00 53.13  ? 56  LEU A HD12 1 
ATOM   877  H HD13 . LEU A 1 59 ? -1.833  -3.622  -5.157  1.00 53.13  ? 56  LEU A HD13 1 
ATOM   878  H HD21 . LEU A 1 59 ? -0.719  -1.148  -3.812  1.00 43.33  ? 56  LEU A HD21 1 
ATOM   879  H HD22 . LEU A 1 59 ? 0.210   -2.061  -4.692  1.00 43.33  ? 56  LEU A HD22 1 
ATOM   880  H HD23 . LEU A 1 59 ? 0.057   -0.534  -5.033  1.00 43.33  ? 56  LEU A HD23 1 
ATOM   881  N N    . SER A 1 60 ? -0.787  -1.141  -10.083 1.00 40.93  ? 57  SER A N    1 
ATOM   882  C CA   . SER A 1 60 ? -0.348  -1.546  -11.412 1.00 47.43  ? 57  SER A CA   1 
ATOM   883  C C    . SER A 1 60 ? 0.708   -0.594  -12.002 1.00 50.13  ? 57  SER A C    1 
ATOM   884  O O    . SER A 1 60 ? 1.511   -1.016  -12.813 1.00 48.97  ? 57  SER A O    1 
ATOM   885  C CB   . SER A 1 60 ? -1.545  -1.663  -12.357 1.00 46.32  ? 57  SER A CB   1 
ATOM   886  O OG   . SER A 1 60 ? -2.113  -0.399  -12.654 1.00 63.79  ? 57  SER A OG   1 
ATOM   887  H H    . SER A 1 60 ? -1.619  -0.929  -10.027 1.00 49.12  ? 57  SER A H    1 
ATOM   888  H HA   . SER A 1 60 ? 0.061   -2.433  -11.345 1.00 56.91  ? 57  SER A HA   1 
ATOM   889  H HB2  . SER A 1 60 ? -1.251  -2.075  -13.185 1.00 55.59  ? 57  SER A HB2  1 
ATOM   890  H HB3  . SER A 1 60 ? -2.222  -2.218  -11.936 1.00 55.59  ? 57  SER A HB3  1 
ATOM   891  H HG   . SER A 1 60 ? -1.700  0.193   -12.264 1.00 76.55  ? 57  SER A HG   1 
ATOM   892  N N    . ASP A 1 61 ? 0.672   0.686   -11.667 1.00 47.58  ? 58  ASP A N    1 
ATOM   893  C CA   . ASP A 1 61 ? 1.707   1.654   -12.053 1.00 49.54  ? 58  ASP A CA   1 
ATOM   894  C C    . ASP A 1 61 ? 3.093   1.290   -11.533 1.00 54.55  ? 58  ASP A C    1 
ATOM   895  O O    . ASP A 1 61 ? 4.097   1.671   -12.150 1.00 59.92  ? 58  ASP A O    1 
ATOM   896  C CB   . ASP A 1 61 ? 1.361   3.082   -11.542 1.00 50.51  ? 58  ASP A CB   1 
ATOM   897  C CG   . ASP A 1 61 ? 0.138   3.670   -12.182 1.00 50.26  ? 58  ASP A CG   1 
ATOM   898  O OD1  . ASP A 1 61 ? -0.569  4.488   -11.553 1.00 52.55  ? 58  ASP A OD1  1 
ATOM   899  O OD2  . ASP A 1 61 ? -0.052  3.468   -13.418 1.00 54.29  ? 58  ASP A OD2  1 
ATOM   900  H H    . ASP A 1 61 ? 0.040   1.036   -11.201 1.00 57.09  ? 58  ASP A H    1 
ATOM   901  H HA   . ASP A 1 61 ? 1.754   1.691   -13.031 1.00 59.44  ? 58  ASP A HA   1 
ATOM   902  H HB2  . ASP A 1 61 ? 1.207   3.044   -10.586 1.00 60.61  ? 58  ASP A HB2  1 
ATOM   903  H HB3  . ASP A 1 61 ? 2.108   3.671   -11.733 1.00 60.61  ? 58  ASP A HB3  1 
ATOM   904  N N    . TYR A 1 62 ? 3.157   0.574   -10.417 1.00 46.78  ? 59  TYR A N    1 
ATOM   905  C CA   . TYR A 1 62 ? 4.427   0.169   -9.796  1.00 44.97  ? 59  TYR A CA   1 
ATOM   906  C C    . TYR A 1 62 ? 4.743   -1.289  -10.074 1.00 45.86  ? 59  TYR A C    1 
ATOM   907  O O    . TYR A 1 62 ? 5.696   -1.828  -9.503  1.00 45.80  ? 59  TYR A O    1 
ATOM   908  C CB   . TYR A 1 62 ? 4.404   0.390   -8.273  1.00 42.10  ? 59  TYR A CB   1 
ATOM   909  C CG   . TYR A 1 62 ? 4.342   1.845   -7.902  1.00 40.38  ? 59  TYR A CG   1 
ATOM   910  C CD1  . TYR A 1 62 ? 3.186   2.401   -7.431  1.00 36.90  ? 59  TYR A CD1  1 
ATOM   911  C CD2  . TYR A 1 62 ? 5.458   2.657   -8.019  1.00 48.20  ? 59  TYR A CD2  1 
ATOM   912  C CE1  . TYR A 1 62 ? 3.113   3.761   -7.118  1.00 34.84  ? 59  TYR A CE1  1 
ATOM   913  C CE2  . TYR A 1 62 ? 5.413   3.995   -7.706  1.00 44.08  ? 59  TYR A CE2  1 
ATOM   914  C CZ   . TYR A 1 62 ? 4.242   4.534   -7.246  1.00 43.62  ? 59  TYR A CZ   1 
ATOM   915  O OH   . TYR A 1 62 ? 4.145   5.859   -6.901  1.00 45.86  ? 59  TYR A OH   1 
ATOM   916  H H    . TYR A 1 62 ? 2.465   0.300   -9.986  1.00 56.14  ? 59  TYR A H    1 
ATOM   917  H HA   . TYR A 1 62 ? 5.151   0.713   -10.171 1.00 53.96  ? 59  TYR A HA   1 
ATOM   918  H HB2  . TYR A 1 62 ? 3.623   -0.050  -7.902  1.00 50.52  ? 59  TYR A HB2  1 
ATOM   919  H HB3  . TYR A 1 62 ? 5.211   0.016   -7.888  1.00 50.52  ? 59  TYR A HB3  1 
ATOM   920  H HD1  . TYR A 1 62 ? 2.423   1.873   -7.354  1.00 44.28  ? 59  TYR A HD1  1 
ATOM   921  H HD2  . TYR A 1 62 ? 6.251   2.292   -8.339  1.00 57.84  ? 59  TYR A HD2  1 
ATOM   922  H HE1  . TYR A 1 62 ? 2.322   4.129   -6.796  1.00 41.81  ? 59  TYR A HE1  1 
ATOM   923  H HE2  . TYR A 1 62 ? 6.173   4.524   -7.791  1.00 52.89  ? 59  TYR A HE2  1 
ATOM   924  H HH   . TYR A 1 62 ? 4.321   6.331   -7.548  1.00 55.03  ? 59  TYR A HH   1 
ATOM   925  N N    . ASN A 1 63 ? 3.938   -1.923  -10.922 1.00 48.11  ? 60  ASN A N    1 
ATOM   926  C CA   . ASN A 1 63 ? 4.114   -3.335  -11.252 1.00 47.92  ? 60  ASN A CA   1 
ATOM   927  C C    . ASN A 1 63 ? 4.073   -4.222  -10.001 1.00 41.50  ? 60  ASN A C    1 
ATOM   928  O O    . ASN A 1 63 ? 4.775   -5.230  -9.880  1.00 43.14  ? 60  ASN A O    1 
ATOM   929  C CB   . ASN A 1 63 ? 5.414   -3.528  -12.010 1.00 51.87  ? 60  ASN A CB   1 
ATOM   930  C CG   . ASN A 1 63 ? 5.421   -4.817  -12.814 1.00 57.85  ? 60  ASN A CG   1 
ATOM   931  O OD1  . ASN A 1 63 ? 4.378   -5.464  -12.961 1.00 59.95  ? 60  ASN A OD1  1 
ATOM   932  N ND2  . ASN A 1 63 ? 6.588   -5.198  -13.338 1.00 65.16  ? 60  ASN A ND2  1 
ATOM   933  H H    . ASN A 1 63 ? 3.273   -1.553  -11.323 1.00 57.73  ? 60  ASN A H    1 
ATOM   934  H HA   . ASN A 1 63 ? 3.381   -3.614  -11.840 1.00 57.51  ? 60  ASN A HA   1 
ATOM   935  H HB2  . ASN A 1 63 ? 5.536   -2.788  -12.626 1.00 62.25  ? 60  ASN A HB2  1 
ATOM   936  H HB3  . ASN A 1 63 ? 6.149   -3.563  -11.378 1.00 62.25  ? 60  ASN A HB3  1 
ATOM   937  H HD21 . ASN A 1 63 ? 7.293   -4.721  -13.215 1.00 78.19  ? 60  ASN A HD21 1 
ATOM   938  H HD22 . ASN A 1 63 ? 6.636   -5.923  -13.801 1.00 78.19  ? 60  ASN A HD22 1 
ATOM   939  N N    . ILE A 1 64 ? 3.235   -3.841  -9.045  1.00 39.21  ? 61  ILE A N    1 
ATOM   940  C CA   . ILE A 1 64 ? 3.071   -4.626  -7.835  1.00 35.41  ? 61  ILE A CA   1 
ATOM   941  C C    . ILE A 1 64 ? 2.082   -5.724  -8.132  1.00 43.03  ? 61  ILE A C    1 
ATOM   942  O O    . ILE A 1 64 ? 0.918   -5.480  -8.382  1.00 46.28  ? 61  ILE A O    1 
ATOM   943  C CB   . ILE A 1 64 ? 2.597   -3.727  -6.673  1.00 36.18  ? 61  ILE A CB   1 
ATOM   944  C CG1  . ILE A 1 64 ? 3.698   -2.713  -6.347  1.00 37.97  ? 61  ILE A CG1  1 
ATOM   945  C CG2  . ILE A 1 64 ? 2.211   -4.566  -5.472  1.00 40.12  ? 61  ILE A CG2  1 
ATOM   946  C CD1  . ILE A 1 64 ? 3.343   -1.648  -5.456  1.00 33.61  ? 61  ILE A CD1  1 
ATOM   947  H H    . ILE A 1 64 ? 2.750   -3.132  -9.075  1.00 47.06  ? 61  ILE A H    1 
ATOM   948  H HA   . ILE A 1 64 ? 3.926   -5.034  -7.588  1.00 42.49  ? 61  ILE A HA   1 
ATOM   949  H HB   . ILE A 1 64 ? 1.812   -3.239  -6.967  1.00 43.42  ? 61  ILE A HB   1 
ATOM   950  H HG12 . ILE A 1 64 ? 4.439   -3.191  -5.942  1.00 45.57  ? 61  ILE A HG12 1 
ATOM   951  H HG13 . ILE A 1 64 ? 3.992   -2.308  -7.177  1.00 45.57  ? 61  ILE A HG13 1 
ATOM   952  H HG21 . ILE A 1 64 ? 1.921   -3.985  -4.765  1.00 48.15  ? 61  ILE A HG21 1 
ATOM   953  H HG22 . ILE A 1 64 ? 1.498   -5.159  -5.721  1.00 48.15  ? 61  ILE A HG22 1 
ATOM   954  H HG23 . ILE A 1 64 ? 2.974   -5.074  -5.187  1.00 48.15  ? 61  ILE A HG23 1 
ATOM   955  H HD11 . ILE A 1 64 ? 4.107   -1.081  -5.327  1.00 40.33  ? 61  ILE A HD11 1 
ATOM   956  H HD12 . ILE A 1 64 ? 2.623   -1.145  -5.844  1.00 40.33  ? 61  ILE A HD12 1 
ATOM   957  H HD13 . ILE A 1 64 ? 3.067   -2.022  -4.617  1.00 40.33  ? 61  ILE A HD13 1 
ATOM   958  N N    . GLN A 1 65 ? 2.541   -6.956  -8.071  1.00 46.22  ? 62  GLN A N    1 
ATOM   959  C CA   . GLN A 1 65 ? 1.657   -8.069  -8.357  1.00 47.30  ? 62  GLN A CA   1 
ATOM   960  C C    . GLN A 1 65 ? 1.401   -8.888  -7.086  1.00 50.19  ? 62  GLN A C    1 
ATOM   961  O O    . GLN A 1 65 ? 1.821   -8.523  -5.995  1.00 48.66  ? 62  GLN A O    1 
ATOM   962  C CB   . GLN A 1 65 ? 2.234   -8.940  -9.465  1.00 57.50  ? 62  GLN A CB   1 
ATOM   963  C CG   . GLN A 1 65 ? 2.438   -8.159  -10.732 1.00 57.25  ? 62  GLN A CG   1 
ATOM   964  C CD   . GLN A 1 65 ? 2.695   -9.022  -11.925 1.00 71.17  ? 62  GLN A CD   1 
ATOM   965  O OE1  . GLN A 1 65 ? 2.977   -10.211 -11.795 1.00 81.04  ? 62  GLN A OE1  1 
ATOM   966  N NE2  . GLN A 1 65 ? 2.599   -8.433  -13.107 1.00 86.49  ? 62  GLN A NE2  1 
ATOM   967  H H    . GLN A 1 65 ? 3.348   -7.175  -7.869  1.00 55.46  ? 62  GLN A H    1 
ATOM   968  H HA   . GLN A 1 65 ? 0.796   -7.719  -8.667  1.00 56.76  ? 62  GLN A HA   1 
ATOM   969  H HB2  . GLN A 1 65 ? 3.092   -9.291  -9.183  1.00 69.00  ? 62  GLN A HB2  1 
ATOM   970  H HB3  . GLN A 1 65 ? 1.620   -9.667  -9.653  1.00 69.00  ? 62  GLN A HB3  1 
ATOM   971  H HG2  . GLN A 1 65 ? 1.643   -7.635  -10.910 1.00 68.70  ? 62  GLN A HG2  1 
ATOM   972  H HG3  . GLN A 1 65 ? 3.202   -7.573  -10.620 1.00 68.70  ? 62  GLN A HG3  1 
ATOM   973  H HE21 . GLN A 1 65 ? 2.399   -7.598  -13.157 1.00 103.78 ? 62  GLN A HE21 1 
ATOM   974  H HE22 . GLN A 1 65 ? 2.736   -8.885  -13.826 1.00 103.78 ? 62  GLN A HE22 1 
ATOM   975  N N    . LYS A 1 66 ? 0.695   -9.999  -7.274  1.00 59.61  ? 63  LYS A N    1 
ATOM   976  C CA   . LYS A 1 66 ? 0.304   -10.907 -6.217  1.00 64.04  ? 63  LYS A CA   1 
ATOM   977  C C    . LYS A 1 66 ? 1.479   -11.205 -5.272  1.00 53.80  ? 63  LYS A C    1 
ATOM   978  O O    . LYS A 1 66 ? 2.618   -11.378 -5.684  1.00 55.54  ? 63  LYS A O    1 
ATOM   979  C CB   . LYS A 1 66 ? -0.177  -12.200 -6.880  1.00 70.86  ? 63  LYS A CB   1 
ATOM   980  C CG   . LYS A 1 66 ? -0.860  -13.184 -5.968  1.00 84.98  ? 63  LYS A CG   1 
ATOM   981  C CD   . LYS A 1 66 ? -0.644  -14.601 -6.472  1.00 80.70  ? 63  LYS A CD   1 
ATOM   982  C CE   . LYS A 1 66 ? -0.951  -15.654 -5.398  1.00 87.64  ? 63  LYS A CE   1 
ATOM   983  N NZ   . LYS A 1 66 ? -2.401  -15.731 -5.033  1.00 81.49  ? 63  LYS A NZ   1 
ATOM   984  H H    . LYS A 1 66 ? 0.420   -10.254 -8.049  1.00 71.54  ? 63  LYS A H    1 
ATOM   985  H HA   . LYS A 1 66 ? -0.433  -10.521 -5.698  1.00 76.85  ? 63  LYS A HA   1 
ATOM   986  H HB2  . LYS A 1 66 ? -0.806  -11.969 -7.582  1.00 85.04  ? 63  LYS A HB2  1 
ATOM   987  H HB3  . LYS A 1 66 ? 0.590   -12.648 -7.269  1.00 85.04  ? 63  LYS A HB3  1 
ATOM   988  H HG2  . LYS A 1 66 ? -0.485  -13.113 -5.076  1.00 101.98 ? 63  LYS A HG2  1 
ATOM   989  H HG3  . LYS A 1 66 ? -1.813  -13.004 -5.953  1.00 101.98 ? 63  LYS A HG3  1 
ATOM   990  H HD2  . LYS A 1 66 ? -1.228  -14.761 -7.229  1.00 96.84  ? 63  LYS A HD2  1 
ATOM   991  H HD3  . LYS A 1 66 ? 0.283   -14.704 -6.740  1.00 96.84  ? 63  LYS A HD3  1 
ATOM   992  H HE2  . LYS A 1 66 ? -0.682  -16.526 -5.728  1.00 105.17 ? 63  LYS A HE2  1 
ATOM   993  H HE3  . LYS A 1 66 ? -0.453  -15.438 -4.594  1.00 105.17 ? 63  LYS A HE3  1 
ATOM   994  H HZ1  . LYS A 1 66 ? -2.526  -16.353 -4.411  1.00 97.79  ? 63  LYS A HZ1  1 
ATOM   995  H HZ2  . LYS A 1 66 ? -2.676  -14.945 -4.717  1.00 97.79  ? 63  LYS A HZ2  1 
ATOM   996  H HZ3  . LYS A 1 66 ? -2.884  -15.938 -5.751  1.00 97.79  ? 63  LYS A HZ3  1 
ATOM   997  N N    . GLU A 1 67 ? 1.163   -11.240 -3.985  1.00 56.63  ? 64  GLU A N    1 
ATOM   998  C CA   . GLU A 1 67 ? 2.095   -11.714 -2.966  1.00 50.48  ? 64  GLU A CA   1 
ATOM   999  C C    . GLU A 1 67 ? 3.218   -10.731 -2.662  1.00 57.22  ? 64  GLU A C    1 
ATOM   1000 O O    . GLU A 1 67 ? 4.119   -11.020 -1.886  1.00 51.99  ? 64  GLU A O    1 
ATOM   1001 C CB   . GLU A 1 67 ? 2.667   -13.063 -3.391  1.00 56.70  ? 64  GLU A CB   1 
ATOM   1002 C CG   . GLU A 1 67 ? 1.582   -14.083 -3.666  1.00 54.46  ? 64  GLU A CG   1 
ATOM   1003 C CD   . GLU A 1 67 ? 0.778   -14.402 -2.408  1.00 72.28  ? 64  GLU A CD   1 
ATOM   1004 O OE1  . GLU A 1 67 ? 1.395   -14.718 -1.377  1.00 89.41  ? 64  GLU A OE1  1 
ATOM   1005 O OE2  . GLU A 1 67 ? -0.466  -14.340 -2.436  1.00 75.03  ? 64  GLU A OE2  1 
ATOM   1006 H H    . GLU A 1 67 ? 0.402   -10.991 -3.671  1.00 67.96  ? 64  GLU A H    1 
ATOM   1007 H HA   . GLU A 1 67 ? 1.596   -11.855 -2.133  1.00 60.58  ? 64  GLU A HA   1 
ATOM   1008 H HB2  . GLU A 1 67 ? 3.185   -12.947 -4.203  1.00 68.04  ? 64  GLU A HB2  1 
ATOM   1009 H HB3  . GLU A 1 67 ? 3.232   -13.406 -2.681  1.00 68.04  ? 64  GLU A HB3  1 
ATOM   1010 H HG2  . GLU A 1 67 ? 0.974   -13.731 -4.334  1.00 65.35  ? 64  GLU A HG2  1 
ATOM   1011 H HG3  . GLU A 1 67 ? 1.988   -14.905 -3.982  1.00 65.35  ? 64  GLU A HG3  1 
ATOM   1012 N N    . SER A 1 68 ? 3.118   -9.528  -3.219  1.00 44.46  ? 65  SER A N    1 
ATOM   1013 C CA   . SER A 1 68 ? 4.102   -8.519  -2.931  1.00 45.04  ? 65  SER A CA   1 
ATOM   1014 C C    . SER A 1 68 ? 3.968   -8.146  -1.484  1.00 40.61  ? 65  SER A C    1 
ATOM   1015 O O    . SER A 1 68 ? 2.847   -8.126  -0.936  1.00 47.36  ? 65  SER A O    1 
ATOM   1016 C CB   . SER A 1 68 ? 3.888   -7.287  -3.807  1.00 45.81  ? 65  SER A CB   1 
ATOM   1017 O OG   . SER A 1 68 ? 4.215   -7.579  -5.150  1.00 45.25  ? 65  SER A OG   1 
ATOM   1018 H H    . SER A 1 68 ? 2.494   -9.282  -3.758  1.00 53.36  ? 65  SER A H    1 
ATOM   1019 H HA   . SER A 1 68 ? 5.002   -8.872  -3.090  1.00 54.05  ? 65  SER A HA   1 
ATOM   1020 H HB2  . SER A 1 68 ? 2.958   -7.020  -3.757  1.00 54.97  ? 65  SER A HB2  1 
ATOM   1021 H HB3  . SER A 1 68 ? 4.459   -6.570  -3.491  1.00 54.97  ? 65  SER A HB3  1 
ATOM   1022 H HG   . SER A 1 68 ? 4.099   -6.915  -5.618  1.00 54.30  ? 65  SER A HG   1 
ATOM   1023 N N    . THR A 1 69 ? 5.066   -7.711  -0.896  1.00 48.86  ? 66  THR A N    1 
ATOM   1024 C CA   . THR A 1 69 ? 5.014   -7.213  0.462   1.00 46.35  ? 66  THR A CA   1 
ATOM   1025 C C    . THR A 1 69 ? 5.455   -5.765  0.502   1.00 43.37  ? 66  THR A C    1 
ATOM   1026 O O    . THR A 1 69 ? 6.583   -5.406  0.176   1.00 45.52  ? 66  THR A O    1 
ATOM   1027 C CB   . THR A 1 69 ? 5.816   -8.115  1.391   1.00 52.54  ? 66  THR A CB   1 
ATOM   1028 O OG1  . THR A 1 69 ? 5.283   -9.434  1.253   1.00 51.58  ? 66  THR A OG1  1 
ATOM   1029 C CG2  . THR A 1 69 ? 5.695   -7.649  2.825   1.00 51.63  ? 66  THR A CG2  1 
ATOM   1030 H H    . THR A 1 69 ? 5.847   -7.694  -1.256  1.00 58.64  ? 66  THR A H    1 
ATOM   1031 H HA   . THR A 1 69 ? 4.081   -7.241  0.764   1.00 55.62  ? 66  THR A HA   1 
ATOM   1032 H HB   . THR A 1 69 ? 6.752   -8.108  1.134   1.00 63.05  ? 66  THR A HB   1 
ATOM   1033 H HG1  . THR A 1 69 ? 5.690   -9.954  1.739   1.00 61.90  ? 66  THR A HG1  1 
ATOM   1034 H HG21 . THR A 1 69 ? 6.204   -8.224  3.401   1.00 61.96  ? 66  THR A HG21 1 
ATOM   1035 H HG22 . THR A 1 69 ? 6.027   -6.752  2.907   1.00 61.96  ? 66  THR A HG22 1 
ATOM   1036 H HG23 . THR A 1 69 ? 4.776   -7.668  3.099   1.00 61.96  ? 66  THR A HG23 1 
ATOM   1037 N N    . LEU A 1 70 ? 4.499   -4.906  0.841   1.00 44.48  ? 67  LEU A N    1 
ATOM   1038 C CA   . LEU A 1 70 ? 4.805   -3.497  0.915   1.00 44.14  ? 67  LEU A CA   1 
ATOM   1039 C C    . LEU A 1 70 ? 5.346   -3.329  2.283   1.00 47.92  ? 67  LEU A C    1 
ATOM   1040 O O    . LEU A 1 70 ? 4.940   -4.044  3.223   1.00 50.91  ? 67  LEU A O    1 
ATOM   1041 C CB   . LEU A 1 70 ? 3.553   -2.611  0.772   1.00 38.65  ? 67  LEU A CB   1 
ATOM   1042 C CG   . LEU A 1 70 ? 2.682   -2.890  -0.440  1.00 41.13  ? 67  LEU A CG   1 
ATOM   1043 C CD1  . LEU A 1 70 ? 1.597   -1.850  -0.585  1.00 38.24  ? 67  LEU A CD1  1 
ATOM   1044 C CD2  . LEU A 1 70 ? 3.540   -2.907  -1.650  1.00 36.87  ? 67  LEU A CD2  1 
ATOM   1045 H H    . LEU A 1 70 ? 3.684   -5.113  1.027   1.00 53.37  ? 67  LEU A H    1 
ATOM   1046 H HA   . LEU A 1 70 ? 5.479   -3.244  0.251   1.00 52.96  ? 67  LEU A HA   1 
ATOM   1047 H HB2  . LEU A 1 70 ? 3.000   -2.731  1.560   1.00 46.38  ? 67  LEU A HB2  1 
ATOM   1048 H HB3  . LEU A 1 70 ? 3.838   -1.685  0.716   1.00 46.38  ? 67  LEU A HB3  1 
ATOM   1049 H HG   . LEU A 1 70 ? 2.265   -3.761  -0.345  1.00 49.35  ? 67  LEU A HG   1 
ATOM   1050 H HD11 . LEU A 1 70 ? 1.068   -2.058  -1.358  1.00 45.89  ? 67  LEU A HD11 1 
ATOM   1051 H HD12 . LEU A 1 70 ? 1.047   -1.861  0.202   1.00 45.89  ? 67  LEU A HD12 1 
ATOM   1052 H HD13 . LEU A 1 70 ? 2.004   -0.988  -0.689  1.00 45.89  ? 67  LEU A HD13 1 
ATOM   1053 H HD21 . LEU A 1 70 ? 2.992   -3.084  -2.418  1.00 44.24  ? 67  LEU A HD21 1 
ATOM   1054 H HD22 . LEU A 1 70 ? 3.966   -2.052  -1.741  1.00 44.24  ? 67  LEU A HD22 1 
ATOM   1055 H HD23 . LEU A 1 70 ? 4.202   -3.595  -1.554  1.00 44.24  ? 67  LEU A HD23 1 
ATOM   1056 N N    . HIS A 1 71 ? 6.211   -2.346  2.431   1.00 42.53  ? 68  HIS A N    1 
ATOM   1057 C CA   . HIS A 1 71 ? 6.797   -2.129  3.734   1.00 47.00  ? 68  HIS A CA   1 
ATOM   1058 C C    . HIS A 1 71 ? 6.271   -0.796  4.265   1.00 55.04  ? 68  HIS A C    1 
ATOM   1059 O O    . HIS A 1 71 ? 6.294   0.275   3.614   1.00 51.79  ? 68  HIS A O    1 
ATOM   1060 C CB   . HIS A 1 71 ? 8.374   -2.204  3.677   1.00 58.11  ? 68  HIS A CB   1 
ATOM   1061 C CG   . HIS A 1 71 ? 8.983   -3.581  3.512   1.00 48.26  ? 68  HIS A CG   1 
ATOM   1062 N ND1  . HIS A 1 71 ? 8.261   -4.738  3.289   1.00 53.54  ? 68  HIS A ND1  1 
ATOM   1063 C CD2  . HIS A 1 71 ? 10.286  -3.962  3.523   1.00 49.92  ? 68  HIS A CD2  1 
ATOM   1064 C CE1  . HIS A 1 71 ? 9.087   -5.773  3.187   1.00 37.57  ? 68  HIS A CE1  1 
ATOM   1065 N NE2  . HIS A 1 71 ? 10.320  -5.325  3.331   1.00 59.88  ? 68  HIS A NE2  1 
ATOM   1066 H H    . HIS A 1 71 ? 6.469   -1.805  1.815   1.00 51.04  ? 68  HIS A H    1 
ATOM   1067 H HA   . HIS A 1 71 ? 6.487   -2.834  4.340   1.00 56.40  ? 68  HIS A HA   1 
ATOM   1068 H HB2  . HIS A 1 71 ? 8.675   -1.666  2.929   1.00 69.74  ? 68  HIS A HB2  1 
ATOM   1069 H HB3  . HIS A 1 71 ? 8.725   -1.832  4.502   1.00 69.74  ? 68  HIS A HB3  1 
ATOM   1070 H HD1  . HIS A 1 71 ? 7.403   -4.782  3.234   1.00 64.25  ? 68  HIS A HD1  1 
ATOM   1071 H HD2  . HIS A 1 71 ? 11.021  -3.407  3.655   1.00 59.91  ? 68  HIS A HD2  1 
ATOM   1072 H HE1  . HIS A 1 71 ? 8.839   -6.657  3.040   1.00 45.08  ? 68  HIS A HE1  1 
ATOM   1073 H HE2  . HIS A 1 71 ? 11.032  -5.807  3.298   1.00 71.85  ? 68  HIS A HE2  1 
ATOM   1074 N N    . LEU A 1 72 ? 5.712   -0.885  5.452   1.00 50.89  ? 69  LEU A N    1 
ATOM   1075 C CA   . LEU A 1 72 ? 5.052   0.248   6.031   1.00 42.80  ? 69  LEU A CA   1 
ATOM   1076 C C    . LEU A 1 72 ? 5.952   0.912   7.047   1.00 54.42  ? 69  LEU A C    1 
ATOM   1077 O O    . LEU A 1 72 ? 6.429   0.253   7.963   1.00 53.53  ? 69  LEU A O    1 
ATOM   1078 C CB   . LEU A 1 72 ? 3.721   -0.161  6.682   1.00 50.10  ? 69  LEU A CB   1 
ATOM   1079 C CG   . LEU A 1 72 ? 2.951   0.895   7.484   1.00 40.27  ? 69  LEU A CG   1 
ATOM   1080 C CD1  . LEU A 1 72 ? 2.462   2.061   6.607   1.00 42.49  ? 69  LEU A CD1  1 
ATOM   1081 C CD2  . LEU A 1 72 ? 1.814   0.197   8.178   1.00 40.19  ? 69  LEU A CD2  1 
ATOM   1082 H H    . LEU A 1 72 ? 5.703   -1.592  5.941   1.00 61.07  ? 69  LEU A H    1 
ATOM   1083 H HA   . LEU A 1 72 ? 4.857   0.900   5.325   1.00 51.36  ? 69  LEU A HA   1 
ATOM   1084 H HB2  . LEU A 1 72 ? 3.128   -0.469  5.979   1.00 60.12  ? 69  LEU A HB2  1 
ATOM   1085 H HB3  . LEU A 1 72 ? 3.901   -0.898  7.287   1.00 60.12  ? 69  LEU A HB3  1 
ATOM   1086 H HG   . LEU A 1 72 ? 3.537   1.260   8.166   1.00 48.32  ? 69  LEU A HG   1 
ATOM   1087 H HD11 . LEU A 1 72 ? 1.989   2.689   7.159   1.00 50.98  ? 69  LEU A HD11 1 
ATOM   1088 H HD12 . LEU A 1 72 ? 3.220   2.488   6.203   1.00 50.98  ? 69  LEU A HD12 1 
ATOM   1089 H HD13 . LEU A 1 72 ? 1.877   1.717   5.927   1.00 50.98  ? 69  LEU A HD13 1 
ATOM   1090 H HD21 . LEU A 1 72 ? 1.316   0.841   8.688   1.00 48.22  ? 69  LEU A HD21 1 
ATOM   1091 H HD22 . LEU A 1 72 ? 1.246   -0.209  7.518   1.00 48.22  ? 69  LEU A HD22 1 
ATOM   1092 H HD23 . LEU A 1 72 ? 2.170   -0.478  8.761   1.00 48.22  ? 69  LEU A HD23 1 
ATOM   1093 N N    . VAL A 1 73 ? 6.199   2.201   6.834   1.00 56.39  ? 70  VAL A N    1 
ATOM   1094 C CA   . VAL A 1 73 ? 6.836   3.088   7.823   1.00 64.57  ? 70  VAL A CA   1 
ATOM   1095 C C    . VAL A 1 73 ? 5.960   4.293   8.265   1.00 65.47  ? 70  VAL A C    1 
ATOM   1096 O O    . VAL A 1 73 ? 5.237   4.882   7.457   1.00 65.62  ? 70  VAL A O    1 
ATOM   1097 C CB   . VAL A 1 73 ? 8.172   3.655   7.287   1.00 61.20  ? 70  VAL A CB   1 
ATOM   1098 C CG1  . VAL A 1 73 ? 9.001   4.264   8.420   1.00 64.94  ? 70  VAL A CG1  1 
ATOM   1099 C CG2  . VAL A 1 73 ? 8.987   2.569   6.587   1.00 66.89  ? 70  VAL A CG2  1 
ATOM   1100 H H    . VAL A 1 73 ? 6.001   2.604   6.101   1.00 67.66  ? 70  VAL A H    1 
ATOM   1101 H HA   . VAL A 1 73 ? 7.039   2.562   8.625   1.00 77.49  ? 70  VAL A HA   1 
ATOM   1102 H HB   . VAL A 1 73 ? 7.983   4.362   6.635   1.00 73.45  ? 70  VAL A HB   1 
ATOM   1103 H HG11 . VAL A 1 73 ? 9.821   4.606   8.058   1.00 77.93  ? 70  VAL A HG11 1 
ATOM   1104 H HG12 . VAL A 1 73 ? 8.500   4.975   8.827   1.00 77.93  ? 70  VAL A HG12 1 
ATOM   1105 H HG13 . VAL A 1 73 ? 9.189   3.582   9.070   1.00 77.93  ? 70  VAL A HG13 1 
ATOM   1106 H HG21 . VAL A 1 73 ? 9.807   2.952   6.267   1.00 80.27  ? 70  VAL A HG21 1 
ATOM   1107 H HG22 . VAL A 1 73 ? 9.175   1.868   7.214   1.00 80.27  ? 70  VAL A HG22 1 
ATOM   1108 H HG23 . VAL A 1 73 ? 8.477   2.223   5.851   1.00 80.27  ? 70  VAL A HG23 1 
ATOM   1109 N N    . LEU A 1 74 ? 6.032   4.653   9.551   1.00 66.50  ? 71  LEU A N    1 
ATOM   1110 C CA   . LEU A 1 74 ? 5.302   5.818   10.090  1.00 61.61  ? 71  LEU A CA   1 
ATOM   1111 C C    . LEU A 1 74 ? 6.085   7.096   9.825   1.00 61.56  ? 71  LEU A C    1 
ATOM   1112 O O    . LEU A 1 74 ? 7.305   7.138   9.976   1.00 71.78  ? 71  LEU A O    1 
ATOM   1113 C CB   . LEU A 1 74 ? 5.114   5.734   11.609  1.00 58.78  ? 71  LEU A CB   1 
ATOM   1114 C CG   . LEU A 1 74 ? 4.020   4.890   12.228  1.00 60.21  ? 71  LEU A CG   1 
ATOM   1115 C CD1  . LEU A 1 74 ? 2.647   5.514   12.005  1.00 63.77  ? 71  LEU A CD1  1 
ATOM   1116 C CD2  . LEU A 1 74 ? 4.062   3.483   11.668  1.00 75.73  ? 71  LEU A CD2  1 
ATOM   1117 H H    . LEU A 1 74 ? 6.500   4.237   10.140  1.00 79.79  ? 71  LEU A H    1 
ATOM   1118 H HA   . LEU A 1 74 ? 4.423   5.889   9.664   1.00 73.94  ? 71  LEU A HA   1 
ATOM   1119 H HB2  . LEU A 1 74 ? 5.949   5.410   11.982  1.00 70.53  ? 71  LEU A HB2  1 
ATOM   1120 H HB3  . LEU A 1 74 ? 4.967   6.639   11.928  1.00 70.53  ? 71  LEU A HB3  1 
ATOM   1121 H HG   . LEU A 1 74 ? 4.171   4.834   13.184  1.00 72.25  ? 71  LEU A HG   1 
ATOM   1122 H HD11 . LEU A 1 74 ? 1.981   4.953   12.409  1.00 76.52  ? 71  LEU A HD11 1 
ATOM   1123 H HD12 . LEU A 1 74 ? 2.630   6.384   12.407  1.00 76.52  ? 71  LEU A HD12 1 
ATOM   1124 H HD13 . LEU A 1 74 ? 2.485   5.585   11.062  1.00 76.52  ? 71  LEU A HD13 1 
ATOM   1125 H HD21 . LEU A 1 74 ? 3.362   2.965   12.072  1.00 90.88  ? 71  LEU A HD21 1 
ATOM   1126 H HD22 . LEU A 1 74 ? 3.933   3.521   10.717  1.00 90.88  ? 71  LEU A HD22 1 
ATOM   1127 H HD23 . LEU A 1 74 ? 4.916   3.093   11.868  1.00 90.88  ? 71  LEU A HD23 1 
ATOM   1128 N N    . ARG A 1 75 ? 5.363   8.161   9.523   1.00 65.66  ? 72  ARG A N    1 
ATOM   1129 C CA   . ARG A 1 75 ? 5.961   9.406   9.074   1.00 59.05  ? 72  ARG A CA   1 
ATOM   1130 C C    . ARG A 1 75 ? 6.103   10.442  10.192  1.00 72.14  ? 72  ARG A C    1 
ATOM   1131 O O    . ARG A 1 75 ? 5.177   10.644  10.987  1.00 70.86  ? 72  ARG A O    1 
ATOM   1132 C CB   . ARG A 1 75 ? 5.125   9.948   7.901   1.00 63.18  ? 72  ARG A CB   1 
ATOM   1133 C CG   . ARG A 1 75 ? 5.530   11.305  7.360   1.00 76.21  ? 72  ARG A CG   1 
ATOM   1134 C CD   . ARG A 1 75 ? 4.710   11.692  6.112   1.00 69.00  ? 72  ARG A CD   1 
ATOM   1135 N NE   . ARG A 1 75 ? 5.435   12.627  5.258   1.00 83.70  ? 72  ARG A NE   1 
ATOM   1136 C CZ   . ARG A 1 75 ? 4.873   13.390  4.325   1.00 88.51  ? 72  ARG A CZ   1 
ATOM   1137 N NH1  . ARG A 1 75 ? 3.563   13.347  4.125   1.00 92.36  ? 72  ARG A NH1  1 
ATOM   1138 N NH2  . ARG A 1 75 ? 5.625   14.208  3.596   1.00 95.81  ? 72  ARG A NH2  1 
ATOM   1139 H H    . ARG A 1 75 ? 4.505   8.189   9.570   1.00 78.79  ? 72  ARG A H    1 
ATOM   1140 H HA   . ARG A 1 75 ? 6.860   9.215   8.733   1.00 70.86  ? 72  ARG A HA   1 
ATOM   1141 H HB2  . ARG A 1 75 ? 5.185   9.316   7.167   1.00 75.82  ? 72  ARG A HB2  1 
ATOM   1142 H HB3  . ARG A 1 75 ? 4.203   10.017  8.190   1.00 75.82  ? 72  ARG A HB3  1 
ATOM   1143 H HG2  . ARG A 1 75 ? 5.378   11.978  8.042   1.00 91.45  ? 72  ARG A HG2  1 
ATOM   1144 H HG3  . ARG A 1 75 ? 6.468   11.285  7.113   1.00 91.45  ? 72  ARG A HG3  1 
ATOM   1145 H HD2  . ARG A 1 75 ? 4.521   10.893  5.595   1.00 82.80  ? 72  ARG A HD2  1 
ATOM   1146 H HD3  . ARG A 1 75 ? 3.883   12.114  6.391   1.00 82.80  ? 72  ARG A HD3  1 
ATOM   1147 H HE   . ARG A 1 75 ? 6.286   12.689  5.366   1.00 100.44 ? 72  ARG A HE   1 
ATOM   1148 H HH11 . ARG A 1 75 ? 3.074   12.819  4.594   1.00 110.83 ? 72  ARG A HH11 1 
ATOM   1149 H HH12 . ARG A 1 75 ? 3.204   13.845  3.522   1.00 110.83 ? 72  ARG A HH12 1 
ATOM   1150 H HH21 . ARG A 1 75 ? 6.474   14.241  3.725   1.00 114.97 ? 72  ARG A HH21 1 
ATOM   1151 H HH22 . ARG A 1 75 ? 5.261   14.705  2.995   1.00 114.97 ? 72  ARG A HH22 1 
HETATM 1152 O O    . HOH B 2 .  ? -6.159  7.348   1.576   1.00 30.94  ? 101 HOH A O    1 
HETATM 1153 O O    . HOH B 2 .  ? -4.581  11.501  2.128   1.00 36.10  ? 102 HOH A O    1 
HETATM 1154 O O    . HOH B 2 .  ? -8.852  2.233   12.393  1.00 32.68  ? 103 HOH A O    1 
HETATM 1155 O O    . HOH B 2 .  ? -4.322  9.110   0.754   1.00 35.42  ? 104 HOH A O    1 
HETATM 1156 O O    . HOH B 2 .  ? 8.161   -10.791 4.222   1.00 48.44  ? 105 HOH A O    1 
HETATM 1157 O O    . HOH B 2 .  ? -4.691  11.091  6.528   1.00 36.49  ? 106 HOH A O    1 
HETATM 1158 O O    . HOH B 2 .  ? 3.782   6.468   0.813   1.00 46.96  ? 107 HOH A O    1 
HETATM 1159 O O    . HOH B 2 .  ? -12.095 -0.419  1.287   1.00 45.22  ? 108 HOH A O    1 
HETATM 1160 O O    . HOH B 2 .  ? -8.484  -3.421  5.699   1.00 45.90  ? 109 HOH A O    1 
HETATM 1161 O O    . HOH B 2 .  ? 5.260   -7.820  -7.736  1.00 39.86  ? 110 HOH A O    1 
HETATM 1162 O O    . HOH B 2 .  ? -12.229 -1.574  3.365   1.00 56.83  ? 111 HOH A O    1 
HETATM 1163 O O    . HOH B 2 .  ? 5.946   -10.147 5.902   1.00 61.85  ? 112 HOH A O    1 
HETATM 1164 O O    . HOH B 2 .  ? -7.785  3.109   -9.112  1.00 45.76  ? 113 HOH A O    1 
HETATM 1165 O O    . HOH B 2 .  ? -6.866  11.138  8.481   1.00 42.00  ? 114 HOH A O    1 
HETATM 1166 O O    . HOH B 2 .  ? -4.062  -13.543 -5.508  1.00 53.66  ? 115 HOH A O    1 
HETATM 1167 O O    . HOH B 2 .  ? 11.401  6.385   -3.971  1.00 55.58  ? 116 HOH A O    1 
HETATM 1168 O O    . HOH B 2 .  ? -7.648  8.789   9.262   1.00 35.09  ? 117 HOH A O    1 
HETATM 1169 O O    . HOH B 2 .  ? 1.769   -3.340  -14.054 1.00 62.27  ? 118 HOH A O    1 
HETATM 1170 O O    . HOH B 2 .  ? -1.003  -4.653  -9.895  1.00 50.82  ? 119 HOH A O    1 
HETATM 1171 O O    . HOH B 2 .  ? -1.367  14.219  1.258   1.00 71.16  ? 120 HOH A O    1 
HETATM 1172 O O    . HOH B 2 .  ? -0.936  -6.356  -12.438 1.00 75.56  ? 121 HOH A O    1 
HETATM 1173 O O    . HOH B 2 .  ? 0.894   13.578  -0.813  1.00 65.39  ? 122 HOH A O    1 
HETATM 1174 O O    . HOH B 2 .  ? 10.306  -9.948  5.726   1.00 54.74  ? 123 HOH A O    1 
HETATM 1175 O O    . HOH B 2 .  ? 6.389   7.481   -7.417  1.00 61.29  ? 124 HOH A O    1 
HETATM 1176 O O    . HOH B 2 .  ? -8.234  -1.852  -2.501  1.00 51.57  ? 125 HOH A O    1 
HETATM 1177 O O    . HOH B 2 .  ? -3.159  16.170  0.070   1.00 58.90  ? 126 HOH A O    1 
HETATM 1178 O O    . HOH B 2 .  ? 13.272  8.697   4.821   1.00 72.06  ? 127 HOH A O    1 
HETATM 1179 O O    . HOH B 2 .  ? -9.697  2.133   -9.596  1.00 69.97  ? 128 HOH A O    1 
HETATM 1180 O O    . HOH B 2 .  ? -11.633 -4.105  3.805   1.00 59.67  ? 129 HOH A O    1 
HETATM 1181 O O    . HOH B 2 .  ? -1.879  -8.366  -10.837 1.00 70.49  ? 130 HOH A O    1 
HETATM 1182 O O    . HOH B 2 .  ? -0.529  -6.075  12.091  1.00 65.80  ? 131 HOH A O    1 
HETATM 1183 O O    . HOH B 2 .  ? -10.492 -6.443  -3.871  1.00 60.87  ? 132 HOH A O    1 
HETATM 1184 O O    . HOH B 2 .  ? 2.348   14.323  8.419   1.00 66.88  ? 133 HOH A O    1 
HETATM 1185 O O    . HOH B 2 .  ? -10.389 1.707   0.050   0.50 53.17  ? 134 HOH A O    1 
HETATM 1186 O O    . HOH B 2 .  ? 13.055  -0.996  -10.099 1.00 56.41  ? 135 HOH A O    1 
HETATM 1187 O O    . HOH B 2 .  ? -0.200  -12.124 10.396  1.00 65.34  ? 136 HOH A O    1 
HETATM 1188 O O    . HOH B 2 .  ? 8.305   -4.753  13.838  1.00 67.51  ? 137 HOH A O    1 
HETATM 1189 O O    . HOH B 2 .  ? 6.539   -3.457  13.591  1.00 54.96  ? 138 HOH A O    1 
HETATM 1190 O O    . HOH B 2 .  ? -10.525 -3.807  7.313   1.00 57.07  ? 139 HOH A O    1 
HETATM 1191 O O    . HOH B 2 .  ? -4.053  17.769  -1.452  1.00 58.31  ? 140 HOH A O    1 
HETATM 1192 O O    . HOH B 2 .  ? 5.763   9.931   -9.388  1.00 68.87  ? 141 HOH A O    1 
HETATM 1193 O O    . HOH B 2 .  ? 6.610   1.024   -12.782 1.00 66.27  ? 142 HOH A O    1 
HETATM 1194 O O    . HOH B 2 .  ? -0.653  -12.915 12.713  1.00 75.08  ? 143 HOH A O    1 
HETATM 1195 O O    . HOH B 2 .  ? 7.870   10.672  -9.983  1.00 64.95  ? 144 HOH A O    1 
HETATM 1196 O O    . HOH B 2 .  ? -2.251  -11.645 7.562   1.00 58.37  ? 145 HOH A O    1 
HETATM 1197 O O    . HOH B 2 .  ? -8.400  -8.945  -12.148 1.00 62.70  ? 146 HOH A O    1 
HETATM 1198 O O    . HOH B 2 .  ? -8.415  -9.474  -9.690  1.00 66.36  ? 147 HOH A O    1 
HETATM 1199 O O    . HOH B 2 .  ? -10.421 -4.272  10.388  1.00 69.86  ? 148 HOH A O    1 
HETATM 1200 O O    . HOH B 2 .  ? 8.120   4.566   11.431  1.00 54.28  ? 149 HOH A O    1 
HETATM 1201 O O    . HOH B 2 .  ? 8.815   -2.896  10.389  1.00 59.28  ? 150 HOH A O    1 
HETATM 1202 O O    . HOH B 2 .  ? 10.878  -2.174  10.694  1.00 66.36  ? 151 HOH A O    1 
HETATM 1203 O O    . HOH B 2 .  ? -1.133  1.185   -14.634 1.00 75.41  ? 152 HOH A O    1 
HETATM 1204 O O    . HOH B 2 .  ? 3.363   -4.283  10.880  1.00 61.37  ? 153 HOH A O    1 
HETATM 1205 O O    . HOH B 2 .  ? -8.535  -9.773  -7.478  1.00 64.67  ? 154 HOH A O    1 
HETATM 1206 O O    . HOH B 2 .  ? -4.093  1.226   -12.990 1.00 55.43  ? 155 HOH A O    1 
HETATM 1207 O O    . HOH B 2 .  ? 3.465   9.363   11.165  1.00 79.46  ? 156 HOH A O    1 
HETATM 1208 O O    . HOH B 2 .  ? 6.754   -6.532  14.269  1.00 72.80  ? 157 HOH A O    1 
HETATM 1209 O O    . HOH B 2 .  ? -3.442  18.131  2.059   1.00 74.08  ? 158 HOH A O    1 
HETATM 1210 O O    . HOH B 2 .  ? -4.418  0.957   16.113  1.00 40.99  ? 159 HOH A O    1 
HETATM 1211 O O    . HOH B 2 .  ? 6.352   -11.008 -1.502  1.00 42.59  ? 160 HOH A O    1 
HETATM 1212 O O    . HOH B 2 .  ? -7.710  5.642   12.074  1.00 57.88  ? 161 HOH A O    1 
HETATM 1213 O O    . HOH B 2 .  ? -4.943  -9.662  7.937   1.00 64.65  ? 162 HOH A O    1 
HETATM 1214 O O    . HOH B 2 .  ? 10.932  -2.469  -0.565  1.00 68.14  ? 163 HOH A O    1 
HETATM 1215 O O    . HOH B 2 .  ? 0.112   -4.304  13.674  1.00 67.95  ? 164 HOH A O    1 
HETATM 1216 O O    . HOH B 2 .  ? -4.373  -3.896  13.949  1.00 74.64  ? 165 HOH A O    1 
HETATM 1217 O O    . HOH B 2 .  ? 8.248   -1.913  13.506  1.00 69.61  ? 166 HOH A O    1 
# 
loop_
_atom_site_anisotrop.id 
_atom_site_anisotrop.type_symbol 
_atom_site_anisotrop.pdbx_label_atom_id 
_atom_site_anisotrop.pdbx_label_alt_id 
_atom_site_anisotrop.pdbx_label_comp_id 
_atom_site_anisotrop.pdbx_label_asym_id 
_atom_site_anisotrop.pdbx_label_seq_id 
_atom_site_anisotrop.pdbx_PDB_ins_code 
_atom_site_anisotrop.U[1][1] 
_atom_site_anisotrop.U[2][2] 
_atom_site_anisotrop.U[3][3] 
_atom_site_anisotrop.U[1][2] 
_atom_site_anisotrop.U[1][3] 
_atom_site_anisotrop.U[2][3] 
_atom_site_anisotrop.pdbx_auth_seq_id 
_atom_site_anisotrop.pdbx_auth_comp_id 
_atom_site_anisotrop.pdbx_auth_asym_id 
_atom_site_anisotrop.pdbx_auth_atom_id 
1    N N   . MET A 4  ? 1.0160 0.6057 0.7951 0.2403  -0.0141 -0.2167 1  MET A N   
2    C CA  . MET A 4  ? 1.2814 0.6086 0.7607 0.3850  0.2652  -0.0140 1  MET A CA  
3    C C   . MET A 4  ? 1.2997 0.4581 0.4859 0.2333  -0.0622 -0.0223 1  MET A C   
4    O O   . MET A 4  ? 0.8314 0.5345 0.8920 0.2608  0.1452  0.0233  1  MET A O   
5    C CB  . MET A 4  ? 1.3433 0.9452 0.4936 0.2176  0.0385  -0.2398 1  MET A CB  
6    C CG  . MET A 4  ? 1.3865 0.5220 0.4972 0.1131  0.2463  -0.0566 1  MET A CG  
7    S SD  . MET A 4  ? 0.9902 0.6683 0.8912 0.3508  0.0769  -0.0423 1  MET A SD  
8    C CE  . MET A 4  ? 0.9957 0.5336 0.6270 0.2898  0.1428  0.0427  1  MET A CE  
18   N N   . GLN A 5  ? 1.1200 0.5954 0.8370 0.2230  0.2385  0.2204  2  GLN A N   
19   C CA  . GLN A 5  ? 0.6945 0.6492 0.6912 0.0533  0.2849  0.2019  2  GLN A CA  
20   C C   . GLN A 5  ? 0.8812 0.4314 0.7261 0.2560  0.3222  0.1601  2  GLN A C   
21   O O   . GLN A 5  ? 1.0026 0.5653 0.9824 0.3722  0.1331  -0.0854 2  GLN A O   
22   C CB  . GLN A 5  ? 0.8584 0.7162 0.7667 0.0100  -0.0037 0.1067  2  GLN A CB  
23   C CG  . GLN A 5  ? 1.1524 0.5408 0.8823 0.1557  0.2502  0.2930  2  GLN A CG  
24   C CD  . GLN A 5  ? 1.3042 0.8354 0.8242 0.0465  0.2232  0.2994  2  GLN A CD  
25   O OE1 . GLN A 5  ? 1.6061 0.8702 0.9009 0.0235  0.2732  0.3862  2  GLN A OE1 
26   N NE2 . GLN A 5  ? 1.5397 0.8603 0.5415 -0.0606 0.0040  0.0654  2  GLN A NE2 
35   N N   . ILE A 6  ? 0.8308 0.4382 0.7297 0.2181  0.3835  0.1087  3  ILE A N   
36   C CA  . ILE A 6  ? 0.6563 0.7998 0.6080 0.2337  0.1710  0.3260  3  ILE A CA  
37   C C   . ILE A 6  ? 0.7789 0.4717 0.3648 0.1146  0.2215  0.0117  3  ILE A C   
38   O O   . ILE A 6  ? 0.7028 0.4541 0.4844 0.1282  0.1522  0.0557  3  ILE A O   
39   C CB  . ILE A 6  ? 0.6902 0.5411 0.6086 0.3080  0.2714  0.2155  3  ILE A CB  
40   C CG1 . ILE A 6  ? 0.6670 0.5838 0.5834 0.3251  0.2504  0.2520  3  ILE A CG1 
41   C CG2 . ILE A 6  ? 0.8736 0.4392 0.6058 0.1987  0.2560  0.1313  3  ILE A CG2 
42   C CD1 . ILE A 6  ? 0.5781 0.7654 0.5098 0.2974  0.2237  0.3066  3  ILE A CD1 
54   N N   . PHE A 7  ? 0.7274 0.3703 0.8535 0.1351  0.4086  0.0802  4  PHE A N   
55   C CA  . PHE A 7  ? 0.5748 0.7379 0.5665 0.2787  0.2402  0.0301  4  PHE A CA  
56   C C   . PHE A 7  ? 0.5696 0.4294 0.5685 0.2134  0.2516  0.0924  4  PHE A C   
57   O O   . PHE A 7  ? 0.6290 0.6983 0.5558 0.3431  0.2766  0.2866  4  PHE A O   
58   C CB  . PHE A 7  ? 0.6531 0.5740 0.6031 0.3092  0.3098  0.2723  4  PHE A CB  
59   C CG  . PHE A 7  ? 0.9567 0.4887 0.5153 0.2761  0.2262  0.1798  4  PHE A CG  
60   C CD1 . PHE A 7  ? 0.7363 0.5928 0.7233 0.3460  0.2671  0.2169  4  PHE A CD1 
61   C CD2 . PHE A 7  ? 1.0582 0.4550 0.5327 0.1272  0.2086  0.1764  4  PHE A CD2 
62   C CE1 . PHE A 7  ? 1.1069 0.5560 0.4482 0.3466  0.1602  0.1274  4  PHE A CE1 
63   C CE2 . PHE A 7  ? 1.3763 0.5345 0.5060 0.2139  0.0473  0.0245  4  PHE A CE2 
64   C CZ  . PHE A 7  ? 1.1309 0.5503 0.6798 0.2797  0.3003  0.2458  4  PHE A CZ  
74   N N   . VAL A 8  ? 0.7371 0.5002 0.5028 0.3021  0.2792  0.1672  5  VAL A N   
75   C CA  . VAL A 8  ? 0.4583 0.3421 0.3964 0.0975  0.0950  0.0944  5  VAL A CA  
76   C C   . VAL A 8  ? 0.6378 0.3759 0.4685 0.1386  0.2828  0.1174  5  VAL A C   
77   O O   . VAL A 8  ? 0.9036 0.4970 0.4278 0.3386  0.2682  0.1539  5  VAL A O   
78   C CB  . VAL A 8  ? 0.6252 0.4012 0.4807 0.2549  0.2096  0.1486  5  VAL A CB  
79   C CG1 . VAL A 8  ? 0.4471 0.3360 0.4874 0.1229  0.0758  -0.0106 5  VAL A CG1 
80   C CG2 . VAL A 8  ? 0.6283 0.4897 0.4346 0.2834  0.2015  0.1794  5  VAL A CG2 
90   N N   . LYS A 9  ? 0.4333 0.9481 0.4544 0.1968  0.1098  0.3186  6  LYS A N   
91   C CA  . LYS A 9  ? 0.7018 0.6657 0.5025 0.2920  0.1505  0.2283  6  LYS A CA  
92   C C   . LYS A 9  ? 0.7282 0.5377 0.7034 0.3210  -0.2081 -0.0105 6  LYS A C   
93   O O   . LYS A 9  ? 0.6703 0.4446 0.6097 0.2072  0.1347  0.0993  6  LYS A O   
94   C CB  . LYS A 9  ? 0.7909 0.7656 0.6960 0.3519  -0.1146 0.2192  6  LYS A CB  
95   C CG  . LYS A 9  ? 1.0122 0.8914 0.5452 0.2515  0.0613  0.2151  6  LYS A CG  
96   C CD  . LYS A 9  ? 0.7209 0.8834 0.9323 0.3964  0.1320  -0.0421 6  LYS A CD  
97   C CE  . LYS A 9  ? 0.9656 1.0516 1.1890 0.3880  0.1774  -0.1442 6  LYS A CE  
98   N NZ  . LYS A 9  ? 0.9374 0.9448 1.3549 0.4967  0.1176  0.0429  6  LYS A NZ  
112  N N   . LYS A 14 ? 0.9580 1.0762 0.8438 0.2761  -0.2734 0.3626  11 LYS A N   
113  C CA  . LYS A 14 ? 0.7516 1.0500 0.8117 0.4380  0.0197  0.2649  11 LYS A CA  
114  C C   . LYS A 14 ? 1.2116 0.9283 0.8650 0.2721  0.1484  0.0905  11 LYS A C   
115  O O   . LYS A 14 ? 1.3891 0.6316 0.5743 0.4487  -0.0466 -0.0257 11 LYS A O   
116  C CB  . LYS A 14 ? 0.6140 1.2692 0.7025 0.3899  0.1122  0.2796  11 LYS A CB  
117  C CG  . LYS A 14 ? 1.1009 1.3056 0.6249 0.1554  0.1035  0.4032  11 LYS A CG  
118  C CD  . LYS A 14 ? 0.7474 1.3597 1.3108 0.1858  0.0709  0.2774  11 LYS A CD  
119  C CE  . LYS A 14 ? 0.9689 1.3326 0.9401 0.1028  -0.0668 0.4313  11 LYS A CE  
120  N NZ  . LYS A 14 ? 0.9659 1.2988 1.4445 0.1074  -0.0366 0.3611  11 LYS A NZ  
133  N N   . THR A 15 ? 0.7773 0.6201 0.5918 0.2495  0.1233  0.2463  12 THR A N   
134  C CA  . THR A 15 ? 1.2138 0.5794 0.5079 0.3288  0.3106  0.1453  12 THR A CA  
135  C C   . THR A 15 ? 1.0710 0.6585 0.7011 0.3634  0.0184  0.2360  12 THR A C   
136  O O   . THR A 15 ? 0.8941 0.7288 0.5122 0.4482  0.2568  0.2308  12 THR A O   
137  C CB  . THR A 15 ? 0.6439 0.4887 0.7357 0.1806  0.2689  0.0978  12 THR A CB  
138  O OG1 . THR A 15 ? 0.8531 0.5127 0.7083 0.2091  0.4366  0.1825  12 THR A OG1 
139  C CG2 . THR A 15 ? 0.9923 0.3612 0.4005 0.0830  0.1723  0.0974  12 THR A CG2 
147  N N   . ILE A 16 ? 0.6925 0.5565 0.4992 0.2546  0.2337  -0.0045 13 ILE A N   
148  C CA  . ILE A 16 ? 0.6744 0.4375 0.4944 0.2553  0.2116  0.0702  13 ILE A CA  
149  C C   . ILE A 16 ? 0.5706 0.3761 0.5073 0.0671  0.3061  0.0671  13 ILE A C   
150  O O   . ILE A 16 ? 0.8135 0.4300 0.6759 0.2159  0.4181  0.1650  13 ILE A O   
151  C CB  . ILE A 16 ? 0.8865 0.4257 0.4801 0.1112  0.1465  0.0439  13 ILE A CB  
152  C CG1 . ILE A 16 ? 0.5233 0.4821 0.5443 0.1072  0.1173  0.0871  13 ILE A CG1 
153  C CG2 . ILE A 16 ? 0.9099 0.7643 0.4888 0.3648  0.1569  -0.0874 13 ILE A CG2 
154  C CD1 . ILE A 16 ? 0.6845 0.4179 0.6466 0.2329  0.2562  0.0906  13 ILE A CD1 
166  N N   . THR A 17 ? 0.6489 0.5835 0.6491 0.1342  0.1265  0.2946  14 THR A N   
167  C CA  . THR A 17 ? 0.4651 0.6097 0.7401 0.0191  0.1722  0.0833  14 THR A CA  
168  C C   . THR A 17 ? 0.8192 0.7103 0.7009 0.1702  0.3428  0.1587  14 THR A C   
169  O O   . THR A 17 ? 0.8208 0.7440 0.7620 0.2544  0.4312  0.2714  14 THR A O   
170  C CB  . THR A 17 ? 0.8365 0.6676 0.9390 0.2793  0.4682  0.2607  14 THR A CB  
171  O OG1 . THR A 17 ? 0.7575 0.7908 0.9340 0.3191  0.4370  0.3828  14 THR A OG1 
172  C CG2 . THR A 17 ? 0.9792 0.6665 0.8356 0.2623  0.2612  0.3768  14 THR A CG2 
180  N N   . LEU A 18 ? 0.6882 0.5776 0.9665 0.2587  0.4200  0.3301  15 LEU A N   
181  C CA  . LEU A 18 ? 0.8142 0.5358 0.7465 0.2674  0.4015  0.2258  15 LEU A CA  
182  C C   . LEU A 18 ? 0.6399 0.5911 0.9229 0.2726  0.2546  0.2728  15 LEU A C   
183  O O   . LEU A 18 ? 0.5482 0.6585 1.3402 0.1839  0.3242  0.3499  15 LEU A O   
184  C CB  . LEU A 18 ? 0.9269 0.5074 0.6935 0.3041  0.3838  0.2204  15 LEU A CB  
185  C CG  . LEU A 18 ? 0.6180 0.6326 0.5847 0.2665  0.2687  0.1009  15 LEU A CG  
186  C CD1 . LEU A 18 ? 0.8337 0.5232 0.6179 0.3050  0.3065  0.2128  15 LEU A CD1 
187  C CD2 . LEU A 18 ? 0.9237 0.6709 0.8828 0.4263  0.2443  0.1700  15 LEU A CD2 
199  N N   . GLU A 19 ? 0.5235 0.7711 0.8022 0.0251  0.0566  0.3498  16 GLU A N   
200  C CA  . GLU A 19 ? 0.7055 0.6957 1.2289 0.3147  0.0821  0.2415  16 GLU A CA  
201  C C   . GLU A 19 ? 0.7569 0.6678 0.9929 0.2306  0.2019  0.1063  16 GLU A C   
202  O O   . GLU A 19 ? 0.6071 0.7311 0.6439 -0.1004 -0.0907 -0.0217 16 GLU A O   
203  C CB  . GLU A 19 ? 0.6482 0.8404 1.1345 0.1168  0.1917  0.1379  16 GLU A CB  
204  C CG  . GLU A 19 ? 0.9903 0.9268 1.1579 -0.1300 0.0873  -0.0272 16 GLU A CG  
205  C CD  . GLU A 19 ? 1.0364 1.0135 1.2807 0.1635  0.0906  -0.0284 16 GLU A CD  
206  O OE1 . GLU A 19 ? 1.1391 1.2719 1.2964 0.1432  0.0066  -0.0203 16 GLU A OE1 
207  O OE2 . GLU A 19 ? 1.0912 1.2267 0.9791 0.3034  0.2848  -0.1745 16 GLU A OE2 
214  N N   . VAL A 20 ? 0.4518 0.4787 1.1702 0.1344  0.1093  0.0714  17 VAL A N   
215  C CA  . VAL A 20 ? 0.4895 0.5332 0.6701 0.0843  0.0554  -0.0426 17 VAL A CA  
216  C C   . VAL A 20 ? 0.6236 0.6584 1.1193 0.1780  0.2111  -0.0721 17 VAL A C   
217  O O   . VAL A 20 ? 0.6899 0.5497 1.4887 0.1424  -0.0383 -0.2884 17 VAL A O   
218  C CB  . VAL A 20 ? 0.5521 0.5443 0.9199 0.2058  0.0073  0.0877  17 VAL A CB  
219  C CG1 . VAL A 20 ? 0.7091 0.4599 0.8042 0.1856  0.2714  0.0459  17 VAL A CG1 
220  C CG2 . VAL A 20 ? 0.6087 0.4141 0.7950 0.0278  0.1069  -0.0530 17 VAL A CG2 
230  N N   . GLU A 21 ? 0.6017 0.6104 0.6184 0.0447  0.0026  0.0136  18 GLU A N   
231  C CA  . GLU A 21 ? 0.8673 0.5499 0.9641 0.1085  -0.0019 -0.0533 18 GLU A CA  
232  C C   . GLU A 21 ? 0.7509 0.4373 0.8568 0.1620  -0.0375 -0.1561 18 GLU A C   
233  O O   . GLU A 21 ? 0.7523 0.5217 0.8425 0.2168  -0.1296 -0.2144 18 GLU A O   
234  C CB  . GLU A 21 ? 0.5329 0.5131 1.2922 0.1316  0.0760  0.0067  18 GLU A CB  
235  C CG  . GLU A 21 ? 0.8881 0.7199 1.0149 0.0118  -0.0228 -0.0428 18 GLU A CG  
236  C CD  . GLU A 21 ? 0.9386 0.8882 0.8304 -0.0792 0.0364  0.0698  18 GLU A CD  
237  O OE1 . GLU A 21 ? 1.0213 1.0127 0.7741 -0.2316 0.0008  -0.1835 18 GLU A OE1 
238  O OE2 . GLU A 21 ? 0.9943 1.0365 0.9980 -0.0787 0.0716  0.0795  18 GLU A OE2 
245  N N   . PRO A 22 ? 0.6731 0.5615 0.9021 0.2587  -0.1314 -0.2776 19 PRO A N   
246  C CA  . PRO A 22 ? 0.5239 0.8755 0.8660 0.2274  -0.0356 -0.2020 19 PRO A CA  
247  C C   . PRO A 22 ? 0.6833 0.6859 0.6727 0.1628  0.0844  -0.1403 19 PRO A C   
248  O O   . PRO A 22 ? 0.7615 1.2551 0.4490 0.0502  0.0536  -0.0875 19 PRO A O   
249  C CB  . PRO A 22 ? 0.7804 0.6923 0.9398 0.0581  -0.2731 -0.3454 19 PRO A CB  
250  C CG  . PRO A 22 ? 1.0423 0.7294 0.7786 0.1785  -0.1519 -0.4052 19 PRO A CG  
251  C CD  . PRO A 22 ? 0.9996 0.5020 0.8470 0.1702  -0.2518 -0.2935 19 PRO A CD  
259  N N   . ASN A 23 ? 0.6453 0.6558 0.6352 0.1650  -0.1248 -0.1492 20 ASN A N   
260  C CA  . ASN A 23 ? 0.7403 0.7352 0.4065 0.0707  -0.0195 0.0081  20 ASN A CA  
261  C C   . ASN A 23 ? 0.5115 0.7667 0.5118 -0.0753 0.1011  -0.0865 20 ASN A C   
262  O O   . ASN A 23 ? 0.7229 0.6461 0.4558 0.0449  -0.0828 -0.1279 20 ASN A O   
263  C CB  . ASN A 23 ? 0.9475 0.6910 0.5955 0.2237  0.0014  -0.2300 20 ASN A CB  
264  C CG  . ASN A 23 ? 0.7625 1.0089 0.9527 -0.0250 -0.0875 0.1536  20 ASN A CG  
265  O OD1 . ASN A 23 ? 1.1340 1.1331 0.9070 0.0629  -0.0499 0.2464  20 ASN A OD1 
266  N ND2 . ASN A 23 ? 1.3630 0.9239 0.9193 -0.1269 0.1140  0.1304  20 ASN A ND2 
273  N N   . ASP A 24 ? 0.4831 0.5209 0.5643 0.0045  0.0803  -0.0739 21 ASP A N   
274  C CA  . ASP A 24 ? 0.4142 0.6385 0.5858 -0.0470 0.0860  -0.2462 21 ASP A CA  
275  C C   . ASP A 24 ? 0.3771 0.5144 0.4297 0.1803  0.0315  -0.0287 21 ASP A C   
276  O O   . ASP A 24 ? 0.4005 0.5276 0.4477 0.1489  0.0340  -0.0605 21 ASP A O   
277  C CB  . ASP A 24 ? 0.4387 0.5265 0.6920 0.0761  0.1358  -0.1303 21 ASP A CB  
278  C CG  . ASP A 24 ? 0.5104 0.4798 1.0004 0.1427  0.1077  -0.1215 21 ASP A CG  
279  O OD1 . ASP A 24 ? 0.5277 0.5588 1.3727 0.1221  0.3333  0.1391  21 ASP A OD1 
280  O OD2 . ASP A 24 ? 0.5973 0.6962 1.0061 0.1719  0.2163  0.1324  21 ASP A OD2 
285  N N   . SER A 25 ? 0.3483 0.4687 0.3800 0.1123  0.0503  -0.0362 22 SER A N   
286  C CA  . SER A 25 ? 0.3646 0.4254 0.3225 0.1004  0.0384  0.0104  22 SER A CA  
287  C C   . SER A 25 ? 0.3706 0.4336 0.2784 0.1115  0.0746  0.0518  22 SER A C   
288  O O   . SER A 25 ? 0.3640 0.4040 0.3156 0.1053  0.0438  0.0194  22 SER A O   
289  C CB  . SER A 25 ? 0.3308 0.4466 0.3071 0.0789  0.0165  -0.0105 22 SER A CB  
290  O OG  . SER A 25 ? 0.3594 0.5063 0.3120 0.1044  0.0217  -0.0254 22 SER A OG  
296  N N   . ILE A 26 ? 0.3581 0.4283 0.2630 0.0913  0.0782  0.0344  23 ILE A N   
297  C CA  . ILE A 26 ? 0.3706 0.3774 0.2778 0.0887  0.0654  0.0158  23 ILE A CA  
298  C C   . ILE A 26 ? 0.3394 0.4608 0.2485 0.0932  0.0555  0.0598  23 ILE A C   
299  O O   . ILE A 26 ? 0.3071 0.5071 0.3036 0.0768  0.0557  0.0422  23 ILE A O   
300  C CB  . ILE A 26 ? 0.3369 0.4390 0.3409 0.0833  0.1033  0.0347  23 ILE A CB  
301  C CG1 . ILE A 26 ? 0.3506 0.4991 0.3341 0.1333  0.0485  0.0621  23 ILE A CG1 
302  C CG2 . ILE A 26 ? 0.3484 0.4989 0.3112 0.0818  0.0541  0.0201  23 ILE A CG2 
303  C CD1 . ILE A 26 ? 0.3800 0.5184 0.3973 0.1590  0.0948  0.0239  23 ILE A CD1 
315  N N   . ASP A 27 ? 0.3039 0.4779 0.2692 0.0857  0.0367  -0.0008 24 ASP A N   
316  C CA  . ASP A 27 ? 0.2980 0.4319 0.2973 0.0563  0.0259  -0.0179 24 ASP A CA  
317  C C   . ASP A 27 ? 0.3150 0.4925 0.2423 0.0776  0.0134  0.0286  24 ASP A C   
318  O O   . ASP A 27 ? 0.3643 0.4466 0.2617 0.0947  0.0374  0.0286  24 ASP A O   
319  C CB  . ASP A 27 ? 0.2710 0.5014 0.3240 0.0424  0.0276  0.0155  24 ASP A CB  
320  C CG  . ASP A 27 ? 0.3005 0.8476 0.4625 0.1049  0.1044  0.0416  24 ASP A CG  
321  O OD1 . ASP A 27 ? 0.6078 0.5198 0.5402 -0.0136 0.2709  -0.0259 24 ASP A OD1 
322  O OD2 . ASP A 27 ? 0.4458 0.6044 0.9901 0.1942  -0.0202 0.0740  24 ASP A OD2 
327  N N   . ALA A 28 ? 0.3126 0.4803 0.2456 0.0777  0.0410  0.0305  25 ALA A N   
328  C CA  . ALA A 28 ? 0.3246 0.4939 0.2812 0.1223  0.0412  0.0020  25 ALA A CA  
329  C C   . ALA A 28 ? 0.3509 0.4567 0.2828 0.1185  0.0474  0.0217  25 ALA A C   
330  O O   . ALA A 28 ? 0.4222 0.4333 0.3168 0.1288  0.0687  0.0129  25 ALA A O   
331  C CB  . ALA A 28 ? 0.3879 0.4651 0.2831 0.0487  0.0188  0.0548  25 ALA A CB  
337  N N   . ILE A 29 ? 0.3580 0.4562 0.2913 0.1245  0.0355  0.0192  26 ILE A N   
338  C CA  . ILE A 29 ? 0.3907 0.4817 0.3181 0.1329  0.0208  0.0316  26 ILE A CA  
339  C C   . ILE A 29 ? 0.3402 0.4372 0.3302 0.0755  0.0493  0.0754  26 ILE A C   
340  O O   . ILE A 29 ? 0.3723 0.4253 0.3549 0.1381  0.0792  0.0597  26 ILE A O   
341  C CB  . ILE A 29 ? 0.4288 0.5822 0.3696 0.2364  0.1257  0.0511  26 ILE A CB  
342  C CG1 . ILE A 29 ? 0.5727 0.5667 0.4714 0.2701  0.1855  -0.0027 26 ILE A CG1 
343  C CG2 . ILE A 29 ? 0.4646 0.4880 0.3534 0.2379  0.1098  0.0891  26 ILE A CG2 
344  C CD1 . ILE A 29 ? 0.5938 0.6927 0.5780 0.2469  0.1499  -0.0083 26 ILE A CD1 
356  N N   . LYS A 30 ? 0.3065 0.4678 0.2774 0.0815  0.0574  0.0719  27 LYS A N   
357  C CA  . LYS A 30 ? 0.3026 0.5152 0.2849 0.0876  0.0715  0.0915  27 LYS A CA  
358  C C   . LYS A 30 ? 0.3137 0.4175 0.3010 0.0906  0.0437  0.0565  27 LYS A C   
359  O O   . LYS A 30 ? 0.3281 0.5345 0.2558 0.0782  0.0461  0.0545  27 LYS A O   
360  C CB  . LYS A 30 ? 0.3008 0.5464 0.2485 0.0250  0.0376  0.0567  27 LYS A CB  
361  C CG  . LYS A 30 ? 0.3010 0.6279 0.2906 -0.0053 0.0181  0.1073  27 LYS A CG  
362  C CD  . LYS A 30 ? 0.3335 0.6665 0.3526 -0.0698 0.0977  0.0099  27 LYS A CD  
363  C CE  . LYS A 30 ? 0.4583 0.7804 0.3612 -0.1263 0.0528  -0.0334 27 LYS A CE  
364  N NZ  . LYS A 30 ? 0.4569 0.7556 0.4776 -0.0565 0.0591  0.0152  27 LYS A NZ  
378  N N   . ALA A 31 ? 0.3169 0.4512 0.2763 0.0936  0.0692  0.0763  28 ALA A N   
379  C CA  . ALA A 31 ? 0.3331 0.4319 0.2627 0.0943  0.0094  0.0385  28 ALA A CA  
380  C C   . ALA A 31 ? 0.2966 0.4308 0.2934 0.0674  0.0264  0.0717  28 ALA A C   
381  O O   . ALA A 31 ? 0.3606 0.4352 0.2855 0.0735  0.0444  0.0405  28 ALA A O   
382  C CB  . ALA A 31 ? 0.3711 0.4410 0.3021 0.1037  0.0544  0.0538  28 ALA A CB  
388  N N   . LYS A 32 ? 0.3617 0.4065 0.3475 0.0942  0.0811  0.0128  29 LYS A N   
389  C CA  . LYS A 32 ? 0.4066 0.3774 0.3794 0.0783  0.0869  0.0080  29 LYS A CA  
390  C C   . LYS A 32 ? 0.3611 0.5401 0.3078 0.1514  0.0306  0.0257  29 LYS A C   
391  O O   . LYS A 32 ? 0.4504 0.5340 0.3657 0.1758  0.1284  0.1257  29 LYS A O   
392  C CB  . LYS A 32 ? 0.4123 0.4309 0.4062 0.1251  0.0710  0.0928  29 LYS A CB  
393  C CG  . LYS A 32 ? 0.5156 0.4996 0.5018 0.2234  0.0419  0.0230  29 LYS A CG  
394  C CD  . LYS A 32 ? 0.7243 0.5284 0.5467 0.2349  -0.0660 -0.1371 29 LYS A CD  
395  C CE  . LYS A 32 ? 0.7146 0.6256 0.8843 0.2071  -0.0072 -0.2187 29 LYS A CE  
396  N NZ  . LYS A 32 ? 0.6224 0.9037 1.0387 0.0912  -0.3220 -0.1899 29 LYS A NZ  
410  N N   . ILE A 33 ? 0.3260 0.5199 0.3647 0.1085  0.0638  0.0722  30 ILE A N   
411  C CA  . ILE A 33 ? 0.4536 0.6613 0.3429 0.2447  0.1248  0.1475  30 ILE A CA  
412  C C   . ILE A 33 ? 0.3501 0.6176 0.2802 0.1451  0.0116  0.0871  30 ILE A C   
413  O O   . ILE A 33 ? 0.4125 0.7473 0.3120 0.1987  0.0905  0.1876  30 ILE A O   
414  C CB  . ILE A 33 ? 0.4317 0.5338 0.3117 0.1794  0.0499  0.0796  30 ILE A CB  
415  C CG1 . ILE A 33 ? 0.4607 0.5147 0.3899 0.2144  0.1615  0.1329  30 ILE A CG1 
416  C CG2 . ILE A 33 ? 0.3819 0.7563 0.3298 0.2225  0.1037  0.1945  30 ILE A CG2 
417  C CD1 . ILE A 33 ? 0.3958 0.5548 0.3631 0.1448  0.0821  0.1159  30 ILE A CD1 
429  N N   . GLN A 34 ? 0.3427 0.5182 0.2823 0.1175  0.0368  0.0724  31 GLN A N   
430  C CA  . GLN A 34 ? 0.3215 0.5742 0.3203 0.1172  0.0326  0.0463  31 GLN A CA  
431  C C   . GLN A 34 ? 0.4099 0.7303 0.2522 0.1311  0.0337  0.1125  31 GLN A C   
432  O O   . GLN A 34 ? 0.3041 0.6407 0.3248 0.0925  0.0444  0.1144  31 GLN A O   
433  C CB  . GLN A 34 ? 0.2958 0.5565 0.3356 0.0768  0.0834  0.0286  31 GLN A CB  
434  C CG  . GLN A 34 ? 0.3289 0.4807 0.3612 0.0630  0.0407  0.0702  31 GLN A CG  
435  C CD  . GLN A 34 ? 0.3792 0.5690 0.2970 0.0236  -0.0016 0.0236  31 GLN A CD  
436  O OE1 . GLN A 34 ? 0.3148 0.4857 0.4368 0.0768  0.0566  0.0816  31 GLN A OE1 
437  N NE2 . GLN A 34 ? 0.4172 0.6782 0.3281 0.1083  0.0673  0.1545  31 GLN A NE2 
446  N N   . GLU A 35 ? 0.3405 0.5443 0.2999 0.1281  0.0728  0.0774  32 GLU A N   
447  C CA  . GLU A 35 ? 0.3655 0.4825 0.4366 0.1283  0.1381  0.0858  32 GLU A CA  
448  C C   . GLU A 35 ? 0.4796 0.5310 0.3934 0.2400  0.1309  0.1257  32 GLU A C   
449  O O   . GLU A 35 ? 0.5802 0.6113 0.4239 0.2130  0.2106  0.1765  32 GLU A O   
450  C CB  . GLU A 35 ? 0.4169 0.4311 0.5258 0.1015  0.1518  -0.0122 32 GLU A CB  
451  C CG  . GLU A 35 ? 0.4421 0.3678 0.5635 0.0811  0.2384  0.0520  32 GLU A CG  
452  C CD  . GLU A 35 ? 0.4314 0.4442 0.4614 0.0655  0.0808  -0.0295 32 GLU A CD  
453  O OE1 . GLU A 35 ? 0.3813 0.5010 0.5357 0.0825  0.0575  0.0103  32 GLU A OE1 
454  O OE2 . GLU A 35 ? 0.3321 0.5189 0.4660 0.0328  0.0439  0.0566  32 GLU A OE2 
461  N N   . LYS A 36 ? 0.4780 0.5405 0.3835 0.2044  0.1327  0.1669  33 LYS A N   
462  C CA  . LYS A 36 ? 0.5552 0.6331 0.4387 0.2997  0.2130  0.2129  33 LYS A CA  
463  C C   . LYS A 36 ? 0.6232 0.6561 0.3296 0.3119  0.1121  0.1718  33 LYS A C   
464  O O   . LYS A 36 ? 0.6900 0.6487 0.3800 0.2828  0.1119  0.1973  33 LYS A O   
465  C CB  . LYS A 36 ? 0.6621 0.6558 0.4761 0.3767  0.1280  0.1389  33 LYS A CB  
466  C CG  . LYS A 36 ? 0.6746 0.6883 0.7683 0.1619  0.3426  0.1072  33 LYS A CG  
467  C CD  . LYS A 36 ? 0.5803 0.7078 0.7013 0.0919  0.1362  -0.0395 33 LYS A CD  
468  C CE  . LYS A 36 ? 0.8255 0.6292 0.6694 0.2113  0.3430  0.1355  33 LYS A CE  
469  N NZ  . LYS A 36 ? 1.0985 0.8225 0.6607 0.2993  0.3311  0.0158  33 LYS A NZ  
483  N N   . GLU A 37 ? 0.5160 0.6716 0.5455 0.2401  0.2214  0.2750  34 GLU A N   
484  C CA  . GLU A 37 ? 0.4469 0.8785 0.3972 0.2290  0.1534  0.1180  34 GLU A CA  
485  C C   . GLU A 37 ? 0.3796 0.9460 0.2548 0.1579  0.0215  0.0647  34 GLU A C   
486  O O   . GLU A 37 ? 0.4543 1.0978 0.3339 0.3067  0.0428  0.0680  34 GLU A O   
487  C CB  . GLU A 37 ? 0.6192 0.7796 0.3659 0.3742  0.0207  0.0494  34 GLU A CB  
488  C CG  . GLU A 37 ? 0.5950 0.8959 0.6091 0.3287  0.1361  0.3360  34 GLU A CG  
489  C CD  . GLU A 37 ? 0.4884 1.0247 1.1960 0.3076  -0.0208 0.0926  34 GLU A CD  
490  O OE1 . GLU A 37 ? 1.2079 0.9563 0.7466 0.2087  0.4219  0.2709  34 GLU A OE1 
491  O OE2 . GLU A 37 ? 0.5466 1.2251 1.2820 0.3661  0.1498  0.1143  34 GLU A OE2 
498  N N   . GLY A 38 ? 0.3628 0.8089 0.3000 0.1303  0.0354  0.1356  35 GLY A N   
499  C CA  . GLY A 38 ? 0.3250 1.0443 0.3299 0.0674  0.0328  0.0475  35 GLY A CA  
500  C C   . GLY A 38 ? 0.2946 0.9526 0.2678 0.1626  -0.0137 -0.0655 35 GLY A C   
501  O O   . GLY A 38 ? 0.3350 0.9236 0.2880 0.0464  0.0326  -0.1425 35 GLY A O   
505  N N   . ILE A 39 ? 0.3512 0.8204 0.2891 0.1984  0.0793  0.0899  36 ILE A N   
506  C CA  . ILE A 39 ? 0.3811 0.7933 0.2090 0.1284  0.0104  0.0075  36 ILE A CA  
507  C C   . ILE A 39 ? 0.4193 0.8919 0.2608 0.0165  0.0285  -0.0234 36 ILE A C   
508  O O   . ILE A 39 ? 0.3267 0.7245 0.2746 0.0927  0.0298  0.0325  36 ILE A O   
509  C CB  . ILE A 39 ? 0.3020 0.8080 0.2501 0.1043  0.0330  -0.0043 36 ILE A CB  
510  C CG1 . ILE A 39 ? 0.3435 0.9047 0.2367 0.1492  0.0110  0.0161  36 ILE A CG1 
511  C CG2 . ILE A 39 ? 0.3418 0.9770 0.2738 0.1247  0.0091  -0.0256 36 ILE A CG2 
512  C CD1 . ILE A 39 ? 0.4087 0.9933 0.3155 0.1940  0.0774  0.0348  36 ILE A CD1 
524  N N   . PRO A 40 ? 0.3116 0.8568 0.2173 0.0158  0.0120  -0.0258 37 PRO A N   
525  C CA  . PRO A 40 ? 0.3693 0.8845 0.2228 0.0523  -0.0069 -0.0062 37 PRO A CA  
526  C C   . PRO A 40 ? 0.3159 0.7087 0.2743 0.0467  0.0007  -0.0351 37 PRO A C   
527  O O   . PRO A 40 ? 0.3172 0.9288 0.2681 0.0373  -0.0046 0.0090  37 PRO A O   
528  C CB  . PRO A 40 ? 0.3974 0.7956 0.2565 0.0425  0.0446  -0.0508 37 PRO A CB  
529  C CG  . PRO A 40 ? 0.4786 0.8911 0.2678 0.0207  0.0251  0.0286  37 PRO A CG  
530  C CD  . PRO A 40 ? 0.4282 1.0361 0.2653 0.1147  0.0058  0.0249  37 PRO A CD  
538  N N   . PRO A 41 ? 0.3358 0.5674 0.2540 0.0426  0.0547  -0.0052 38 PRO A N   
539  C CA  . PRO A 41 ? 0.3375 0.6254 0.3172 0.0041  -0.0555 -0.0010 38 PRO A CA  
540  C C   . PRO A 41 ? 0.5613 0.7987 0.2482 0.0727  -0.0259 -0.0642 38 PRO A C   
541  O O   . PRO A 41 ? 0.3322 0.7611 0.3147 0.0011  0.0405  -0.0552 38 PRO A O   
542  C CB  . PRO A 41 ? 0.3177 0.4994 0.2769 -0.0031 0.0415  -0.0072 38 PRO A CB  
543  C CG  . PRO A 41 ? 0.3019 0.5100 0.2689 0.0406  0.0249  0.0352  38 PRO A CG  
544  C CD  . PRO A 41 ? 0.2690 0.5418 0.3250 0.0055  0.0175  0.0139  38 PRO A CD  
552  N N   . ASP A 42 ? 0.3215 0.7918 0.2924 -0.0951 0.0030  0.0008  39 ASP A N   
553  C CA  . ASP A 42 ? 0.4134 0.9244 0.3937 -0.0667 0.0077  -0.1832 39 ASP A CA  
554  C C   . ASP A 42 ? 0.3235 0.7779 0.5037 -0.1307 -0.0546 0.0444  39 ASP A C   
555  O O   . ASP A 42 ? 0.3989 0.9294 0.5109 -0.1623 -0.0292 -0.0557 39 ASP A O   
556  C CB  . ASP A 42 ? 0.5531 0.6741 0.3271 -0.2129 0.0104  -0.0366 39 ASP A CB  
557  C CG  . ASP A 42 ? 0.8447 0.6496 0.4719 -0.3278 -0.0306 -0.0086 39 ASP A CG  
558  O OD1 . ASP A 42 ? 0.4977 0.7596 0.5035 -0.1403 -0.0273 0.0230  39 ASP A OD1 
559  O OD2 . ASP A 42 ? 0.6768 0.5828 0.6410 -0.2286 0.0909  0.0163  39 ASP A OD2 
564  N N   . GLN A 43 ? 0.3443 0.7349 0.4397 -0.0448 0.0545  -0.1349 40 GLN A N   
565  C CA  . GLN A 43 ? 0.2748 0.9963 0.3838 0.0316  -0.0314 -0.1461 40 GLN A CA  
566  C C   . GLN A 43 ? 0.2720 0.9956 0.5027 0.0765  0.0222  0.0103  40 GLN A C   
567  O O   . GLN A 43 ? 0.3886 0.9604 0.4866 0.0750  -0.0370 -0.1108 40 GLN A O   
568  C CB  . GLN A 43 ? 0.3377 0.8758 0.4001 -0.0581 -0.0221 -0.1203 40 GLN A CB  
569  C CG  . GLN A 43 ? 0.3881 0.6456 0.4920 0.0553  -0.0127 0.0266  40 GLN A CG  
570  C CD  . GLN A 43 ? 0.7215 1.2270 0.4734 -0.1308 0.1635  -0.0937 40 GLN A CD  
571  O OE1 . GLN A 43 ? 0.6554 1.0434 0.7121 -0.1603 0.1552  -0.2562 40 GLN A OE1 
572  N NE2 . GLN A 43 ? 0.4330 1.1271 0.7575 -0.1120 -0.0445 -0.0061 40 GLN A NE2 
581  N N   . GLN A 44 ? 0.3286 0.8898 0.3853 -0.0023 0.0136  -0.1084 41 GLN A N   
582  C CA  . GLN A 44 ? 0.3263 0.9847 0.3628 0.0304  0.0592  -0.1415 41 GLN A CA  
583  C C   . GLN A 44 ? 0.3149 0.7693 0.4087 0.0344  0.0189  -0.1642 41 GLN A C   
584  O O   . GLN A 44 ? 0.3356 1.1026 0.4143 -0.0657 0.0733  -0.1107 41 GLN A O   
585  C CB  . GLN A 44 ? 0.3607 0.6752 0.3004 0.0485  0.0487  -0.0134 41 GLN A CB  
586  C CG  . GLN A 44 ? 0.3098 0.9840 0.2691 0.1070  0.0021  0.0438  41 GLN A CG  
587  C CD  . GLN A 44 ? 0.2949 0.7699 0.2754 0.1213  0.0464  0.0150  41 GLN A CD  
588  O OE1 . GLN A 44 ? 0.3406 0.5773 0.2827 0.0930  0.0434  0.0436  41 GLN A OE1 
589  N NE2 . GLN A 44 ? 0.3342 0.7186 0.2584 0.1298  0.0427  0.0496  41 GLN A NE2 
598  N N   . ARG A 45 ? 0.2925 1.0727 0.5176 0.0882  -0.0018 -0.1574 42 ARG A N   
599  C CA  . ARG A 45 ? 0.2831 0.9345 0.7191 0.0174  0.1443  -0.0626 42 ARG A CA  
600  C C   . ARG A 45 ? 0.5324 0.9667 0.4965 0.1683  0.2088  0.0957  42 ARG A C   
601  O O   . ARG A 45 ? 0.4635 1.1507 0.5186 0.0565  0.1225  -0.2050 42 ARG A O   
602  C CB  . ARG A 45 ? 0.3054 1.0773 0.5864 -0.0521 0.0646  -0.1740 42 ARG A CB  
603  C CG  . ARG A 45 ? 0.4031 1.2609 0.8248 0.0221  0.0591  -0.1622 42 ARG A CG  
604  C CD  . ARG A 45 ? 0.3303 1.2401 1.0465 -0.0563 -0.0270 -0.1222 42 ARG A CD  
605  N NE  . ARG A 45 ? 0.4737 1.3919 1.4053 -0.1270 -0.1189 -0.0035 42 ARG A NE  
606  C CZ  . ARG A 45 ? 0.6124 1.3293 1.1804 0.0662  -0.0921 -0.1016 42 ARG A CZ  
607  N NH1 . ARG A 45 ? 1.0465 1.3359 0.9086 0.0750  -0.1549 -0.3335 42 ARG A NH1 
608  N NH2 . ARG A 45 ? 0.6776 1.4047 0.6822 -0.1920 0.0250  -0.0863 42 ARG A NH2 
622  N N   . LEU A 46 ? 0.3439 1.0920 0.3769 0.1171  0.0561  -0.0698 43 LEU A N   
623  C CA  . LEU A 46 ? 0.3861 0.9906 0.4274 0.0397  0.1187  -0.1317 43 LEU A CA  
624  C C   . LEU A 46 ? 0.6336 0.4889 0.8715 0.1085  0.1442  -0.2177 43 LEU A C   
625  O O   . LEU A 46 ? 0.3317 1.1203 0.4951 0.0463  0.0829  -0.1259 43 LEU A O   
626  C CB  . LEU A 46 ? 0.3230 0.9676 0.4052 0.0123  0.0095  -0.0483 43 LEU A CB  
627  C CG  . LEU A 46 ? 0.3917 0.8710 0.3452 0.0308  0.1226  0.0183  43 LEU A CG  
628  C CD1 . LEU A 46 ? 0.3156 0.9230 0.3883 0.0716  0.0538  0.0469  43 LEU A CD1 
629  C CD2 . LEU A 46 ? 0.4115 1.0653 0.4194 0.0991  0.0392  0.2980  43 LEU A CD2 
641  N N   . ILE A 47 ? 0.3782 0.8188 0.4825 -0.0086 0.0882  -0.0667 44 ILE A N   
642  C CA  . ILE A 47 ? 0.3368 0.9376 0.7475 0.1272  0.0121  -0.1536 44 ILE A CA  
643  C C   . ILE A 47 ? 0.2888 0.7164 0.5073 0.0732  0.1221  0.2018  44 ILE A C   
644  O O   . ILE A 47 ? 0.4036 1.0064 0.4181 0.0217  0.1421  0.0690  44 ILE A O   
645  C CB  . ILE A 47 ? 0.3723 1.0747 0.5536 0.1151  0.1048  -0.1303 44 ILE A CB  
646  C CG1 . ILE A 47 ? 0.6176 0.8326 0.8463 0.2100  0.1625  -0.0416 44 ILE A CG1 
647  C CG2 . ILE A 47 ? 0.3788 1.0342 0.8108 -0.1069 0.1794  -0.2697 44 ILE A CG2 
648  C CD1 . ILE A 47 ? 0.3964 1.2731 0.9082 0.2094  -0.0767 -0.0133 44 ILE A CD1 
660  N N   . PHE A 48 ? 0.2773 0.9659 0.4808 0.0435  0.0851  -0.0021 45 PHE A N   
661  C CA  . PHE A 48 ? 0.3567 0.7383 0.4384 0.0943  0.1622  0.1738  45 PHE A CA  
662  C C   . PHE A 48 ? 0.5473 0.5531 0.5975 0.2247  0.2943  0.2418  45 PHE A C   
663  O O   . PHE A 48 ? 0.4778 0.4837 0.4988 0.1352  0.2401  0.0902  45 PHE A O   
664  C CB  . PHE A 48 ? 0.4594 0.8008 0.3814 0.2790  0.0057  -0.0328 45 PHE A CB  
665  C CG  . PHE A 48 ? 0.5020 0.6782 0.4276 0.3056  0.1486  0.1272  45 PHE A CG  
666  C CD1 . PHE A 48 ? 0.4649 0.7281 0.4148 0.2877  0.1450  0.1661  45 PHE A CD1 
667  C CD2 . PHE A 48 ? 0.4908 0.4663 0.4248 0.1470  0.1208  0.0745  45 PHE A CD2 
668  C CE1 . PHE A 48 ? 0.5595 0.6473 0.5497 0.3240  0.2074  0.1799  45 PHE A CE1 
669  C CE2 . PHE A 48 ? 0.6418 0.4242 0.6576 0.2136  0.2648  0.0118  45 PHE A CE2 
670  C CZ  . PHE A 48 ? 0.7052 0.4416 0.6551 0.2638  0.2261  0.0220  45 PHE A CZ  
680  N N   . ALA A 49 ? 0.3122 0.6285 0.9300 0.0524  0.1081  0.3472  46 ALA A N   
681  C CA  . ALA A 49 ? 0.3467 0.6854 0.9892 0.0474  0.2178  0.1585  46 ALA A CA  
682  C C   . ALA A 49 ? 0.4149 0.4885 0.9315 0.1191  0.2820  0.2172  46 ALA A C   
683  O O   . ALA A 49 ? 0.5046 0.4639 1.1030 0.0979  0.3524  0.2487  46 ALA A O   
684  C CB  . ALA A 49 ? 0.5404 0.4286 0.8097 0.0552  0.3592  -0.0368 46 ALA A CB  
690  N N   . GLY A 50 ? 0.3444 0.9762 0.7780 0.0357  0.1954  0.1450  47 GLY A N   
691  C CA  . GLY A 50 ? 0.3317 0.8908 0.8185 0.1749  0.0870  0.1976  47 GLY A CA  
692  C C   . GLY A 50 ? 0.3186 0.7508 0.9802 0.0198  0.1797  -0.0153 47 GLY A C   
693  O O   . GLY A 50 ? 0.4340 0.9722 0.8134 -0.1359 0.0720  0.1397  47 GLY A O   
697  N N   . LYS A 51 ? 0.3847 0.5628 0.8458 0.1232  0.2518  0.0418  48 LYS A N   
698  C CA  . LYS A 51 ? 0.4125 0.4467 0.8605 0.0464  0.2035  -0.1013 48 LYS A CA  
699  C C   . LYS A 51 ? 0.3733 0.6609 0.7941 0.1417  0.2178  -0.0617 48 LYS A C   
700  O O   . LYS A 51 ? 0.3721 0.8282 0.5647 0.1390  0.1552  -0.1004 48 LYS A O   
701  C CB  . LYS A 51 ? 0.7312 0.3660 0.7085 0.2072  0.2684  0.1075  48 LYS A CB  
702  C CG  . LYS A 51 ? 0.7653 0.6405 0.8682 0.0678  0.2545  -0.1239 48 LYS A CG  
703  C CD  . LYS A 51 ? 1.3307 0.5440 1.1313 0.1918  0.2324  -0.1834 48 LYS A CD  
704  C CE  . LYS A 51 ? 1.2999 0.8103 0.9939 0.2203  0.0735  -0.2569 48 LYS A CE  
705  N NZ  . LYS A 51 ? 0.5867 1.3138 0.7302 0.0864  0.1570  -0.1755 48 LYS A NZ  
719  N N   . GLN A 52 ? 0.4414 0.7439 0.7168 0.2656  0.1256  -0.0153 49 GLN A N   
720  C CA  . GLN A 52 ? 0.4208 0.6600 0.8335 0.0680  0.0431  -0.1601 49 GLN A CA  
721  C C   . GLN A 52 ? 0.3595 0.6073 0.7963 0.0077  -0.0675 -0.0268 49 GLN A C   
722  O O   . GLN A 52 ? 0.4651 0.5632 0.8301 0.1254  0.1890  0.0282  49 GLN A O   
723  C CB  . GLN A 52 ? 0.5902 0.6788 0.8448 0.2276  0.1778  -0.0726 49 GLN A CB  
724  C CG  . GLN A 52 ? 0.9377 0.7298 0.9253 0.2038  0.1548  -0.0908 49 GLN A CG  
725  C CD  . GLN A 52 ? 0.6987 0.8494 1.1072 0.1583  0.2806  -0.1871 49 GLN A CD  
726  O OE1 . GLN A 52 ? 0.8456 1.0087 1.0200 -0.0593 0.1535  0.0218  49 GLN A OE1 
727  N NE2 . GLN A 52 ? 0.8520 0.8552 1.0830 0.1664  0.2002  -0.0782 49 GLN A NE2 
736  N N   . LEU A 53 ? 0.3790 0.5595 0.7666 0.1540  -0.0298 -0.0668 50 LEU A N   
737  C CA  . LEU A 53 ? 0.4234 0.6210 0.5083 0.1353  0.0953  -0.0484 50 LEU A CA  
738  C C   . LEU A 53 ? 0.3823 0.8200 0.4900 0.0781  0.0437  -0.1179 50 LEU A C   
739  O O   . LEU A 53 ? 0.4262 0.5749 0.7529 0.1493  -0.0199 -0.1059 50 LEU A O   
740  C CB  . LEU A 53 ? 0.3951 0.5974 0.5266 0.1516  0.0387  -0.0141 50 LEU A CB  
741  C CG  . LEU A 53 ? 0.3894 0.6323 0.5226 0.2020  0.0211  -0.0412 50 LEU A CG  
742  C CD1 . LEU A 53 ? 0.6288 0.6719 0.4738 0.1921  0.0820  0.1558  50 LEU A CD1 
743  C CD2 . LEU A 53 ? 0.4189 0.5604 0.5370 0.1578  0.0633  0.0029  50 LEU A CD2 
755  N N   A GLU A 54 ? 0.2860 0.6865 0.5664 0.1180  0.0158  -0.2293 51 GLU A N   
756  N N   B GLU A 54 ? 0.4660 0.6183 0.6881 0.0826  0.1601  0.3243  51 GLU A N   
757  C CA  A GLU A 54 ? 0.4336 0.5155 1.0033 -0.0475 0.1145  -0.0223 51 GLU A CA  
758  C CA  B GLU A 54 ? 0.3168 0.5867 0.8823 0.0720  0.1934  0.0591  51 GLU A CA  
759  C C   A GLU A 54 ? 0.2646 0.4383 0.6073 0.0552  0.1355  -0.0733 51 GLU A C   
760  C C   B GLU A 54 ? 0.4398 0.5915 0.4744 0.0492  0.1927  0.2139  51 GLU A C   
761  O O   A GLU A 54 ? 0.3202 0.3624 0.6393 0.1012  0.0053  -0.0306 51 GLU A O   
762  O O   B GLU A 54 ? 0.4895 0.3886 0.4890 0.1493  0.0800  0.1472  51 GLU A O   
763  C CB  A GLU A 54 ? 0.5860 0.4723 0.9144 0.2553  0.0529  -0.0215 51 GLU A CB  
764  C CB  B GLU A 54 ? 0.4092 0.5847 1.0178 -0.0193 0.2424  0.1461  51 GLU A CB  
765  C CG  A GLU A 54 ? 0.7245 0.7643 0.9090 0.0190  0.1595  -0.0861 51 GLU A CG  
766  C CG  B GLU A 54 ? 0.8371 0.8947 0.8228 0.0013  0.2185  -0.0083 51 GLU A CG  
767  C CD  A GLU A 54 ? 0.5403 0.6596 0.9277 0.2984  0.0366  -0.0250 51 GLU A CD  
768  C CD  B GLU A 54 ? 0.3637 1.0863 0.6388 -0.0146 0.0681  -0.2217 51 GLU A CD  
769  O OE1 A GLU A 54 ? 0.6238 0.6124 0.6669 0.3023  0.1197  0.0101  51 GLU A OE1 
770  O OE1 B GLU A 54 ? 0.5909 0.8507 0.7946 0.3208  0.2246  -0.0403 51 GLU A OE1 
771  O OE2 A GLU A 54 ? 0.8450 0.7393 0.5994 0.3023  -0.1438 -0.1694 51 GLU A OE2 
772  O OE2 B GLU A 54 ? 0.6691 0.9134 0.9049 0.2147  0.0619  -0.0510 51 GLU A OE2 
781  N N   A GLU A 55 ? 0.3128 0.4101 0.4495 0.0800  -0.0553 0.0434  52 GLU A N   
782  N N   B GLU A 55 ? 0.3593 0.6467 0.3787 0.0480  0.0166  0.2336  52 GLU A N   
783  C CA  A GLU A 55 ? 0.4593 0.6409 0.2684 -0.0514 0.0842  0.0252  52 GLU A CA  
784  C CA  B GLU A 55 ? 0.2541 0.4828 0.5485 0.1232  0.0957  0.0920  52 GLU A CA  
785  C C   A GLU A 55 ? 0.3227 0.4906 0.2072 -0.0500 0.0164  0.0673  52 GLU A C   
786  C C   B GLU A 55 ? 0.5802 0.4887 0.3910 -0.0766 -0.0064 0.1322  52 GLU A C   
787  O O   A GLU A 55 ? 0.3743 0.4244 0.3383 0.1261  0.1583  0.0422  52 GLU A O   
788  O O   B GLU A 55 ? 0.4380 0.4573 0.7121 0.1227  0.0949  0.1694  52 GLU A O   
789  C CB  A GLU A 55 ? 0.3049 0.6931 0.3164 0.0003  0.0700  -0.1089 52 GLU A CB  
790  C CB  B GLU A 55 ? 0.4129 0.5974 0.3415 0.1191  0.0943  0.1592  52 GLU A CB  
791  C CG  A GLU A 55 ? 0.8355 0.3910 0.4677 0.1219  0.2989  0.0034  52 GLU A CG  
792  C CG  B GLU A 55 ? 0.2694 0.5061 0.4738 0.0489  -0.0259 -0.0321 52 GLU A CG  
793  C CD  A GLU A 55 ? 0.7350 0.6661 0.3296 0.0715  0.0112  0.0649  52 GLU A CD  
794  C CD  B GLU A 55 ? 0.7502 0.5051 0.3748 0.1972  0.1834  0.0312  52 GLU A CD  
795  O OE1 A GLU A 55 ? 1.1011 0.9397 0.3380 0.0104  0.1987  -0.0339 52 GLU A OE1 
796  O OE1 B GLU A 55 ? 0.7176 0.4292 0.8878 0.1996  0.3095  0.0317  52 GLU A OE1 
797  O OE2 A GLU A 55 ? 0.7082 0.6854 1.0001 0.0885  0.0136  -0.0133 52 GLU A OE2 
798  O OE2 B GLU A 55 ? 0.4250 0.4994 0.4162 0.0952  0.0400  -0.0292 52 GLU A OE2 
811  N N   A GLY A 56 ? 0.5012 0.4084 0.6048 0.1605  -0.0583 0.2072  53 GLY A N   
812  N N   B GLY A 56 ? 0.4058 0.3819 0.6853 0.0603  0.1731  0.2573  53 GLY A N   
813  C CA  A GLY A 56 ? 0.1989 0.4171 0.5242 0.0107  -0.0095 0.2531  53 GLY A CA  
814  C CA  B GLY A 56 ? 0.2287 0.5051 0.6483 0.0128  0.0109  0.3170  53 GLY A CA  
815  C C   A GLY A 56 ? 0.3235 0.4137 0.4487 0.0498  -0.0829 0.0892  53 GLY A C   
816  C C   B GLY A 56 ? 0.4581 0.8151 0.4476 0.1529  0.1662  0.1329  53 GLY A C   
817  O O   A GLY A 56 ? 0.4995 0.3381 0.3956 0.0081  -0.1371 0.0828  53 GLY A O   
818  O O   B GLY A 56 ? 0.5877 0.6216 0.4891 0.2276  0.1923  0.2818  53 GLY A O   
825  N N   . LYS A 57 ? 0.4723 0.4893 0.5223 0.1115  0.0465  0.1798  54 LYS A N   
826  C CA  . LYS A 57 ? 0.5909 0.5221 0.5334 0.2451  0.1523  0.2157  54 LYS A CA  
827  C C   . LYS A 57 ? 0.5138 0.5952 0.3206 0.1778  -0.0026 0.1080  54 LYS A C   
828  O O   . LYS A 57 ? 0.4010 0.8207 0.2906 0.0229  0.0495  0.1047  54 LYS A O   
829  C CB  . LYS A 57 ? 0.5736 0.6994 0.5713 0.2662  0.2546  0.1318  54 LYS A CB  
830  C CG  . LYS A 57 ? 0.5388 0.8527 0.6830 0.0478  0.0896  0.4388  54 LYS A CG  
831  C CD  . LYS A 57 ? 0.3710 1.1645 0.6682 -0.1421 0.0079  0.2509  54 LYS A CD  
832  C CE  . LYS A 57 ? 0.6823 0.9624 0.9575 0.0795  0.2567  0.2529  54 LYS A CE  
833  N NZ  . LYS A 57 ? 0.5437 0.8266 1.2590 0.1070  0.3873  0.1703  54 LYS A NZ  
848  N N   . THR A 58 ? 0.4669 0.5674 0.3684 0.1742  0.1257  0.1394  55 THR A N   
849  C CA  . THR A 58 ? 0.6223 0.5963 0.3084 0.3057  0.1028  0.1455  55 THR A CA  
850  C C   . THR A 58 ? 0.5338 0.5716 0.3018 0.2025  0.0990  0.1294  55 THR A C   
851  O O   . THR A 58 ? 0.5620 0.7000 0.3798 0.2581  0.1763  0.1847  55 THR A O   
852  C CB  . THR A 58 ? 0.5733 0.6580 0.2850 0.1990  0.0106  0.0204  55 THR A CB  
853  O OG1 . THR A 58 ? 0.6647 0.5220 0.3731 0.2017  0.0625  0.0343  55 THR A OG1 
854  C CG2 . THR A 58 ? 0.6980 0.7289 0.3125 0.3572  0.0255  0.0113  55 THR A CG2 
862  N N   . LEU A 59 ? 0.5038 0.5866 0.3013 0.1828  0.0869  0.0995  56 LEU A N   
863  C CA  . LEU A 59 ? 0.4723 0.5107 0.2919 0.1797  0.0336  0.0303  56 LEU A CA  
864  C C   . LEU A 59 ? 0.7415 0.5766 0.3081 0.3132  0.1191  0.1287  56 LEU A C   
865  O O   . LEU A 59 ? 0.6386 0.6242 0.4065 0.3022  0.1982  0.1615  56 LEU A O   
866  C CB  . LEU A 59 ? 0.6746 0.5031 0.4036 0.2604  0.1733  0.0963  56 LEU A CB  
867  C CG  . LEU A 59 ? 0.5038 0.5355 0.3116 0.1331  0.0877  0.0315  56 LEU A CG  
868  C CD1 . LEU A 59 ? 0.6212 0.4781 0.5829 0.2335  0.1690  0.0337  56 LEU A CD1 
869  C CD2 . LEU A 59 ? 0.5171 0.5545 0.3004 0.2028  0.0632  0.0440  56 LEU A CD2 
881  N N   . SER A 60 ? 0.7389 0.5182 0.2981 0.2029  0.1111  0.0765  57 SER A N   
882  C CA  . SER A 60 ? 0.9424 0.5454 0.3141 0.3365  0.1196  0.0763  57 SER A CA  
883  C C   . SER A 60 ? 0.8839 0.6459 0.3750 0.4046  0.1860  0.1418  57 SER A C   
884  O O   . SER A 60 ? 0.7748 0.6751 0.4107 0.3941  0.1564  0.0576  57 SER A O   
885  C CB  . SER A 60 ? 0.9047 0.5694 0.2859 0.1430  0.0181  0.0031  57 SER A CB  
886  O OG  . SER A 60 ? 0.9977 0.8949 0.5312 0.4121  0.1144  0.1779  57 SER A OG  
892  N N   . ASP A 61 ? 0.7437 0.6526 0.4114 0.3084  0.2415  0.1320  58 ASP A N   
893  C CA  . ASP A 61 ? 0.7000 0.5778 0.6043 0.2586  0.3467  0.1697  58 ASP A CA  
894  C C   . ASP A 61 ? 0.9200 0.6327 0.5200 0.3403  0.3142  0.2266  58 ASP A C   
895  O O   . ASP A 61 ? 0.8984 0.7003 0.6781 0.3498  0.3915  0.3044  58 ASP A O   
896  C CB  . ASP A 61 ? 0.9167 0.5562 0.4461 0.3528  0.2762  0.1729  58 ASP A CB  
897  C CG  . ASP A 61 ? 0.8493 0.6758 0.3847 0.1445  0.2447  0.1426  58 ASP A CG  
898  O OD1 . ASP A 61 ? 0.9484 0.6253 0.4228 0.3612  0.2519  0.1534  58 ASP A OD1 
899  O OD2 . ASP A 61 ? 0.9307 0.6408 0.4914 0.3905  0.2910  0.2132  58 ASP A OD2 
904  N N   . TYR A 62 ? 0.8572 0.4656 0.4548 0.3098  0.2907  0.1596  59 TYR A N   
905  C CA  . TYR A 62 ? 0.7725 0.4489 0.4872 0.2839  0.2594  0.1365  59 TYR A CA  
906  C C   . TYR A 62 ? 0.7603 0.5396 0.4426 0.3424  0.2507  0.1912  59 TYR A C   
907  O O   . TYR A 62 ? 0.7754 0.4436 0.5213 0.2455  0.2920  0.1169  59 TYR A O   
908  C CB  . TYR A 62 ? 0.6741 0.4520 0.4736 0.1770  0.2664  0.0945  59 TYR A CB  
909  C CG  . TYR A 62 ? 0.5693 0.4270 0.5381 0.2072  0.2900  0.1585  59 TYR A CG  
910  C CD1 . TYR A 62 ? 0.5295 0.4270 0.4455 0.1800  0.2055  0.1211  59 TYR A CD1 
911  C CD2 . TYR A 62 ? 0.5891 0.5248 0.7176 0.1231  0.3709  0.1655  59 TYR A CD2 
912  C CE1 . TYR A 62 ? 0.4110 0.5590 0.3537 0.1992  0.1166  0.0931  59 TYR A CE1 
913  C CE2 . TYR A 62 ? 0.5544 0.5186 0.6018 0.0361  0.2120  0.1244  59 TYR A CE2 
914  C CZ  . TYR A 62 ? 0.4476 0.5398 0.6701 0.1575  0.2465  0.0779  59 TYR A CZ  
915  O OH  . TYR A 62 ? 0.6059 0.4668 0.6696 0.1270  0.1734  0.1099  59 TYR A OH  
925  N N   . ASN A 63 ? 0.8351 0.5817 0.4111 0.3694  0.2297  0.1757  60 ASN A N   
926  C CA  . ASN A 63 ? 0.8277 0.4054 0.5877 0.2564  0.2893  0.1141  60 ASN A CA  
927  C C   . ASN A 63 ? 0.6179 0.4624 0.4966 0.2421  0.1456  0.0306  60 ASN A C   
928  O O   . ASN A 63 ? 0.6925 0.4778 0.4688 0.2503  0.2133  0.1195  60 ASN A O   
929  C CB  . ASN A 63 ? 0.9384 0.4826 0.5499 0.2361  0.2790  0.0431  60 ASN A CB  
930  C CG  . ASN A 63 ? 0.7405 0.7917 0.6657 0.3090  0.3322  0.2922  60 ASN A CG  
931  O OD1 . ASN A 63 ? 0.9815 0.8556 0.4408 0.3306  0.1700  0.0889  60 ASN A OD1 
932  N ND2 . ASN A 63 ? 0.8164 1.0704 0.5890 0.2629  0.2449  0.0884  60 ASN A ND2 
939  N N   . ILE A 64 ? 0.6231 0.4146 0.4522 0.2266  0.1487  0.0842  61 ILE A N   
940  C CA  . ILE A 64 ? 0.5266 0.4082 0.4103 0.1508  0.0119  0.0739  61 ILE A CA  
941  C C   . ILE A 64 ? 0.6762 0.4593 0.4996 0.2601  0.0981  -0.0242 61 ILE A C   
942  O O   . ILE A 64 ? 0.7002 0.4447 0.6135 0.2426  0.1705  0.0989  61 ILE A O   
943  C CB  . ILE A 64 ? 0.5367 0.3906 0.4474 0.1652  0.0868  -0.0117 61 ILE A CB  
944  C CG1 . ILE A 64 ? 0.6231 0.4140 0.4058 0.1855  0.1162  0.0675  61 ILE A CG1 
945  C CG2 . ILE A 64 ? 0.6463 0.5157 0.3624 0.1706  0.1222  0.1304  61 ILE A CG2 
946  C CD1 . ILE A 64 ? 0.4618 0.4163 0.3988 0.1107  0.0515  0.0740  61 ILE A CD1 
958  N N   . GLN A 65 ? 0.6801 0.5623 0.5136 0.3170  -0.0279 -0.1007 62 GLN A N   
959  C CA  . GLN A 65 ? 0.7878 0.6254 0.3841 0.2863  -0.0367 -0.1015 62 GLN A CA  
960  C C   . GLN A 65 ? 0.7594 0.4823 0.6652 0.3021  -0.0385 -0.0496 62 GLN A C   
961  O O   . GLN A 65 ? 0.6722 0.4500 0.7267 0.2430  0.1729  0.1025  62 GLN A O   
962  C CB  . GLN A 65 ? 1.0413 0.7071 0.4362 0.2817  0.0644  0.1632  62 GLN A CB  
963  C CG  . GLN A 65 ? 1.0877 0.4959 0.5919 0.1334  0.2288  -0.0623 62 GLN A CG  
964  C CD  . GLN A 65 ? 1.1531 1.0152 0.5357 -0.0488 0.2283  0.2061  62 GLN A CD  
965  O OE1 . GLN A 65 ? 1.2518 1.0682 0.7591 0.0616  0.2758  0.3912  62 GLN A OE1 
966  N NE2 . GLN A 65 ? 1.2162 1.0705 0.9993 0.0437  0.1432  0.3637  62 GLN A NE2 
975  N N   . LYS A 66 ? 0.8924 0.4328 0.9398 0.2212  0.2300  -0.0205 63 LYS A N   
976  C CA  . LYS A 66 ? 0.4916 0.7590 1.1827 0.1874  0.2427  0.0849  63 LYS A CA  
977  C C   . LYS A 66 ? 0.3942 0.4669 1.1829 0.0945  0.2038  0.1246  63 LYS A C   
978  O O   . LYS A 66 ? 0.4826 0.4360 1.1917 0.1078  0.1953  0.1102  63 LYS A O   
979  C CB  . LYS A 66 ? 0.7315 1.1008 0.8602 -0.0087 0.0809  0.3055  63 LYS A CB  
980  C CG  . LYS A 66 ? 1.0191 0.8599 1.3498 0.0837  0.1192  0.1922  63 LYS A CG  
981  C CD  . LYS A 66 ? 0.5505 1.0324 1.4834 0.2401  -0.0022 -0.0691 63 LYS A CD  
982  C CE  . LYS A 66 ? 0.7886 1.2870 1.2544 -0.0794 0.0627  0.1631  63 LYS A CE  
983  N NZ  . LYS A 66 ? 0.5666 1.2233 1.3064 0.1233  0.0833  0.4747  63 LYS A NZ  
997  N N   . GLU A 67 ? 0.7603 0.5365 0.8549 0.1671  0.4121  0.0330  64 GLU A N   
998  C CA  . GLU A 67 ? 0.4903 0.6177 0.8100 0.1738  0.2328  0.3050  64 GLU A CA  
999  C C   . GLU A 67 ? 0.5170 0.7338 0.9233 0.3031  0.1890  -0.0144 64 GLU A C   
1000 O O   . GLU A 67 ? 0.5938 0.4720 0.9095 0.1878  0.3817  0.2141  64 GLU A O   
1001 C CB  . GLU A 67 ? 0.5795 0.4269 1.1478 0.1506  0.2265  0.0434  64 GLU A CB  
1002 C CG  . GLU A 67 ? 1.0756 0.4377 0.5558 0.2692  0.0705  0.0023  64 GLU A CG  
1003 C CD  . GLU A 67 ? 0.8938 0.6668 1.1858 0.3999  0.1311  0.0707  64 GLU A CD  
1004 O OE1 . GLU A 67 ? 1.2196 0.9378 1.2399 0.2419  0.0264  0.2448  64 GLU A OE1 
1005 O OE2 . GLU A 67 ? 0.8648 0.6375 1.3486 0.2869  0.2387  0.3475  64 GLU A OE2 
1012 N N   . SER A 68 ? 0.5933 0.4147 0.6815 0.2035  0.2573  0.1812  65 SER A N   
1013 C CA  . SER A 68 ? 0.6189 0.4054 0.6870 0.2016  0.3431  0.1701  65 SER A CA  
1014 C C   . SER A 68 ? 0.6776 0.4418 0.4238 0.2306  0.2518  0.1369  65 SER A C   
1015 O O   . SER A 68 ? 0.6762 0.5424 0.5810 0.2984  0.3164  0.2240  65 SER A O   
1016 C CB  . SER A 68 ? 0.8299 0.3920 0.5185 0.2531  0.2678  0.1295  65 SER A CB  
1017 O OG  . SER A 68 ? 0.7732 0.4198 0.5260 0.2220  0.2476  0.0976  65 SER A OG  
1023 N N   . THR A 69 ? 0.7680 0.5829 0.5057 0.3579  0.2687  0.1814  66 THR A N   
1024 C CA  . THR A 69 ? 0.4755 0.7660 0.5199 0.2913  0.1793  0.1905  66 THR A CA  
1025 C C   . THR A 69 ? 0.3440 0.8064 0.4975 0.2035  0.1076  0.1588  66 THR A C   
1026 O O   . THR A 69 ? 0.5029 0.7984 0.4282 0.3400  0.0574  0.0328  66 THR A O   
1027 C CB  . THR A 69 ? 0.4817 0.8964 0.6183 0.2960  0.1951  0.3766  66 THR A CB  
1028 O OG1 . THR A 69 ? 0.7757 0.7532 0.4310 0.2858  0.2462  0.1978  66 THR A OG1 
1029 C CG2 . THR A 69 ? 0.5753 0.9833 0.4032 0.2954  0.1109  0.2541  66 THR A CG2 
1037 N N   . LEU A 70 ? 0.5794 0.6881 0.4224 0.3517  0.1845  0.1940  67 LEU A N   
1038 C CA  . LEU A 70 ? 0.5658 0.6831 0.4282 0.3404  0.2009  0.2280  67 LEU A CA  
1039 C C   . LEU A 70 ? 0.5836 0.6538 0.5835 0.3167  0.2703  0.2941  67 LEU A C   
1040 O O   . LEU A 70 ? 0.7144 0.8201 0.3999 0.4110  0.1591  0.1978  67 LEU A O   
1041 C CB  . LEU A 70 ? 0.4129 0.6775 0.3782 0.2253  0.0858  0.0983  67 LEU A CB  
1042 C CG  . LEU A 70 ? 0.5052 0.6100 0.4474 0.2456  0.1714  0.1720  67 LEU A CG  
1043 C CD1 . LEU A 70 ? 0.5156 0.5332 0.4042 0.2721  0.1703  0.1569  67 LEU A CD1 
1044 C CD2 . LEU A 70 ? 0.4470 0.5466 0.4073 0.1586  0.0734  0.0218  67 LEU A CD2 
1056 N N   . HIS A 71 ? 0.4925 0.7850 0.3385 0.3308  0.1040  0.0991  68 HIS A N   
1057 C CA  . HIS A 71 ? 0.6622 0.7392 0.3842 0.3043  0.0968  0.0178  68 HIS A CA  
1058 C C   . HIS A 71 ? 0.8311 0.7437 0.5164 0.1151  -0.1360 -0.2513 68 HIS A C   
1059 O O   . HIS A 71 ? 0.4018 1.0596 0.5063 0.1859  0.0661  -0.1599 68 HIS A O   
1060 C CB  . HIS A 71 ? 1.1786 0.4081 0.6213 0.2353  -0.0525 -0.0739 68 HIS A CB  
1061 C CG  . HIS A 71 ? 0.8007 0.6100 0.4229 -0.0008 -0.0377 0.0266  68 HIS A CG  
1062 N ND1 . HIS A 71 ? 0.5821 0.5765 0.8758 0.3114  0.1388  -0.0372 68 HIS A ND1 
1063 C CD2 . HIS A 71 ? 0.5473 0.5009 0.8485 0.2125  -0.1582 -0.2260 68 HIS A CD2 
1064 C CE1 . HIS A 71 ? 0.4683 0.4221 0.5368 0.0562  0.1280  0.0056  68 HIS A CE1 
1065 N NE2 . HIS A 71 ? 0.4793 1.1729 0.6231 0.0295  0.1587  -0.2010 68 HIS A NE2 
1074 N N   . LEU A 72 ? 0.5129 0.9620 0.4587 0.3703  -0.0017 -0.0662 69 LEU A N   
1075 C CA  . LEU A 72 ? 0.6083 0.5723 0.4454 0.2325  0.0689  0.0167  69 LEU A CA  
1076 C C   . LEU A 72 ? 0.7452 0.8579 0.4645 0.0751  0.0026  0.0772  69 LEU A C   
1077 O O   . LEU A 72 ? 0.5186 0.8369 0.6784 0.1477  0.0765  -0.1840 69 LEU A O   
1078 C CB  . LEU A 72 ? 0.4826 0.9392 0.4817 0.2796  0.1391  0.0162  69 LEU A CB  
1079 C CG  . LEU A 72 ? 0.2723 0.7195 0.5381 0.0014  -0.0861 0.0567  69 LEU A CG  
1080 C CD1 . LEU A 72 ? 0.3522 0.5625 0.6996 0.0448  -0.1697 -0.0030 69 LEU A CD1 
1081 C CD2 . LEU A 72 ? 0.3613 0.5257 0.6399 0.0867  -0.0659 -0.0169 69 LEU A CD2 
1093 N N   . VAL A 73 ? 0.9163 0.4458 0.7803 0.1861  0.3681  0.0099  70 VAL A N   
1094 C CA  . VAL A 73 ? 0.4374 1.0993 0.9168 0.0625  0.1226  -0.2701 70 VAL A CA  
1095 C C   . VAL A 73 ? 0.4047 1.1893 0.8934 0.0430  -0.0267 0.1431  70 VAL A C   
1096 O O   . VAL A 73 ? 0.4375 1.4367 0.6190 0.2245  -0.0615 -0.0301 70 VAL A O   
1097 C CB  . VAL A 73 ? 0.3958 1.3087 0.6210 0.1810  -0.0524 -0.0871 70 VAL A CB  
1098 C CG1 . VAL A 73 ? 0.4083 1.3118 0.7473 0.0862  -0.1226 0.0797  70 VAL A CG1 
1099 C CG2 . VAL A 73 ? 0.4554 1.2781 0.8079 -0.1280 0.1827  -0.0079 70 VAL A CG2 
1109 N N   . LEU A 74 ? 0.3277 1.1895 1.0093 0.0647  -0.0093 -0.0926 71 LEU A N   
1110 C CA  . LEU A 74 ? 0.4071 1.1547 0.7792 0.0045  -0.2278 -0.1061 71 LEU A CA  
1111 C C   . LEU A 74 ? 0.4350 1.1277 0.7765 -0.1227 -0.2305 -0.1009 71 LEU A C   
1112 O O   . LEU A 74 ? 0.4240 1.2773 1.0258 0.0326  -0.2260 -0.1537 71 LEU A O   
1113 C CB  . LEU A 74 ? 0.5085 1.1159 0.6088 -0.0387 -0.0991 -0.1039 71 LEU A CB  
1114 C CG  . LEU A 74 ? 0.3791 1.1262 0.7824 -0.0691 -0.0834 0.1441  71 LEU A CG  
1115 C CD1 . LEU A 74 ? 0.3903 1.2311 0.8015 -0.1694 -0.1465 0.0339  71 LEU A CD1 
1116 C CD2 . LEU A 74 ? 0.7676 1.4294 0.6805 0.0745  0.1865  -0.1166 71 LEU A CD2 
1128 N N   . ARG A 75 ? 0.4689 1.2349 0.7909 0.0620  -0.2494 -0.0704 72 ARG A N   
1129 C CA  . ARG A 75 ? 0.6418 1.2059 0.3959 -0.1810 0.0986  -0.0882 72 ARG A CA  
1130 C C   . ARG A 75 ? 0.4146 1.2932 1.0332 -0.0001 0.1555  0.1156  72 ARG A C   
1131 O O   . ARG A 75 ? 0.5792 1.5047 0.6086 -0.1854 0.1079  0.1740  72 ARG A O   
1132 C CB  . ARG A 75 ? 0.7850 1.1423 0.4735 -0.0039 0.1953  0.0502  72 ARG A CB  
1133 C CG  . ARG A 75 ? 0.6270 1.2465 1.0222 -0.1376 0.2103  0.1453  72 ARG A CG  
1134 C CD  . ARG A 75 ? 0.8421 1.2354 0.5441 -0.0847 0.0821  0.2380  72 ARG A CD  
1135 N NE  . ARG A 75 ? 1.1917 1.0985 0.8899 0.1450  -0.0995 0.1964  72 ARG A NE  
1136 C CZ  . ARG A 75 ? 0.9880 1.3174 1.0577 -0.0384 -0.0256 0.0229  72 ARG A CZ  
1137 N NH1 . ARG A 75 ? 0.6396 1.4540 1.4156 0.0506  -0.0388 -0.1495 72 ARG A NH1 
1138 N NH2 . ARG A 75 ? 1.2422 1.2496 1.1485 -0.0963 0.2318  -0.1123 72 ARG A NH2 
# 
loop_
_pdbx_poly_seq_scheme.asym_id 
_pdbx_poly_seq_scheme.entity_id 
_pdbx_poly_seq_scheme.seq_id 
_pdbx_poly_seq_scheme.mon_id 
_pdbx_poly_seq_scheme.ndb_seq_num 
_pdbx_poly_seq_scheme.pdb_seq_num 
_pdbx_poly_seq_scheme.auth_seq_num 
_pdbx_poly_seq_scheme.pdb_mon_id 
_pdbx_poly_seq_scheme.auth_mon_id 
_pdbx_poly_seq_scheme.pdb_strand_id 
_pdbx_poly_seq_scheme.pdb_ins_code 
_pdbx_poly_seq_scheme.hetero 
A 1 1  SER 1  -2 ?  ?   ?   A . n 
A 1 2  ASN 2  -1 ?  ?   ?   A . n 
A 1 3  ALA 3  0  ?  ?   ?   A . n 
A 1 4  MET 4  1  1  MET MET A . n 
A 1 5  GLN 5  2  2  GLN GLN A . n 
A 1 6  ILE 6  3  3  ILE ILE A . n 
A 1 7  PHE 7  4  4  PHE PHE A . n 
A 1 8  VAL 8  5  5  VAL VAL A . n 
A 1 9  LYS 9  6  6  LYS LYS A . n 
A 1 10 THR 10 7  ?  ?   ?   A . n 
A 1 11 LEU 11 8  ?  ?   ?   A . n 
A 1 12 THR 12 9  ?  ?   ?   A . n 
A 1 13 GLY 13 10 ?  ?   ?   A . n 
A 1 14 LYS 14 11 11 LYS LYS A . n 
A 1 15 THR 15 12 12 THR THR A . n 
A 1 16 ILE 16 13 13 ILE ILE A . n 
A 1 17 THR 17 14 14 THR THR A . n 
A 1 18 LEU 18 15 15 LEU LEU A . n 
A 1 19 GLU 19 16 16 GLU GLU A . n 
A 1 20 VAL 20 17 17 VAL VAL A . n 
A 1 21 GLU 21 18 18 GLU GLU A . n 
A 1 22 PRO 22 19 19 PRO PRO A . n 
A 1 23 ASN 23 20 20 ASN ASN A . n 
A 1 24 ASP 24 21 21 ASP ASP A . n 
A 1 25 SER 25 22 22 SER SER A . n 
A 1 26 ILE 26 23 23 ILE ILE A . n 
A 1 27 ASP 27 24 24 ASP ASP A . n 
A 1 28 ALA 28 25 25 ALA ALA A . n 
A 1 29 ILE 29 26 26 ILE ILE A . n 
A 1 30 LYS 30 27 27 LYS LYS A . n 
A 1 31 ALA 31 28 28 ALA ALA A . n 
A 1 32 LYS 32 29 29 LYS LYS A . n 
A 1 33 ILE 33 30 30 ILE ILE A . n 
A 1 34 GLN 34 31 31 GLN GLN A . n 
A 1 35 GLU 35 32 32 GLU GLU A . n 
A 1 36 LYS 36 33 33 LYS LYS A . n 
A 1 37 GLU 37 34 34 GLU GLU A . n 
A 1 38 GLY 38 35 35 GLY GLY A . n 
A 1 39 ILE 39 36 36 ILE ILE A . n 
A 1 40 PRO 40 37 37 PRO PRO A . n 
A 1 41 PRO 41 38 38 PRO PRO A . n 
A 1 42 ASP 42 39 39 ASP ASP A . n 
A 1 43 GLN 43 40 40 GLN GLN A . n 
A 1 44 GLN 44 41 41 GLN GLN A . n 
A 1 45 ARG 45 42 42 ARG ARG A . n 
A 1 46 LEU 46 43 43 LEU LEU A . n 
A 1 47 ILE 47 44 44 ILE ILE A . n 
A 1 48 PHE 48 45 45 PHE PHE A . n 
A 1 49 ALA 49 46 46 ALA ALA A . n 
A 1 50 GLY 50 47 47 GLY GLY A . n 
A 1 51 LYS 51 48 48 LYS LYS A . n 
A 1 52 GLN 52 49 49 GLN GLN A . n 
A 1 53 LEU 53 50 50 LEU LEU A . n 
A 1 54 GLU 54 51 51 GLU GLU A . n 
A 1 55 GLU 55 52 52 GLU GLU A . n 
A 1 56 GLY 56 53 53 GLY GLY A . n 
A 1 57 LYS 57 54 54 LYS LYS A . n 
A 1 58 THR 58 55 55 THR THR A . n 
A 1 59 LEU 59 56 56 LEU LEU A . n 
A 1 60 SER 60 57 57 SER SER A . n 
A 1 61 ASP 61 58 58 ASP ASP A . n 
A 1 62 TYR 62 59 59 TYR TYR A . n 
A 1 63 ASN 63 60 60 ASN ASN A . n 
A 1 64 ILE 64 61 61 ILE ILE A . n 
A 1 65 GLN 65 62 62 GLN GLN A . n 
A 1 66 LYS 66 63 63 LYS LYS A . n 
A 1 67 GLU 67 64 64 GLU GLU A . n 
A 1 68 SER 68 65 65 SER SER A . n 
A 1 69 THR 69 66 66 THR THR A . n 
A 1 70 LEU 70 67 67 LEU LEU A . n 
A 1 71 HIS 71 68 68 HIS HIS A . n 
A 1 72 LEU 72 69 69 LEU LEU A . n 
A 1 73 VAL 73 70 70 VAL VAL A . n 
A 1 74 LEU 74 71 71 LEU LEU A . n 
A 1 75 ARG 75 72 72 ARG ARG A . n 
A 1 76 LEU 76 73 ?  ?   ?   A . n 
A 1 77 ARG 77 74 ?  ?   ?   A . n 
A 1 78 GLY 78 75 ?  ?   ?   A . n 
A 1 79 GLY 79 76 ?  ?   ?   A . n 
A 1 80 TYR 80 77 ?  ?   ?   A . n 
# 
loop_
_pdbx_nonpoly_scheme.asym_id 
_pdbx_nonpoly_scheme.entity_id 
_pdbx_nonpoly_scheme.mon_id 
_pdbx_nonpoly_scheme.ndb_seq_num 
_pdbx_nonpoly_scheme.pdb_seq_num 
_pdbx_nonpoly_scheme.auth_seq_num 
_pdbx_nonpoly_scheme.pdb_mon_id 
_pdbx_nonpoly_scheme.auth_mon_id 
_pdbx_nonpoly_scheme.pdb_strand_id 
_pdbx_nonpoly_scheme.pdb_ins_code 
B 2 HOH 1  101 1  HOH HOH A . 
B 2 HOH 2  102 2  HOH HOH A . 
B 2 HOH 3  103 3  HOH HOH A . 
B 2 HOH 4  104 4  HOH HOH A . 
B 2 HOH 5  105 5  HOH HOH A . 
B 2 HOH 6  106 6  HOH HOH A . 
B 2 HOH 7  107 7  HOH HOH A . 
B 2 HOH 8  108 8  HOH HOH A . 
B 2 HOH 9  109 9  HOH HOH A . 
B 2 HOH 10 110 10 HOH HOH A . 
B 2 HOH 11 111 11 HOH HOH A . 
B 2 HOH 12 112 12 HOH HOH A . 
B 2 HOH 13 113 13 HOH HOH A . 
B 2 HOH 14 114 14 HOH HOH A . 
B 2 HOH 15 115 15 HOH HOH A . 
B 2 HOH 16 116 16 HOH HOH A . 
B 2 HOH 17 117 17 HOH HOH A . 
B 2 HOH 18 118 18 HOH HOH A . 
B 2 HOH 19 119 19 HOH HOH A . 
B 2 HOH 20 120 20 HOH HOH A . 
B 2 HOH 21 121 21 HOH HOH A . 
B 2 HOH 22 122 22 HOH HOH A . 
B 2 HOH 23 123 23 HOH HOH A . 
B 2 HOH 24 124 24 HOH HOH A . 
B 2 HOH 25 125 25 HOH HOH A . 
B 2 HOH 26 126 26 HOH HOH A . 
B 2 HOH 27 127 27 HOH HOH A . 
B 2 HOH 28 128 28 HOH HOH A . 
B 2 HOH 29 129 29 HOH HOH A . 
B 2 HOH 30 130 30 HOH HOH A . 
B 2 HOH 31 131 31 HOH HOH A . 
B 2 HOH 32 132 32 HOH HOH A . 
B 2 HOH 33 133 33 HOH HOH A . 
B 2 HOH 34 134 34 HOH HOH A . 
B 2 HOH 35 135 35 HOH HOH A . 
B 2 HOH 36 136 36 HOH HOH A . 
B 2 HOH 37 137 37 HOH HOH A . 
B 2 HOH 38 138 38 HOH HOH A . 
B 2 HOH 39 139 39 HOH HOH A . 
B 2 HOH 40 140 40 HOH HOH A . 
B 2 HOH 41 141 41 HOH HOH A . 
B 2 HOH 42 142 42 HOH HOH A . 
B 2 HOH 43 143 43 HOH HOH A . 
B 2 HOH 44 144 44 HOH HOH A . 
B 2 HOH 45 145 45 HOH HOH A . 
B 2 HOH 46 146 46 HOH HOH A . 
B 2 HOH 47 147 47 HOH HOH A . 
B 2 HOH 48 148 48 HOH HOH A . 
B 2 HOH 49 149 50 HOH HOH A . 
B 2 HOH 50 150 51 HOH HOH A . 
B 2 HOH 51 151 52 HOH HOH A . 
B 2 HOH 52 152 53 HOH HOH A . 
B 2 HOH 53 153 54 HOH HOH A . 
B 2 HOH 54 154 55 HOH HOH A . 
B 2 HOH 55 155 56 HOH HOH A . 
B 2 HOH 56 156 57 HOH HOH A . 
B 2 HOH 57 157 58 HOH HOH A . 
B 2 HOH 58 158 59 HOH HOH A . 
B 2 HOH 59 159 60 HOH HOH A . 
B 2 HOH 60 160 61 HOH HOH A . 
B 2 HOH 61 161 62 HOH HOH A . 
B 2 HOH 62 162 63 HOH HOH A . 
B 2 HOH 63 163 64 HOH HOH A . 
B 2 HOH 64 164 65 HOH HOH A . 
B 2 HOH 65 165 66 HOH HOH A . 
B 2 HOH 66 166 67 HOH HOH A . 
# 
_pdbx_struct_assembly.id                   1 
_pdbx_struct_assembly.details              author_and_software_defined_assembly 
_pdbx_struct_assembly.method_details       PISA 
_pdbx_struct_assembly.oligomeric_details   monomeric 
_pdbx_struct_assembly.oligomeric_count     1 
# 
_pdbx_struct_assembly_gen.assembly_id       1 
_pdbx_struct_assembly_gen.oper_expression   1 
_pdbx_struct_assembly_gen.asym_id_list      A,B 
# 
_pdbx_struct_oper_list.id                   1 
_pdbx_struct_oper_list.type                 'identity operation' 
_pdbx_struct_oper_list.name                 1_555 
_pdbx_struct_oper_list.symmetry_operation   x,y,z 
_pdbx_struct_oper_list.matrix[1][1]         1.0000000000 
_pdbx_struct_oper_list.matrix[1][2]         0.0000000000 
_pdbx_struct_oper_list.matrix[1][3]         0.0000000000 
_pdbx_struct_oper_list.vector[1]            0.0000000000 
_pdbx_struct_oper_list.matrix[2][1]         0.0000000000 
_pdbx_struct_oper_list.matrix[2][2]         1.0000000000 
_pdbx_struct_oper_list.matrix[2][3]         0.0000000000 
_pdbx_struct_oper_list.vector[2]            0.0000000000 
_pdbx_struct_oper_list.matrix[3][1]         0.0000000000 
_pdbx_struct_oper_list.matrix[3][2]         0.0000000000 
_pdbx_struct_oper_list.matrix[3][3]         1.0000000000 
_pdbx_struct_oper_list.vector[3]            0.0000000000 
# 
_pdbx_struct_special_symmetry.id              1 
_pdbx_struct_special_symmetry.PDB_model_num   1 
_pdbx_struct_special_symmetry.auth_asym_id    A 
_pdbx_struct_special_symmetry.auth_comp_id    HOH 
_pdbx_struct_special_symmetry.auth_seq_id     134 
_pdbx_struct_special_symmetry.PDB_ins_code    ? 
_pdbx_struct_special_symmetry.label_asym_id   B 
_pdbx_struct_special_symmetry.label_comp_id   HOH 
_pdbx_struct_special_symmetry.label_seq_id    . 
# 
loop_
_pdbx_audit_revision_history.ordinal 
_pdbx_audit_revision_history.data_content_type 
_pdbx_audit_revision_history.major_revision 
_pdbx_audit_revision_history.minor_revision 
_pdbx_audit_revision_history.revision_date 
1 'Structure model' 1 0 2012-12-12 
2 'Structure model' 1 1 2012-12-19 
3 'Structure model' 1 2 2013-02-13 
4 'Structure model' 1 3 2023-09-13 
# 
_pdbx_audit_revision_details.ordinal             1 
_pdbx_audit_revision_details.revision_ordinal    1 
_pdbx_audit_revision_details.data_content_type   'Structure model' 
_pdbx_audit_revision_details.provider            repository 
_pdbx_audit_revision_details.type                'Initial release' 
_pdbx_audit_revision_details.description         ? 
_pdbx_audit_revision_details.details             ? 
# 
loop_
_pdbx_audit_revision_group.ordinal 
_pdbx_audit_revision_group.revision_ordinal 
_pdbx_audit_revision_group.data_content_type 
_pdbx_audit_revision_group.group 
1 2 'Structure model' 'Database references'    
2 3 'Structure model' 'Database references'    
3 4 'Structure model' 'Data collection'        
4 4 'Structure model' 'Database references'    
5 4 'Structure model' 'Refinement description' 
# 
loop_
_pdbx_audit_revision_category.ordinal 
_pdbx_audit_revision_category.revision_ordinal 
_pdbx_audit_revision_category.data_content_type 
_pdbx_audit_revision_category.category 
1 4 'Structure model' chem_comp_atom                
2 4 'Structure model' chem_comp_bond                
3 4 'Structure model' database_2                    
4 4 'Structure model' pdbx_initial_refinement_model 
5 4 'Structure model' struct_ref_seq_dif            
# 
loop_
_pdbx_audit_revision_item.ordinal 
_pdbx_audit_revision_item.revision_ordinal 
_pdbx_audit_revision_item.data_content_type 
_pdbx_audit_revision_item.item 
1 4 'Structure model' '_database_2.pdbx_DOI'                
2 4 'Structure model' '_database_2.pdbx_database_accession' 
3 4 'Structure model' '_struct_ref_seq_dif.details'         
# 
loop_
_software.name 
_software.classification 
_software.version 
_software.citation_id 
_software.pdbx_ordinal 
HKL-2000 'data collection' .                           ? 1 
PHENIX   'model building'  AutoMR                      ? 2 
PHENIX   refinement        '(phenix.refine: 1.8_1069)' ? 3 
HKL-2000 'data reduction'  .                           ? 4 
HKL-2000 'data scaling'    .                           ? 5 
PHENIX   phasing           AutoMR                      ? 6 
# 
loop_
_pdbx_validate_close_contact.id 
_pdbx_validate_close_contact.PDB_model_num 
_pdbx_validate_close_contact.auth_atom_id_1 
_pdbx_validate_close_contact.auth_asym_id_1 
_pdbx_validate_close_contact.auth_comp_id_1 
_pdbx_validate_close_contact.auth_seq_id_1 
_pdbx_validate_close_contact.PDB_ins_code_1 
_pdbx_validate_close_contact.label_alt_id_1 
_pdbx_validate_close_contact.auth_atom_id_2 
_pdbx_validate_close_contact.auth_asym_id_2 
_pdbx_validate_close_contact.auth_comp_id_2 
_pdbx_validate_close_contact.auth_seq_id_2 
_pdbx_validate_close_contact.PDB_ins_code_2 
_pdbx_validate_close_contact.label_alt_id_2 
_pdbx_validate_close_contact.dist 
1 1 OE1 A GLU 51 ? A O A HOH 141 ? ? 2.12 
2 1 O   A ARG 72 ? ? O A HOH 156 ? ? 2.15 
# 
loop_
_pdbx_validate_symm_contact.id 
_pdbx_validate_symm_contact.PDB_model_num 
_pdbx_validate_symm_contact.auth_atom_id_1 
_pdbx_validate_symm_contact.auth_asym_id_1 
_pdbx_validate_symm_contact.auth_comp_id_1 
_pdbx_validate_symm_contact.auth_seq_id_1 
_pdbx_validate_symm_contact.PDB_ins_code_1 
_pdbx_validate_symm_contact.label_alt_id_1 
_pdbx_validate_symm_contact.site_symmetry_1 
_pdbx_validate_symm_contact.auth_atom_id_2 
_pdbx_validate_symm_contact.auth_asym_id_2 
_pdbx_validate_symm_contact.auth_comp_id_2 
_pdbx_validate_symm_contact.auth_seq_id_2 
_pdbx_validate_symm_contact.PDB_ins_code_2 
_pdbx_validate_symm_contact.label_alt_id_2 
_pdbx_validate_symm_contact.site_symmetry_2 
_pdbx_validate_symm_contact.dist 
1 1 O   A HOH 160 ? ? 1_555 O   A HOH 161 ? ? 3_455 1.85 
2 1 O   A HOH 159 ? ? 1_555 O   A HOH 163 ? ? 2_564 2.10 
3 1 OE1 A GLU 52  ? A 1_555 O   A HOH 114 ? ? 5_554 2.11 
4 1 O   A GLU 52  ? B 1_555 OE1 A GLU 64  ? ? 6_444 2.19 
# 
loop_
_pdbx_unobs_or_zero_occ_residues.id 
_pdbx_unobs_or_zero_occ_residues.PDB_model_num 
_pdbx_unobs_or_zero_occ_residues.polymer_flag 
_pdbx_unobs_or_zero_occ_residues.occupancy_flag 
_pdbx_unobs_or_zero_occ_residues.auth_asym_id 
_pdbx_unobs_or_zero_occ_residues.auth_comp_id 
_pdbx_unobs_or_zero_occ_residues.auth_seq_id 
_pdbx_unobs_or_zero_occ_residues.PDB_ins_code 
_pdbx_unobs_or_zero_occ_residues.label_asym_id 
_pdbx_unobs_or_zero_occ_residues.label_comp_id 
_pdbx_unobs_or_zero_occ_residues.label_seq_id 
1  1 Y 1 A SER -2 ? A SER 1  
2  1 Y 1 A ASN -1 ? A ASN 2  
3  1 Y 1 A ALA 0  ? A ALA 3  
4  1 Y 1 A THR 7  ? A THR 10 
5  1 Y 1 A LEU 8  ? A LEU 11 
6  1 Y 1 A THR 9  ? A THR 12 
7  1 Y 1 A GLY 10 ? A GLY 13 
8  1 Y 1 A LEU 73 ? A LEU 76 
9  1 Y 1 A ARG 74 ? A ARG 77 
10 1 Y 1 A GLY 75 ? A GLY 78 
11 1 Y 1 A GLY 76 ? A GLY 79 
12 1 Y 1 A TYR 77 ? A TYR 80 
# 
loop_
_chem_comp_atom.comp_id 
_chem_comp_atom.atom_id 
_chem_comp_atom.type_symbol 
_chem_comp_atom.pdbx_aromatic_flag 
_chem_comp_atom.pdbx_stereo_config 
_chem_comp_atom.pdbx_ordinal 
ALA N    N N N 1   
ALA CA   C N S 2   
ALA C    C N N 3   
ALA O    O N N 4   
ALA CB   C N N 5   
ALA OXT  O N N 6   
ALA H    H N N 7   
ALA H2   H N N 8   
ALA HA   H N N 9   
ALA HB1  H N N 10  
ALA HB2  H N N 11  
ALA HB3  H N N 12  
ALA HXT  H N N 13  
ARG N    N N N 14  
ARG CA   C N S 15  
ARG C    C N N 16  
ARG O    O N N 17  
ARG CB   C N N 18  
ARG CG   C N N 19  
ARG CD   C N N 20  
ARG NE   N N N 21  
ARG CZ   C N N 22  
ARG NH1  N N N 23  
ARG NH2  N N N 24  
ARG OXT  O N N 25  
ARG H    H N N 26  
ARG H2   H N N 27  
ARG HA   H N N 28  
ARG HB2  H N N 29  
ARG HB3  H N N 30  
ARG HG2  H N N 31  
ARG HG3  H N N 32  
ARG HD2  H N N 33  
ARG HD3  H N N 34  
ARG HE   H N N 35  
ARG HH11 H N N 36  
ARG HH12 H N N 37  
ARG HH21 H N N 38  
ARG HH22 H N N 39  
ARG HXT  H N N 40  
ASN N    N N N 41  
ASN CA   C N S 42  
ASN C    C N N 43  
ASN O    O N N 44  
ASN CB   C N N 45  
ASN CG   C N N 46  
ASN OD1  O N N 47  
ASN ND2  N N N 48  
ASN OXT  O N N 49  
ASN H    H N N 50  
ASN H2   H N N 51  
ASN HA   H N N 52  
ASN HB2  H N N 53  
ASN HB3  H N N 54  
ASN HD21 H N N 55  
ASN HD22 H N N 56  
ASN HXT  H N N 57  
ASP N    N N N 58  
ASP CA   C N S 59  
ASP C    C N N 60  
ASP O    O N N 61  
ASP CB   C N N 62  
ASP CG   C N N 63  
ASP OD1  O N N 64  
ASP OD2  O N N 65  
ASP OXT  O N N 66  
ASP H    H N N 67  
ASP H2   H N N 68  
ASP HA   H N N 69  
ASP HB2  H N N 70  
ASP HB3  H N N 71  
ASP HD2  H N N 72  
ASP HXT  H N N 73  
GLN N    N N N 74  
GLN CA   C N S 75  
GLN C    C N N 76  
GLN O    O N N 77  
GLN CB   C N N 78  
GLN CG   C N N 79  
GLN CD   C N N 80  
GLN OE1  O N N 81  
GLN NE2  N N N 82  
GLN OXT  O N N 83  
GLN H    H N N 84  
GLN H2   H N N 85  
GLN HA   H N N 86  
GLN HB2  H N N 87  
GLN HB3  H N N 88  
GLN HG2  H N N 89  
GLN HG3  H N N 90  
GLN HE21 H N N 91  
GLN HE22 H N N 92  
GLN HXT  H N N 93  
GLU N    N N N 94  
GLU CA   C N S 95  
GLU C    C N N 96  
GLU O    O N N 97  
GLU CB   C N N 98  
GLU CG   C N N 99  
GLU CD   C N N 100 
GLU OE1  O N N 101 
GLU OE2  O N N 102 
GLU OXT  O N N 103 
GLU H    H N N 104 
GLU H2   H N N 105 
GLU HA   H N N 106 
GLU HB2  H N N 107 
GLU HB3  H N N 108 
GLU HG2  H N N 109 
GLU HG3  H N N 110 
GLU HE2  H N N 111 
GLU HXT  H N N 112 
GLY N    N N N 113 
GLY CA   C N N 114 
GLY C    C N N 115 
GLY O    O N N 116 
GLY OXT  O N N 117 
GLY H    H N N 118 
GLY H2   H N N 119 
GLY HA2  H N N 120 
GLY HA3  H N N 121 
GLY HXT  H N N 122 
HIS N    N N N 123 
HIS CA   C N S 124 
HIS C    C N N 125 
HIS O    O N N 126 
HIS CB   C N N 127 
HIS CG   C Y N 128 
HIS ND1  N Y N 129 
HIS CD2  C Y N 130 
HIS CE1  C Y N 131 
HIS NE2  N Y N 132 
HIS OXT  O N N 133 
HIS H    H N N 134 
HIS H2   H N N 135 
HIS HA   H N N 136 
HIS HB2  H N N 137 
HIS HB3  H N N 138 
HIS HD1  H N N 139 
HIS HD2  H N N 140 
HIS HE1  H N N 141 
HIS HE2  H N N 142 
HIS HXT  H N N 143 
HOH O    O N N 144 
HOH H1   H N N 145 
HOH H2   H N N 146 
ILE N    N N N 147 
ILE CA   C N S 148 
ILE C    C N N 149 
ILE O    O N N 150 
ILE CB   C N S 151 
ILE CG1  C N N 152 
ILE CG2  C N N 153 
ILE CD1  C N N 154 
ILE OXT  O N N 155 
ILE H    H N N 156 
ILE H2   H N N 157 
ILE HA   H N N 158 
ILE HB   H N N 159 
ILE HG12 H N N 160 
ILE HG13 H N N 161 
ILE HG21 H N N 162 
ILE HG22 H N N 163 
ILE HG23 H N N 164 
ILE HD11 H N N 165 
ILE HD12 H N N 166 
ILE HD13 H N N 167 
ILE HXT  H N N 168 
LEU N    N N N 169 
LEU CA   C N S 170 
LEU C    C N N 171 
LEU O    O N N 172 
LEU CB   C N N 173 
LEU CG   C N N 174 
LEU CD1  C N N 175 
LEU CD2  C N N 176 
LEU OXT  O N N 177 
LEU H    H N N 178 
LEU H2   H N N 179 
LEU HA   H N N 180 
LEU HB2  H N N 181 
LEU HB3  H N N 182 
LEU HG   H N N 183 
LEU HD11 H N N 184 
LEU HD12 H N N 185 
LEU HD13 H N N 186 
LEU HD21 H N N 187 
LEU HD22 H N N 188 
LEU HD23 H N N 189 
LEU HXT  H N N 190 
LYS N    N N N 191 
LYS CA   C N S 192 
LYS C    C N N 193 
LYS O    O N N 194 
LYS CB   C N N 195 
LYS CG   C N N 196 
LYS CD   C N N 197 
LYS CE   C N N 198 
LYS NZ   N N N 199 
LYS OXT  O N N 200 
LYS H    H N N 201 
LYS H2   H N N 202 
LYS HA   H N N 203 
LYS HB2  H N N 204 
LYS HB3  H N N 205 
LYS HG2  H N N 206 
LYS HG3  H N N 207 
LYS HD2  H N N 208 
LYS HD3  H N N 209 
LYS HE2  H N N 210 
LYS HE3  H N N 211 
LYS HZ1  H N N 212 
LYS HZ2  H N N 213 
LYS HZ3  H N N 214 
LYS HXT  H N N 215 
MET N    N N N 216 
MET CA   C N S 217 
MET C    C N N 218 
MET O    O N N 219 
MET CB   C N N 220 
MET CG   C N N 221 
MET SD   S N N 222 
MET CE   C N N 223 
MET OXT  O N N 224 
MET H    H N N 225 
MET H2   H N N 226 
MET HA   H N N 227 
MET HB2  H N N 228 
MET HB3  H N N 229 
MET HG2  H N N 230 
MET HG3  H N N 231 
MET HE1  H N N 232 
MET HE2  H N N 233 
MET HE3  H N N 234 
MET HXT  H N N 235 
PHE N    N N N 236 
PHE CA   C N S 237 
PHE C    C N N 238 
PHE O    O N N 239 
PHE CB   C N N 240 
PHE CG   C Y N 241 
PHE CD1  C Y N 242 
PHE CD2  C Y N 243 
PHE CE1  C Y N 244 
PHE CE2  C Y N 245 
PHE CZ   C Y N 246 
PHE OXT  O N N 247 
PHE H    H N N 248 
PHE H2   H N N 249 
PHE HA   H N N 250 
PHE HB2  H N N 251 
PHE HB3  H N N 252 
PHE HD1  H N N 253 
PHE HD2  H N N 254 
PHE HE1  H N N 255 
PHE HE2  H N N 256 
PHE HZ   H N N 257 
PHE HXT  H N N 258 
PRO N    N N N 259 
PRO CA   C N S 260 
PRO C    C N N 261 
PRO O    O N N 262 
PRO CB   C N N 263 
PRO CG   C N N 264 
PRO CD   C N N 265 
PRO OXT  O N N 266 
PRO H    H N N 267 
PRO HA   H N N 268 
PRO HB2  H N N 269 
PRO HB3  H N N 270 
PRO HG2  H N N 271 
PRO HG3  H N N 272 
PRO HD2  H N N 273 
PRO HD3  H N N 274 
PRO HXT  H N N 275 
SER N    N N N 276 
SER CA   C N S 277 
SER C    C N N 278 
SER O    O N N 279 
SER CB   C N N 280 
SER OG   O N N 281 
SER OXT  O N N 282 
SER H    H N N 283 
SER H2   H N N 284 
SER HA   H N N 285 
SER HB2  H N N 286 
SER HB3  H N N 287 
SER HG   H N N 288 
SER HXT  H N N 289 
THR N    N N N 290 
THR CA   C N S 291 
THR C    C N N 292 
THR O    O N N 293 
THR CB   C N R 294 
THR OG1  O N N 295 
THR CG2  C N N 296 
THR OXT  O N N 297 
THR H    H N N 298 
THR H2   H N N 299 
THR HA   H N N 300 
THR HB   H N N 301 
THR HG1  H N N 302 
THR HG21 H N N 303 
THR HG22 H N N 304 
THR HG23 H N N 305 
THR HXT  H N N 306 
TYR N    N N N 307 
TYR CA   C N S 308 
TYR C    C N N 309 
TYR O    O N N 310 
TYR CB   C N N 311 
TYR CG   C Y N 312 
TYR CD1  C Y N 313 
TYR CD2  C Y N 314 
TYR CE1  C Y N 315 
TYR CE2  C Y N 316 
TYR CZ   C Y N 317 
TYR OH   O N N 318 
TYR OXT  O N N 319 
TYR H    H N N 320 
TYR H2   H N N 321 
TYR HA   H N N 322 
TYR HB2  H N N 323 
TYR HB3  H N N 324 
TYR HD1  H N N 325 
TYR HD2  H N N 326 
TYR HE1  H N N 327 
TYR HE2  H N N 328 
TYR HH   H N N 329 
TYR HXT  H N N 330 
VAL N    N N N 331 
VAL CA   C N S 332 
VAL C    C N N 333 
VAL O    O N N 334 
VAL CB   C N N 335 
VAL CG1  C N N 336 
VAL CG2  C N N 337 
VAL OXT  O N N 338 
VAL H    H N N 339 
VAL H2   H N N 340 
VAL HA   H N N 341 
VAL HB   H N N 342 
VAL HG11 H N N 343 
VAL HG12 H N N 344 
VAL HG13 H N N 345 
VAL HG21 H N N 346 
VAL HG22 H N N 347 
VAL HG23 H N N 348 
VAL HXT  H N N 349 
# 
loop_
_chem_comp_bond.comp_id 
_chem_comp_bond.atom_id_1 
_chem_comp_bond.atom_id_2 
_chem_comp_bond.value_order 
_chem_comp_bond.pdbx_aromatic_flag 
_chem_comp_bond.pdbx_stereo_config 
_chem_comp_bond.pdbx_ordinal 
ALA N   CA   sing N N 1   
ALA N   H    sing N N 2   
ALA N   H2   sing N N 3   
ALA CA  C    sing N N 4   
ALA CA  CB   sing N N 5   
ALA CA  HA   sing N N 6   
ALA C   O    doub N N 7   
ALA C   OXT  sing N N 8   
ALA CB  HB1  sing N N 9   
ALA CB  HB2  sing N N 10  
ALA CB  HB3  sing N N 11  
ALA OXT HXT  sing N N 12  
ARG N   CA   sing N N 13  
ARG N   H    sing N N 14  
ARG N   H2   sing N N 15  
ARG CA  C    sing N N 16  
ARG CA  CB   sing N N 17  
ARG CA  HA   sing N N 18  
ARG C   O    doub N N 19  
ARG C   OXT  sing N N 20  
ARG CB  CG   sing N N 21  
ARG CB  HB2  sing N N 22  
ARG CB  HB3  sing N N 23  
ARG CG  CD   sing N N 24  
ARG CG  HG2  sing N N 25  
ARG CG  HG3  sing N N 26  
ARG CD  NE   sing N N 27  
ARG CD  HD2  sing N N 28  
ARG CD  HD3  sing N N 29  
ARG NE  CZ   sing N N 30  
ARG NE  HE   sing N N 31  
ARG CZ  NH1  sing N N 32  
ARG CZ  NH2  doub N N 33  
ARG NH1 HH11 sing N N 34  
ARG NH1 HH12 sing N N 35  
ARG NH2 HH21 sing N N 36  
ARG NH2 HH22 sing N N 37  
ARG OXT HXT  sing N N 38  
ASN N   CA   sing N N 39  
ASN N   H    sing N N 40  
ASN N   H2   sing N N 41  
ASN CA  C    sing N N 42  
ASN CA  CB   sing N N 43  
ASN CA  HA   sing N N 44  
ASN C   O    doub N N 45  
ASN C   OXT  sing N N 46  
ASN CB  CG   sing N N 47  
ASN CB  HB2  sing N N 48  
ASN CB  HB3  sing N N 49  
ASN CG  OD1  doub N N 50  
ASN CG  ND2  sing N N 51  
ASN ND2 HD21 sing N N 52  
ASN ND2 HD22 sing N N 53  
ASN OXT HXT  sing N N 54  
ASP N   CA   sing N N 55  
ASP N   H    sing N N 56  
ASP N   H2   sing N N 57  
ASP CA  C    sing N N 58  
ASP CA  CB   sing N N 59  
ASP CA  HA   sing N N 60  
ASP C   O    doub N N 61  
ASP C   OXT  sing N N 62  
ASP CB  CG   sing N N 63  
ASP CB  HB2  sing N N 64  
ASP CB  HB3  sing N N 65  
ASP CG  OD1  doub N N 66  
ASP CG  OD2  sing N N 67  
ASP OD2 HD2  sing N N 68  
ASP OXT HXT  sing N N 69  
GLN N   CA   sing N N 70  
GLN N   H    sing N N 71  
GLN N   H2   sing N N 72  
GLN CA  C    sing N N 73  
GLN CA  CB   sing N N 74  
GLN CA  HA   sing N N 75  
GLN C   O    doub N N 76  
GLN C   OXT  sing N N 77  
GLN CB  CG   sing N N 78  
GLN CB  HB2  sing N N 79  
GLN CB  HB3  sing N N 80  
GLN CG  CD   sing N N 81  
GLN CG  HG2  sing N N 82  
GLN CG  HG3  sing N N 83  
GLN CD  OE1  doub N N 84  
GLN CD  NE2  sing N N 85  
GLN NE2 HE21 sing N N 86  
GLN NE2 HE22 sing N N 87  
GLN OXT HXT  sing N N 88  
GLU N   CA   sing N N 89  
GLU N   H    sing N N 90  
GLU N   H2   sing N N 91  
GLU CA  C    sing N N 92  
GLU CA  CB   sing N N 93  
GLU CA  HA   sing N N 94  
GLU C   O    doub N N 95  
GLU C   OXT  sing N N 96  
GLU CB  CG   sing N N 97  
GLU CB  HB2  sing N N 98  
GLU CB  HB3  sing N N 99  
GLU CG  CD   sing N N 100 
GLU CG  HG2  sing N N 101 
GLU CG  HG3  sing N N 102 
GLU CD  OE1  doub N N 103 
GLU CD  OE2  sing N N 104 
GLU OE2 HE2  sing N N 105 
GLU OXT HXT  sing N N 106 
GLY N   CA   sing N N 107 
GLY N   H    sing N N 108 
GLY N   H2   sing N N 109 
GLY CA  C    sing N N 110 
GLY CA  HA2  sing N N 111 
GLY CA  HA3  sing N N 112 
GLY C   O    doub N N 113 
GLY C   OXT  sing N N 114 
GLY OXT HXT  sing N N 115 
HIS N   CA   sing N N 116 
HIS N   H    sing N N 117 
HIS N   H2   sing N N 118 
HIS CA  C    sing N N 119 
HIS CA  CB   sing N N 120 
HIS CA  HA   sing N N 121 
HIS C   O    doub N N 122 
HIS C   OXT  sing N N 123 
HIS CB  CG   sing N N 124 
HIS CB  HB2  sing N N 125 
HIS CB  HB3  sing N N 126 
HIS CG  ND1  sing Y N 127 
HIS CG  CD2  doub Y N 128 
HIS ND1 CE1  doub Y N 129 
HIS ND1 HD1  sing N N 130 
HIS CD2 NE2  sing Y N 131 
HIS CD2 HD2  sing N N 132 
HIS CE1 NE2  sing Y N 133 
HIS CE1 HE1  sing N N 134 
HIS NE2 HE2  sing N N 135 
HIS OXT HXT  sing N N 136 
HOH O   H1   sing N N 137 
HOH O   H2   sing N N 138 
ILE N   CA   sing N N 139 
ILE N   H    sing N N 140 
ILE N   H2   sing N N 141 
ILE CA  C    sing N N 142 
ILE CA  CB   sing N N 143 
ILE CA  HA   sing N N 144 
ILE C   O    doub N N 145 
ILE C   OXT  sing N N 146 
ILE CB  CG1  sing N N 147 
ILE CB  CG2  sing N N 148 
ILE CB  HB   sing N N 149 
ILE CG1 CD1  sing N N 150 
ILE CG1 HG12 sing N N 151 
ILE CG1 HG13 sing N N 152 
ILE CG2 HG21 sing N N 153 
ILE CG2 HG22 sing N N 154 
ILE CG2 HG23 sing N N 155 
ILE CD1 HD11 sing N N 156 
ILE CD1 HD12 sing N N 157 
ILE CD1 HD13 sing N N 158 
ILE OXT HXT  sing N N 159 
LEU N   CA   sing N N 160 
LEU N   H    sing N N 161 
LEU N   H2   sing N N 162 
LEU CA  C    sing N N 163 
LEU CA  CB   sing N N 164 
LEU CA  HA   sing N N 165 
LEU C   O    doub N N 166 
LEU C   OXT  sing N N 167 
LEU CB  CG   sing N N 168 
LEU CB  HB2  sing N N 169 
LEU CB  HB3  sing N N 170 
LEU CG  CD1  sing N N 171 
LEU CG  CD2  sing N N 172 
LEU CG  HG   sing N N 173 
LEU CD1 HD11 sing N N 174 
LEU CD1 HD12 sing N N 175 
LEU CD1 HD13 sing N N 176 
LEU CD2 HD21 sing N N 177 
LEU CD2 HD22 sing N N 178 
LEU CD2 HD23 sing N N 179 
LEU OXT HXT  sing N N 180 
LYS N   CA   sing N N 181 
LYS N   H    sing N N 182 
LYS N   H2   sing N N 183 
LYS CA  C    sing N N 184 
LYS CA  CB   sing N N 185 
LYS CA  HA   sing N N 186 
LYS C   O    doub N N 187 
LYS C   OXT  sing N N 188 
LYS CB  CG   sing N N 189 
LYS CB  HB2  sing N N 190 
LYS CB  HB3  sing N N 191 
LYS CG  CD   sing N N 192 
LYS CG  HG2  sing N N 193 
LYS CG  HG3  sing N N 194 
LYS CD  CE   sing N N 195 
LYS CD  HD2  sing N N 196 
LYS CD  HD3  sing N N 197 
LYS CE  NZ   sing N N 198 
LYS CE  HE2  sing N N 199 
LYS CE  HE3  sing N N 200 
LYS NZ  HZ1  sing N N 201 
LYS NZ  HZ2  sing N N 202 
LYS NZ  HZ3  sing N N 203 
LYS OXT HXT  sing N N 204 
MET N   CA   sing N N 205 
MET N   H    sing N N 206 
MET N   H2   sing N N 207 
MET CA  C    sing N N 208 
MET CA  CB   sing N N 209 
MET CA  HA   sing N N 210 
MET C   O    doub N N 211 
MET C   OXT  sing N N 212 
MET CB  CG   sing N N 213 
MET CB  HB2  sing N N 214 
MET CB  HB3  sing N N 215 
MET CG  SD   sing N N 216 
MET CG  HG2  sing N N 217 
MET CG  HG3  sing N N 218 
MET SD  CE   sing N N 219 
MET CE  HE1  sing N N 220 
MET CE  HE2  sing N N 221 
MET CE  HE3  sing N N 222 
MET OXT HXT  sing N N 223 
PHE N   CA   sing N N 224 
PHE N   H    sing N N 225 
PHE N   H2   sing N N 226 
PHE CA  C    sing N N 227 
PHE CA  CB   sing N N 228 
PHE CA  HA   sing N N 229 
PHE C   O    doub N N 230 
PHE C   OXT  sing N N 231 
PHE CB  CG   sing N N 232 
PHE CB  HB2  sing N N 233 
PHE CB  HB3  sing N N 234 
PHE CG  CD1  doub Y N 235 
PHE CG  CD2  sing Y N 236 
PHE CD1 CE1  sing Y N 237 
PHE CD1 HD1  sing N N 238 
PHE CD2 CE2  doub Y N 239 
PHE CD2 HD2  sing N N 240 
PHE CE1 CZ   doub Y N 241 
PHE CE1 HE1  sing N N 242 
PHE CE2 CZ   sing Y N 243 
PHE CE2 HE2  sing N N 244 
PHE CZ  HZ   sing N N 245 
PHE OXT HXT  sing N N 246 
PRO N   CA   sing N N 247 
PRO N   CD   sing N N 248 
PRO N   H    sing N N 249 
PRO CA  C    sing N N 250 
PRO CA  CB   sing N N 251 
PRO CA  HA   sing N N 252 
PRO C   O    doub N N 253 
PRO C   OXT  sing N N 254 
PRO CB  CG   sing N N 255 
PRO CB  HB2  sing N N 256 
PRO CB  HB3  sing N N 257 
PRO CG  CD   sing N N 258 
PRO CG  HG2  sing N N 259 
PRO CG  HG3  sing N N 260 
PRO CD  HD2  sing N N 261 
PRO CD  HD3  sing N N 262 
PRO OXT HXT  sing N N 263 
SER N   CA   sing N N 264 
SER N   H    sing N N 265 
SER N   H2   sing N N 266 
SER CA  C    sing N N 267 
SER CA  CB   sing N N 268 
SER CA  HA   sing N N 269 
SER C   O    doub N N 270 
SER C   OXT  sing N N 271 
SER CB  OG   sing N N 272 
SER CB  HB2  sing N N 273 
SER CB  HB3  sing N N 274 
SER OG  HG   sing N N 275 
SER OXT HXT  sing N N 276 
THR N   CA   sing N N 277 
THR N   H    sing N N 278 
THR N   H2   sing N N 279 
THR CA  C    sing N N 280 
THR CA  CB   sing N N 281 
THR CA  HA   sing N N 282 
THR C   O    doub N N 283 
THR C   OXT  sing N N 284 
THR CB  OG1  sing N N 285 
THR CB  CG2  sing N N 286 
THR CB  HB   sing N N 287 
THR OG1 HG1  sing N N 288 
THR CG2 HG21 sing N N 289 
THR CG2 HG22 sing N N 290 
THR CG2 HG23 sing N N 291 
THR OXT HXT  sing N N 292 
TYR N   CA   sing N N 293 
TYR N   H    sing N N 294 
TYR N   H2   sing N N 295 
TYR CA  C    sing N N 296 
TYR CA  CB   sing N N 297 
TYR CA  HA   sing N N 298 
TYR C   O    doub N N 299 
TYR C   OXT  sing N N 300 
TYR CB  CG   sing N N 301 
TYR CB  HB2  sing N N 302 
TYR CB  HB3  sing N N 303 
TYR CG  CD1  doub Y N 304 
TYR CG  CD2  sing Y N 305 
TYR CD1 CE1  sing Y N 306 
TYR CD1 HD1  sing N N 307 
TYR CD2 CE2  doub Y N 308 
TYR CD2 HD2  sing N N 309 
TYR CE1 CZ   doub Y N 310 
TYR CE1 HE1  sing N N 311 
TYR CE2 CZ   sing Y N 312 
TYR CE2 HE2  sing N N 313 
TYR CZ  OH   sing N N 314 
TYR OH  HH   sing N N 315 
TYR OXT HXT  sing N N 316 
VAL N   CA   sing N N 317 
VAL N   H    sing N N 318 
VAL N   H2   sing N N 319 
VAL CA  C    sing N N 320 
VAL CA  CB   sing N N 321 
VAL CA  HA   sing N N 322 
VAL C   O    doub N N 323 
VAL C   OXT  sing N N 324 
VAL CB  CG1  sing N N 325 
VAL CB  CG2  sing N N 326 
VAL CB  HB   sing N N 327 
VAL CG1 HG11 sing N N 328 
VAL CG1 HG12 sing N N 329 
VAL CG1 HG13 sing N N 330 
VAL CG2 HG21 sing N N 331 
VAL CG2 HG22 sing N N 332 
VAL CG2 HG23 sing N N 333 
VAL OXT HXT  sing N N 334 
# 
_pdbx_entity_nonpoly.entity_id   2 
_pdbx_entity_nonpoly.name        water 
_pdbx_entity_nonpoly.comp_id     HOH 
# 
_pdbx_initial_refinement_model.id               1 
_pdbx_initial_refinement_model.entity_id_list   ? 
_pdbx_initial_refinement_model.type             'experimental model' 
_pdbx_initial_refinement_model.source_name      PDB 
_pdbx_initial_refinement_model.accession_code   1UBQ 
_pdbx_initial_refinement_model.details          'PDB entry 1UBQ' 
# 
